data_7XIS
# 
_entry.id   7XIS 
# 
_audit_conform.dict_name       mmcif_pdbx.dic 
_audit_conform.dict_version    5.380 
_audit_conform.dict_location   http://mmcif.pdb.org/dictionaries/ascii/mmcif_pdbx.dic 
# 
loop_
_database_2.database_id 
_database_2.database_code 
_database_2.pdbx_database_accession 
_database_2.pdbx_DOI 
PDB   7XIS         pdb_00007xis 10.2210/pdb7xis/pdb 
WWPDB D_1300028909 ?            ?                   
# 
_pdbx_database_status.status_code                     REL 
_pdbx_database_status.status_code_sf                  REL 
_pdbx_database_status.status_code_mr                  ? 
_pdbx_database_status.entry_id                        7XIS 
_pdbx_database_status.recvd_initial_deposition_date   2022-04-14 
_pdbx_database_status.SG_entry                        N 
_pdbx_database_status.deposit_site                    PDBJ 
_pdbx_database_status.process_site                    PDBJ 
_pdbx_database_status.status_code_cs                  ? 
_pdbx_database_status.status_code_nmr_data            ? 
_pdbx_database_status.methods_development_category    ? 
_pdbx_database_status.pdb_format_compatible           Y 
# 
loop_
_audit_author.name 
_audit_author.pdbx_ordinal 
_audit_author.identifier_ORCID 
'Lu, H.'      1 ? 
'Komukai, Y.' 2 ? 
'Usami, K.'   3 ? 
'Guo, Y.'     4 ? 
'Qiao, X.'    5 ? 
'Nukaga, M.'  6 ? 
'Hoshino, T.' 7 ? 
# 
_citation.abstract                  ? 
_citation.abstract_id_CAS           ? 
_citation.book_id_ISBN              ? 
_citation.book_publisher            ? 
_citation.book_publisher_city       ? 
_citation.book_title                ? 
_citation.coordinate_linkage        ? 
_citation.country                   US 
_citation.database_id_Medline       ? 
_citation.details                   ? 
_citation.id                        primary 
_citation.journal_abbrev            J.Chem.Inf.Model. 
_citation.journal_id_ASTM           ? 
_citation.journal_id_CSD            ? 
_citation.journal_id_ISSN           1549-960X 
_citation.journal_full              ? 
_citation.journal_issue             ? 
_citation.journal_volume            62 
_citation.language                  ? 
_citation.page_first                6762 
_citation.page_last                 6774 
_citation.title                     
'Computational and Crystallographic Analysis of Binding Structures of Inhibitory Compounds for HIV-1 RNase H Activity.' 
_citation.year                      2022 
_citation.database_id_CSD           ? 
_citation.pdbx_database_id_DOI      10.1021/acs.jcim.2c00537 
_citation.pdbx_database_id_PubMed   36184946 
_citation.pdbx_database_id_patent   ? 
_citation.unpublished_flag          ? 
# 
loop_
_citation_author.citation_id 
_citation_author.name 
_citation_author.ordinal 
_citation_author.identifier_ORCID 
primary 'Lu, H.'      1 ? 
primary 'Komukai, Y.' 2 ? 
primary 'Usami, K.'   3 ? 
primary 'Guo, Y.'     4 ? 
primary 'Qiao, X.'    5 ? 
primary 'Nukaga, M.'  6 ? 
primary 'Hoshino, T.' 7 ? 
# 
_cell.angle_alpha                  90.000 
_cell.angle_alpha_esd              ? 
_cell.angle_beta                   90.000 
_cell.angle_beta_esd               ? 
_cell.angle_gamma                  90.000 
_cell.angle_gamma_esd              ? 
_cell.entry_id                     7XIS 
_cell.details                      ? 
_cell.formula_units_Z              ? 
_cell.length_a                     62.121 
_cell.length_a_esd                 ? 
_cell.length_b                     62.121 
_cell.length_b_esd                 ? 
_cell.length_c                     83.742 
_cell.length_c_esd                 ? 
_cell.volume                       ? 
_cell.volume_esd                   ? 
_cell.Z_PDB                        8 
_cell.reciprocal_angle_alpha       ? 
_cell.reciprocal_angle_beta        ? 
_cell.reciprocal_angle_gamma       ? 
_cell.reciprocal_angle_alpha_esd   ? 
_cell.reciprocal_angle_beta_esd    ? 
_cell.reciprocal_angle_gamma_esd   ? 
_cell.reciprocal_length_a          ? 
_cell.reciprocal_length_b          ? 
_cell.reciprocal_length_c          ? 
_cell.reciprocal_length_a_esd      ? 
_cell.reciprocal_length_b_esd      ? 
_cell.reciprocal_length_c_esd      ? 
_cell.pdbx_unique_axis             ? 
# 
_symmetry.entry_id                         7XIS 
_symmetry.cell_setting                     ? 
_symmetry.Int_Tables_number                92 
_symmetry.space_group_name_Hall            ? 
_symmetry.space_group_name_H-M             'P 41 21 2' 
_symmetry.pdbx_full_space_group_name_H-M   ? 
# 
loop_
_entity.id 
_entity.type 
_entity.src_method 
_entity.pdbx_description 
_entity.formula_weight 
_entity.pdbx_number_of_molecules 
_entity.pdbx_ec 
_entity.pdbx_mutation 
_entity.pdbx_fragment 
_entity.details 
1 polymer     man 'Reverse Transcriptase RNase H domain'                            16832.285 1  3.1.26.13 ? ? ? 
2 non-polymer syn 'MANGANESE (II) ION'                                              54.938    2  ?         ? ? ? 
3 non-polymer syn '(2-methoxy-4-methoxycarbonyl-phenyl) 5-nitrofuran-2-carboxylate' 321.239   1  ?         ? ? ? 
4 non-polymer syn 'ZINC ION'                                                        65.409    2  ?         ? ? ? 
5 water       nat water                                                             18.015    42 ?         ? ? ? 
# 
_entity_poly.entity_id                      1 
_entity_poly.type                           'polypeptide(L)' 
_entity_poly.nstd_linkage                   no 
_entity_poly.nstd_monomer                   no 
_entity_poly.pdbx_seq_one_letter_code       
;GPGGSMYQLEKEPIVGAETFYVDGAANRETKLGKAGYVTNRGRQKVVTLTDTTNQKTELQAIYLALQDSGLEVNIVTDSQ
YALGIITQWIHNWKKRGWKTPVKNVDLVNQIIEQLIKKEKVYLAWVPAHKGIGGNEQVDKLVSAGIRKVLF
;
_entity_poly.pdbx_seq_one_letter_code_can   
;GPGGSMYQLEKEPIVGAETFYVDGAANRETKLGKAGYVTNRGRQKVVTLTDTTNQKTELQAIYLALQDSGLEVNIVTDSQ
YALGIITQWIHNWKKRGWKTPVKNVDLVNQIIEQLIKKEKVYLAWVPAHKGIGGNEQVDKLVSAGIRKVLF
;
_entity_poly.pdbx_strand_id                 A 
_entity_poly.pdbx_target_identifier         ? 
# 
loop_
_entity_poly_seq.entity_id 
_entity_poly_seq.num 
_entity_poly_seq.mon_id 
_entity_poly_seq.hetero 
1 1   GLY n 
1 2   PRO n 
1 3   GLY n 
1 4   GLY n 
1 5   SER n 
1 6   MET n 
1 7   TYR n 
1 8   GLN n 
1 9   LEU n 
1 10  GLU n 
1 11  LYS n 
1 12  GLU n 
1 13  PRO n 
1 14  ILE n 
1 15  VAL n 
1 16  GLY n 
1 17  ALA n 
1 18  GLU n 
1 19  THR n 
1 20  PHE n 
1 21  TYR n 
1 22  VAL n 
1 23  ASP n 
1 24  GLY n 
1 25  ALA n 
1 26  ALA n 
1 27  ASN n 
1 28  ARG n 
1 29  GLU n 
1 30  THR n 
1 31  LYS n 
1 32  LEU n 
1 33  GLY n 
1 34  LYS n 
1 35  ALA n 
1 36  GLY n 
1 37  TYR n 
1 38  VAL n 
1 39  THR n 
1 40  ASN n 
1 41  ARG n 
1 42  GLY n 
1 43  ARG n 
1 44  GLN n 
1 45  LYS n 
1 46  VAL n 
1 47  VAL n 
1 48  THR n 
1 49  LEU n 
1 50  THR n 
1 51  ASP n 
1 52  THR n 
1 53  THR n 
1 54  ASN n 
1 55  GLN n 
1 56  LYS n 
1 57  THR n 
1 58  GLU n 
1 59  LEU n 
1 60  GLN n 
1 61  ALA n 
1 62  ILE n 
1 63  TYR n 
1 64  LEU n 
1 65  ALA n 
1 66  LEU n 
1 67  GLN n 
1 68  ASP n 
1 69  SER n 
1 70  GLY n 
1 71  LEU n 
1 72  GLU n 
1 73  VAL n 
1 74  ASN n 
1 75  ILE n 
1 76  VAL n 
1 77  THR n 
1 78  ASP n 
1 79  SER n 
1 80  GLN n 
1 81  TYR n 
1 82  ALA n 
1 83  LEU n 
1 84  GLY n 
1 85  ILE n 
1 86  ILE n 
1 87  THR n 
1 88  GLN n 
1 89  TRP n 
1 90  ILE n 
1 91  HIS n 
1 92  ASN n 
1 93  TRP n 
1 94  LYS n 
1 95  LYS n 
1 96  ARG n 
1 97  GLY n 
1 98  TRP n 
1 99  LYS n 
1 100 THR n 
1 101 PRO n 
1 102 VAL n 
1 103 LYS n 
1 104 ASN n 
1 105 VAL n 
1 106 ASP n 
1 107 LEU n 
1 108 VAL n 
1 109 ASN n 
1 110 GLN n 
1 111 ILE n 
1 112 ILE n 
1 113 GLU n 
1 114 GLN n 
1 115 LEU n 
1 116 ILE n 
1 117 LYS n 
1 118 LYS n 
1 119 GLU n 
1 120 LYS n 
1 121 VAL n 
1 122 TYR n 
1 123 LEU n 
1 124 ALA n 
1 125 TRP n 
1 126 VAL n 
1 127 PRO n 
1 128 ALA n 
1 129 HIS n 
1 130 LYS n 
1 131 GLY n 
1 132 ILE n 
1 133 GLY n 
1 134 GLY n 
1 135 ASN n 
1 136 GLU n 
1 137 GLN n 
1 138 VAL n 
1 139 ASP n 
1 140 LYS n 
1 141 LEU n 
1 142 VAL n 
1 143 SER n 
1 144 ALA n 
1 145 GLY n 
1 146 ILE n 
1 147 ARG n 
1 148 LYS n 
1 149 VAL n 
1 150 LEU n 
1 151 PHE n 
# 
loop_
_entity_src_gen.entity_id 
_entity_src_gen.pdbx_src_id 
_entity_src_gen.pdbx_alt_source_flag 
_entity_src_gen.pdbx_seq_type 
_entity_src_gen.pdbx_beg_seq_num 
_entity_src_gen.pdbx_end_seq_num 
_entity_src_gen.gene_src_common_name 
_entity_src_gen.gene_src_genus 
_entity_src_gen.pdbx_gene_src_gene 
_entity_src_gen.gene_src_species 
_entity_src_gen.gene_src_strain 
_entity_src_gen.gene_src_tissue 
_entity_src_gen.gene_src_tissue_fraction 
_entity_src_gen.gene_src_details 
_entity_src_gen.pdbx_gene_src_fragment 
_entity_src_gen.pdbx_gene_src_scientific_name 
_entity_src_gen.pdbx_gene_src_ncbi_taxonomy_id 
_entity_src_gen.pdbx_gene_src_variant 
_entity_src_gen.pdbx_gene_src_cell_line 
_entity_src_gen.pdbx_gene_src_atcc 
_entity_src_gen.pdbx_gene_src_organ 
_entity_src_gen.pdbx_gene_src_organelle 
_entity_src_gen.pdbx_gene_src_cell 
_entity_src_gen.pdbx_gene_src_cellular_location 
_entity_src_gen.host_org_common_name 
_entity_src_gen.pdbx_host_org_scientific_name 
_entity_src_gen.pdbx_host_org_ncbi_taxonomy_id 
_entity_src_gen.host_org_genus 
_entity_src_gen.pdbx_host_org_gene 
_entity_src_gen.pdbx_host_org_organ 
_entity_src_gen.host_org_species 
_entity_src_gen.pdbx_host_org_tissue 
_entity_src_gen.pdbx_host_org_tissue_fraction 
_entity_src_gen.pdbx_host_org_strain 
_entity_src_gen.pdbx_host_org_variant 
_entity_src_gen.pdbx_host_org_cell_line 
_entity_src_gen.pdbx_host_org_atcc 
_entity_src_gen.pdbx_host_org_culture_collection 
_entity_src_gen.pdbx_host_org_cell 
_entity_src_gen.pdbx_host_org_organelle 
_entity_src_gen.pdbx_host_org_cellular_location 
_entity_src_gen.pdbx_host_org_vector_type 
_entity_src_gen.pdbx_host_org_vector 
_entity_src_gen.host_org_details 
_entity_src_gen.expression_system_id 
_entity_src_gen.plasmid_name 
_entity_src_gen.plasmid_details 
_entity_src_gen.pdbx_description 
1 1 sample 'Biological sequence' 1  86  ? ? ? ? ? ? ? ? ? 'Human immunodeficiency virus 1' 11676 ? ? ? ? ? ? ? ? 
'Escherichia coli' 562 ? ? ? ? ? ? 'Rosetta(DE3)pLys' ? ? ? ? ? ? ? plasmid ? ? ? 'pET50(b)' ? ? 
1 2 sample 'Biological sequence' 87 151 ? ? ? ? ? ? ? ? ? 'Human immunodeficiency virus 1' 11676 ? ? ? ? ? ? ? ? 
'Escherichia coli' 562 ? ? ? ? ? ? 'Rosetta(DE3)pLys' ? ? ? ? ? ? ? plasmid ? ? ? 'pET50(b)' ? ? 
# 
loop_
_struct_ref.id 
_struct_ref.db_name 
_struct_ref.db_code 
_struct_ref.pdbx_db_accession 
_struct_ref.pdbx_db_isoform 
_struct_ref.entity_id 
_struct_ref.pdbx_seq_one_letter_code 
_struct_ref.pdbx_align_begin 
1 UNP A0A059PIR4_9HIV1 A0A059PIR4 ? 1 
;YQLEKEPIVGAETFYVDGAANRETKLGKAGYVTNRGRQKVVTLTDTTNQKTELQAIYLALQDSGLEVNIVTDSQYALGII

;
167 
2 UNP A0A7L9QW77_9HIV1 A0A7L9QW77 ? 1 DLVNQIIEQLIKKEKVYLAWVPAHKGIGGNEQVDKLVSAGIRKVLF                                      671 
# 
loop_
_struct_ref_seq.align_id 
_struct_ref_seq.ref_id 
_struct_ref_seq.pdbx_PDB_id_code 
_struct_ref_seq.pdbx_strand_id 
_struct_ref_seq.seq_align_beg 
_struct_ref_seq.pdbx_seq_align_beg_ins_code 
_struct_ref_seq.seq_align_end 
_struct_ref_seq.pdbx_seq_align_end_ins_code 
_struct_ref_seq.pdbx_db_accession 
_struct_ref_seq.db_align_beg 
_struct_ref_seq.pdbx_db_align_beg_ins_code 
_struct_ref_seq.db_align_end 
_struct_ref_seq.pdbx_db_align_end_ins_code 
_struct_ref_seq.pdbx_auth_seq_align_beg 
_struct_ref_seq.pdbx_auth_seq_align_end 
1 1 7XIS A 7   ? 86  ? A0A059PIR4 167 ? 246 ? 7   86  
2 2 7XIS A 106 ? 151 ? A0A7L9QW77 671 ? 716 ? 106 151 
# 
loop_
_struct_ref_seq_dif.align_id 
_struct_ref_seq_dif.pdbx_pdb_id_code 
_struct_ref_seq_dif.mon_id 
_struct_ref_seq_dif.pdbx_pdb_strand_id 
_struct_ref_seq_dif.seq_num 
_struct_ref_seq_dif.pdbx_pdb_ins_code 
_struct_ref_seq_dif.pdbx_seq_db_name 
_struct_ref_seq_dif.pdbx_seq_db_accession_code 
_struct_ref_seq_dif.db_mon_id 
_struct_ref_seq_dif.pdbx_seq_db_seq_num 
_struct_ref_seq_dif.details 
_struct_ref_seq_dif.pdbx_auth_seq_num 
_struct_ref_seq_dif.pdbx_ordinal 
1 7XIS GLY A 1   ? UNP A0A059PIR4 ? ? 'expression tag' 1   1  
1 7XIS PRO A 2   ? UNP A0A059PIR4 ? ? 'expression tag' 2   2  
1 7XIS GLY A 3   ? UNP A0A059PIR4 ? ? 'expression tag' 3   3  
1 7XIS GLY A 4   ? UNP A0A059PIR4 ? ? 'expression tag' 4   4  
1 7XIS SER A 5   ? UNP A0A059PIR4 ? ? 'expression tag' 5   5  
1 7XIS MET A 6   ? UNP A0A059PIR4 ? ? 'expression tag' 6   6  
1 7XIS THR A 87  ? UNP A0A059PIR4 ? ? linker           87  7  
1 7XIS GLN A 88  ? UNP A0A059PIR4 ? ? linker           88  8  
1 7XIS TRP A 89  ? UNP A0A059PIR4 ? ? linker           89  9  
1 7XIS ILE A 90  ? UNP A0A059PIR4 ? ? linker           90  10 
1 7XIS HIS A 91  ? UNP A0A059PIR4 ? ? linker           91  11 
1 7XIS ASN A 92  ? UNP A0A059PIR4 ? ? linker           92  12 
1 7XIS TRP A 93  ? UNP A0A059PIR4 ? ? linker           93  13 
1 7XIS LYS A 94  ? UNP A0A059PIR4 ? ? linker           94  14 
1 7XIS LYS A 95  ? UNP A0A059PIR4 ? ? linker           95  15 
1 7XIS ARG A 96  ? UNP A0A059PIR4 ? ? linker           96  16 
1 7XIS GLY A 97  ? UNP A0A059PIR4 ? ? linker           97  17 
1 7XIS TRP A 98  ? UNP A0A059PIR4 ? ? linker           98  18 
1 7XIS LYS A 99  ? UNP A0A059PIR4 ? ? linker           99  19 
1 7XIS THR A 100 ? UNP A0A059PIR4 ? ? linker           100 20 
1 7XIS PRO A 101 ? UNP A0A059PIR4 ? ? linker           101 21 
1 7XIS VAL A 102 ? UNP A0A059PIR4 ? ? linker           102 22 
1 7XIS LYS A 103 ? UNP A0A059PIR4 ? ? linker           103 23 
1 7XIS ASN A 104 ? UNP A0A059PIR4 ? ? linker           104 24 
1 7XIS VAL A 105 ? UNP A0A059PIR4 ? ? linker           105 25 
# 
loop_
_chem_comp.id 
_chem_comp.type 
_chem_comp.mon_nstd_flag 
_chem_comp.name 
_chem_comp.pdbx_synonyms 
_chem_comp.formula 
_chem_comp.formula_weight 
ALA 'L-peptide linking' y ALANINE                                                           ? 'C3 H7 N O2'     89.093  
ARG 'L-peptide linking' y ARGININE                                                          ? 'C6 H15 N4 O2 1' 175.209 
ASN 'L-peptide linking' y ASPARAGINE                                                        ? 'C4 H8 N2 O3'    132.118 
ASP 'L-peptide linking' y 'ASPARTIC ACID'                                                   ? 'C4 H7 N O4'     133.103 
E58 non-polymer         . '(2-methoxy-4-methoxycarbonyl-phenyl) 5-nitrofuran-2-carboxylate' ? 'C14 H11 N O8'   321.239 
GLN 'L-peptide linking' y GLUTAMINE                                                         ? 'C5 H10 N2 O3'   146.144 
GLU 'L-peptide linking' y 'GLUTAMIC ACID'                                                   ? 'C5 H9 N O4'     147.129 
GLY 'peptide linking'   y GLYCINE                                                           ? 'C2 H5 N O2'     75.067  
HIS 'L-peptide linking' y HISTIDINE                                                         ? 'C6 H10 N3 O2 1' 156.162 
HOH non-polymer         . WATER                                                             ? 'H2 O'           18.015  
ILE 'L-peptide linking' y ISOLEUCINE                                                        ? 'C6 H13 N O2'    131.173 
LEU 'L-peptide linking' y LEUCINE                                                           ? 'C6 H13 N O2'    131.173 
LYS 'L-peptide linking' y LYSINE                                                            ? 'C6 H15 N2 O2 1' 147.195 
MET 'L-peptide linking' y METHIONINE                                                        ? 'C5 H11 N O2 S'  149.211 
MN  non-polymer         . 'MANGANESE (II) ION'                                              ? 'Mn 2'           54.938  
PHE 'L-peptide linking' y PHENYLALANINE                                                     ? 'C9 H11 N O2'    165.189 
PRO 'L-peptide linking' y PROLINE                                                           ? 'C5 H9 N O2'     115.130 
SER 'L-peptide linking' y SERINE                                                            ? 'C3 H7 N O3'     105.093 
THR 'L-peptide linking' y THREONINE                                                         ? 'C4 H9 N O3'     119.119 
TRP 'L-peptide linking' y TRYPTOPHAN                                                        ? 'C11 H12 N2 O2'  204.225 
TYR 'L-peptide linking' y TYROSINE                                                          ? 'C9 H11 N O3'    181.189 
VAL 'L-peptide linking' y VALINE                                                            ? 'C5 H11 N O2'    117.146 
ZN  non-polymer         . 'ZINC ION'                                                        ? 'Zn 2'           65.409  
# 
_exptl.absorpt_coefficient_mu     ? 
_exptl.absorpt_correction_T_max   ? 
_exptl.absorpt_correction_T_min   ? 
_exptl.absorpt_correction_type    ? 
_exptl.absorpt_process_details    ? 
_exptl.entry_id                   7XIS 
_exptl.crystals_number            1 
_exptl.details                    ? 
_exptl.method                     'X-RAY DIFFRACTION' 
_exptl.method_details             ? 
# 
_exptl_crystal.colour                      ? 
_exptl_crystal.density_diffrn              ? 
_exptl_crystal.density_Matthews            2.40 
_exptl_crystal.density_method              ? 
_exptl_crystal.density_percent_sol         48.75 
_exptl_crystal.description                 ? 
_exptl_crystal.F_000                       ? 
_exptl_crystal.id                          1 
_exptl_crystal.preparation                 ? 
_exptl_crystal.size_max                    ? 
_exptl_crystal.size_mid                    ? 
_exptl_crystal.size_min                    ? 
_exptl_crystal.size_rad                    ? 
_exptl_crystal.colour_lustre               ? 
_exptl_crystal.colour_modifier             ? 
_exptl_crystal.colour_primary              ? 
_exptl_crystal.density_meas                ? 
_exptl_crystal.density_meas_esd            ? 
_exptl_crystal.density_meas_gt             ? 
_exptl_crystal.density_meas_lt             ? 
_exptl_crystal.density_meas_temp           ? 
_exptl_crystal.density_meas_temp_esd       ? 
_exptl_crystal.density_meas_temp_gt        ? 
_exptl_crystal.density_meas_temp_lt        ? 
_exptl_crystal.pdbx_crystal_image_url      ? 
_exptl_crystal.pdbx_crystal_image_format   ? 
_exptl_crystal.pdbx_mosaicity              0.260 
_exptl_crystal.pdbx_mosaicity_esd          ? 
# 
_exptl_crystal_grow.apparatus       ? 
_exptl_crystal_grow.atmosphere      ? 
_exptl_crystal_grow.crystal_id      1 
_exptl_crystal_grow.details         ? 
_exptl_crystal_grow.method          'VAPOR DIFFUSION, SITTING DROP' 
_exptl_crystal_grow.method_ref      ? 
_exptl_crystal_grow.pH              6.6 
_exptl_crystal_grow.pressure        ? 
_exptl_crystal_grow.pressure_esd    ? 
_exptl_crystal_grow.seeding         ? 
_exptl_crystal_grow.seeding_ref     ? 
_exptl_crystal_grow.temp            291 
_exptl_crystal_grow.temp_details    ? 
_exptl_crystal_grow.temp_esd        ? 
_exptl_crystal_grow.time            ? 
_exptl_crystal_grow.pdbx_details    '0.1M MES, 26%(v/v) PEG 6000, 0.01M Zinc Sulfate, 0.001M MANGANESE CHLORIDE' 
_exptl_crystal_grow.pdbx_pH_range   ? 
# 
_diffrn.ambient_environment              ? 
_diffrn.ambient_temp                     100 
_diffrn.ambient_temp_details             ? 
_diffrn.ambient_temp_esd                 ? 
_diffrn.crystal_id                       1 
_diffrn.crystal_support                  ? 
_diffrn.crystal_treatment                ? 
_diffrn.details                          ? 
_diffrn.id                               1 
_diffrn.ambient_pressure                 ? 
_diffrn.ambient_pressure_esd             ? 
_diffrn.ambient_pressure_gt              ? 
_diffrn.ambient_pressure_lt              ? 
_diffrn.ambient_temp_gt                  ? 
_diffrn.ambient_temp_lt                  ? 
_diffrn.pdbx_serial_crystal_experiment   N 
# 
_diffrn_detector.details                      mirrors 
_diffrn_detector.detector                     PIXEL 
_diffrn_detector.diffrn_id                    1 
_diffrn_detector.type                         'DECTRIS PILATUS3 6M' 
_diffrn_detector.area_resol_mean              ? 
_diffrn_detector.dtime                        ? 
_diffrn_detector.pdbx_frames_total            ? 
_diffrn_detector.pdbx_collection_time_total   ? 
_diffrn_detector.pdbx_collection_date         2016-11-16 
_diffrn_detector.pdbx_frequency               ? 
# 
_diffrn_radiation.collimation                      ? 
_diffrn_radiation.diffrn_id                        1 
_diffrn_radiation.filter_edge                      ? 
_diffrn_radiation.inhomogeneity                    ? 
_diffrn_radiation.monochromator                    'Si(111)' 
_diffrn_radiation.polarisn_norm                    ? 
_diffrn_radiation.polarisn_ratio                   ? 
_diffrn_radiation.probe                            ? 
_diffrn_radiation.type                             ? 
_diffrn_radiation.xray_symbol                      ? 
_diffrn_radiation.wavelength_id                    1 
_diffrn_radiation.pdbx_monochromatic_or_laue_m_l   M 
_diffrn_radiation.pdbx_wavelength_list             ? 
_diffrn_radiation.pdbx_wavelength                  ? 
_diffrn_radiation.pdbx_diffrn_protocol             'SINGLE WAVELENGTH' 
_diffrn_radiation.pdbx_analyzer                    ? 
_diffrn_radiation.pdbx_scattering_type             x-ray 
# 
_diffrn_radiation_wavelength.id           1 
_diffrn_radiation_wavelength.wavelength   1.000 
_diffrn_radiation_wavelength.wt           1.0 
# 
_diffrn_source.current                     ? 
_diffrn_source.details                     ? 
_diffrn_source.diffrn_id                   1 
_diffrn_source.power                       ? 
_diffrn_source.size                        ? 
_diffrn_source.source                      SYNCHROTRON 
_diffrn_source.target                      ? 
_diffrn_source.type                        'PHOTON FACTORY BEAMLINE BL-1A' 
_diffrn_source.voltage                     ? 
_diffrn_source.take-off_angle              ? 
_diffrn_source.pdbx_wavelength_list        1.000 
_diffrn_source.pdbx_wavelength             ? 
_diffrn_source.pdbx_synchrotron_beamline   BL-1A 
_diffrn_source.pdbx_synchrotron_site       'Photon Factory' 
# 
_reflns.B_iso_Wilson_estimate                          30.810 
_reflns.entry_id                                       7XIS 
_reflns.data_reduction_details                         ? 
_reflns.data_reduction_method                          ? 
_reflns.d_resolution_high                              1.880 
_reflns.d_resolution_low                               43.930 
_reflns.details                                        ? 
_reflns.limit_h_max                                    ? 
_reflns.limit_h_min                                    ? 
_reflns.limit_k_max                                    ? 
_reflns.limit_k_min                                    ? 
_reflns.limit_l_max                                    ? 
_reflns.limit_l_min                                    ? 
_reflns.number_all                                     ? 
_reflns.number_obs                                     25597 
_reflns.observed_criterion                             ? 
_reflns.observed_criterion_F_max                       ? 
_reflns.observed_criterion_F_min                       ? 
_reflns.observed_criterion_I_max                       ? 
_reflns.observed_criterion_I_min                       ? 
_reflns.observed_criterion_sigma_F                     ? 
_reflns.observed_criterion_sigma_I                     ? 
_reflns.percent_possible_obs                           99.900 
_reflns.R_free_details                                 ? 
_reflns.Rmerge_F_all                                   ? 
_reflns.Rmerge_F_obs                                   ? 
_reflns.Friedel_coverage                               ? 
_reflns.number_gt                                      ? 
_reflns.threshold_expression                           ? 
_reflns.pdbx_redundancy                                13.100 
_reflns.pdbx_Rmerge_I_obs                              0.122 
_reflns.pdbx_Rmerge_I_all                              ? 
_reflns.pdbx_Rsym_value                                ? 
_reflns.pdbx_netI_over_av_sigmaI                       ? 
_reflns.pdbx_netI_over_sigmaI                          12.100 
_reflns.pdbx_res_netI_over_av_sigmaI_2                 ? 
_reflns.pdbx_res_netI_over_sigmaI_2                    ? 
_reflns.pdbx_chi_squared                               ? 
_reflns.pdbx_scaling_rejects                           ? 
_reflns.pdbx_d_res_high_opt                            ? 
_reflns.pdbx_d_res_low_opt                             ? 
_reflns.pdbx_d_res_opt_method                          ? 
_reflns.phase_calculation_details                      ? 
_reflns.pdbx_Rrim_I_all                                0.127 
_reflns.pdbx_Rpim_I_all                                0.035 
_reflns.pdbx_d_opt                                     ? 
_reflns.pdbx_number_measured_all                       ? 
_reflns.pdbx_diffrn_id                                 1 
_reflns.pdbx_ordinal                                   1 
_reflns.pdbx_CC_half                                   0.998 
_reflns.pdbx_CC_star                                   ? 
_reflns.pdbx_R_split                                   ? 
_reflns.pdbx_aniso_diffraction_limit_axis_1_ortho[1]   ? 
_reflns.pdbx_aniso_diffraction_limit_axis_1_ortho[2]   ? 
_reflns.pdbx_aniso_diffraction_limit_axis_1_ortho[3]   ? 
_reflns.pdbx_aniso_diffraction_limit_axis_2_ortho[1]   ? 
_reflns.pdbx_aniso_diffraction_limit_axis_2_ortho[2]   ? 
_reflns.pdbx_aniso_diffraction_limit_axis_2_ortho[3]   ? 
_reflns.pdbx_aniso_diffraction_limit_axis_3_ortho[1]   ? 
_reflns.pdbx_aniso_diffraction_limit_axis_3_ortho[2]   ? 
_reflns.pdbx_aniso_diffraction_limit_axis_3_ortho[3]   ? 
_reflns.pdbx_aniso_diffraction_limit_1                 ? 
_reflns.pdbx_aniso_diffraction_limit_2                 ? 
_reflns.pdbx_aniso_diffraction_limit_3                 ? 
_reflns.pdbx_aniso_B_tensor_eigenvector_1_ortho[1]     ? 
_reflns.pdbx_aniso_B_tensor_eigenvector_1_ortho[2]     ? 
_reflns.pdbx_aniso_B_tensor_eigenvector_1_ortho[3]     ? 
_reflns.pdbx_aniso_B_tensor_eigenvector_2_ortho[1]     ? 
_reflns.pdbx_aniso_B_tensor_eigenvector_2_ortho[2]     ? 
_reflns.pdbx_aniso_B_tensor_eigenvector_2_ortho[3]     ? 
_reflns.pdbx_aniso_B_tensor_eigenvector_3_ortho[1]     ? 
_reflns.pdbx_aniso_B_tensor_eigenvector_3_ortho[2]     ? 
_reflns.pdbx_aniso_B_tensor_eigenvector_3_ortho[3]     ? 
_reflns.pdbx_aniso_B_tensor_eigenvalue_1               ? 
_reflns.pdbx_aniso_B_tensor_eigenvalue_2               ? 
_reflns.pdbx_aniso_B_tensor_eigenvalue_3               ? 
_reflns.pdbx_orthogonalization_convention              ? 
_reflns.pdbx_percent_possible_ellipsoidal              ? 
_reflns.pdbx_percent_possible_spherical                ? 
_reflns.pdbx_percent_possible_ellipsoidal_anomalous    ? 
_reflns.pdbx_percent_possible_spherical_anomalous      ? 
_reflns.pdbx_redundancy_anomalous                      ? 
_reflns.pdbx_CC_half_anomalous                         ? 
_reflns.pdbx_absDiff_over_sigma_anomalous              ? 
_reflns.pdbx_percent_possible_anomalous                ? 
_reflns.pdbx_observed_signal_threshold                 ? 
_reflns.pdbx_signal_type                               ? 
_reflns.pdbx_signal_details                            ? 
_reflns.pdbx_signal_software_id                        ? 
# 
loop_
_reflns_shell.d_res_high 
_reflns_shell.d_res_low 
_reflns_shell.meanI_over_sigI_all 
_reflns_shell.meanI_over_sigI_obs 
_reflns_shell.number_measured_all 
_reflns_shell.number_measured_obs 
_reflns_shell.number_possible 
_reflns_shell.number_unique_all 
_reflns_shell.number_unique_obs 
_reflns_shell.percent_possible_all 
_reflns_shell.percent_possible_obs 
_reflns_shell.Rmerge_F_all 
_reflns_shell.Rmerge_F_obs 
_reflns_shell.Rmerge_I_all 
_reflns_shell.Rmerge_I_obs 
_reflns_shell.meanI_over_sigI_gt 
_reflns_shell.meanI_over_uI_all 
_reflns_shell.meanI_over_uI_gt 
_reflns_shell.number_measured_gt 
_reflns_shell.number_unique_gt 
_reflns_shell.percent_possible_gt 
_reflns_shell.Rmerge_F_gt 
_reflns_shell.Rmerge_I_gt 
_reflns_shell.pdbx_redundancy 
_reflns_shell.pdbx_Rsym_value 
_reflns_shell.pdbx_chi_squared 
_reflns_shell.pdbx_netI_over_sigmaI_all 
_reflns_shell.pdbx_netI_over_sigmaI_obs 
_reflns_shell.pdbx_Rrim_I_all 
_reflns_shell.pdbx_Rpim_I_all 
_reflns_shell.pdbx_rejects 
_reflns_shell.pdbx_ordinal 
_reflns_shell.pdbx_diffrn_id 
_reflns_shell.pdbx_CC_half 
_reflns_shell.pdbx_CC_star 
_reflns_shell.pdbx_R_split 
_reflns_shell.pdbx_percent_possible_ellipsoidal 
_reflns_shell.pdbx_percent_possible_spherical 
_reflns_shell.pdbx_percent_possible_ellipsoidal_anomalous 
_reflns_shell.pdbx_percent_possible_spherical_anomalous 
_reflns_shell.pdbx_redundancy_anomalous 
_reflns_shell.pdbx_CC_half_anomalous 
_reflns_shell.pdbx_absDiff_over_sigma_anomalous 
_reflns_shell.pdbx_percent_possible_anomalous 
1.880 1.920  ? ? 10668 ? ? ? 864 99.100 ? ? ? ? 1.374 ? ? ? ? ? ? ? ? 12.300 ? ? ? 1.800  1.432 0.396 ? 1 1 0.697 ? ? ? ? ? ? ? ? 
? ? 
9.000 43.930 ? ? 1618  ? ? ? 170 99.500 ? ? ? ? 0.058 ? ? ? ? ? ? ? ? 9.500  ? ? ? 32.500 0.061 0.020 ? 2 1 0.998 ? ? ? ? ? ? ? ? 
? ? 
# 
_refine.aniso_B[1][1]                            ? 
_refine.aniso_B[1][2]                            ? 
_refine.aniso_B[1][3]                            ? 
_refine.aniso_B[2][2]                            ? 
_refine.aniso_B[2][3]                            ? 
_refine.aniso_B[3][3]                            ? 
_refine.B_iso_max                                117.570 
_refine.B_iso_mean                               38.4384 
_refine.B_iso_min                                14.890 
_refine.correlation_coeff_Fo_to_Fc               ? 
_refine.correlation_coeff_Fo_to_Fc_free          ? 
_refine.details                                  ? 
_refine.diff_density_max                         ? 
_refine.diff_density_max_esd                     ? 
_refine.diff_density_min                         ? 
_refine.diff_density_min_esd                     ? 
_refine.diff_density_rms                         ? 
_refine.diff_density_rms_esd                     ? 
_refine.entry_id                                 7XIS 
_refine.pdbx_refine_id                           'X-RAY DIFFRACTION' 
_refine.ls_abs_structure_details                 ? 
_refine.ls_abs_structure_Flack                   ? 
_refine.ls_abs_structure_Flack_esd               ? 
_refine.ls_abs_structure_Rogers                  ? 
_refine.ls_abs_structure_Rogers_esd              ? 
_refine.ls_d_res_high                            1.8800 
_refine.ls_d_res_low                             43.9300 
_refine.ls_extinction_coef                       ? 
_refine.ls_extinction_coef_esd                   ? 
_refine.ls_extinction_expression                 ? 
_refine.ls_extinction_method                     ? 
_refine.ls_goodness_of_fit_all                   ? 
_refine.ls_goodness_of_fit_all_esd               ? 
_refine.ls_goodness_of_fit_obs                   ? 
_refine.ls_goodness_of_fit_obs_esd               ? 
_refine.ls_hydrogen_treatment                    ? 
_refine.ls_matrix_type                           ? 
_refine.ls_number_constraints                    ? 
_refine.ls_number_parameters                     ? 
_refine.ls_number_reflns_all                     ? 
_refine.ls_number_reflns_obs                     25597 
_refine.ls_number_reflns_R_free                  1298 
_refine.ls_number_reflns_R_work                  24299 
_refine.ls_number_restraints                     ? 
_refine.ls_percent_reflns_obs                    99.8400 
_refine.ls_percent_reflns_R_free                 5.0700 
_refine.ls_R_factor_all                          ? 
_refine.ls_R_factor_obs                          0.2145 
_refine.ls_R_factor_R_free                       0.2409 
_refine.ls_R_factor_R_free_error                 ? 
_refine.ls_R_factor_R_free_error_details         ? 
_refine.ls_R_factor_R_work                       0.2131 
_refine.ls_R_Fsqd_factor_obs                     ? 
_refine.ls_R_I_factor_obs                        ? 
_refine.ls_redundancy_reflns_all                 ? 
_refine.ls_redundancy_reflns_obs                 ? 
_refine.ls_restrained_S_all                      ? 
_refine.ls_restrained_S_obs                      ? 
_refine.ls_shift_over_esd_max                    ? 
_refine.ls_shift_over_esd_mean                   ? 
_refine.ls_structure_factor_coef                 ? 
_refine.ls_weighting_details                     ? 
_refine.ls_weighting_scheme                      ? 
_refine.ls_wR_factor_all                         ? 
_refine.ls_wR_factor_obs                         ? 
_refine.ls_wR_factor_R_free                      ? 
_refine.ls_wR_factor_R_work                      ? 
_refine.occupancy_max                            ? 
_refine.occupancy_min                            ? 
_refine.solvent_model_details                    'FLAT BULK SOLVENT MODEL' 
_refine.solvent_model_param_bsol                 ? 
_refine.solvent_model_param_ksol                 ? 
_refine.pdbx_R_complete                          ? 
_refine.ls_R_factor_gt                           ? 
_refine.ls_goodness_of_fit_gt                    ? 
_refine.ls_goodness_of_fit_ref                   ? 
_refine.ls_shift_over_su_max                     ? 
_refine.ls_shift_over_su_max_lt                  ? 
_refine.ls_shift_over_su_mean                    ? 
_refine.ls_shift_over_su_mean_lt                 ? 
_refine.pdbx_ls_sigma_I                          ? 
_refine.pdbx_ls_sigma_F                          1.930 
_refine.pdbx_ls_sigma_Fsqd                       ? 
_refine.pdbx_data_cutoff_high_absF               ? 
_refine.pdbx_data_cutoff_high_rms_absF           ? 
_refine.pdbx_data_cutoff_low_absF                ? 
_refine.pdbx_isotropic_thermal_model             ? 
_refine.pdbx_ls_cross_valid_method               THROUGHOUT 
_refine.pdbx_method_to_determine_struct          'MOLECULAR REPLACEMENT' 
_refine.pdbx_starting_model                      3QIN 
_refine.pdbx_stereochemistry_target_values       ML 
_refine.pdbx_R_Free_selection_details            ? 
_refine.pdbx_stereochem_target_val_spec_case     ? 
_refine.pdbx_overall_ESU_R                       ? 
_refine.pdbx_overall_ESU_R_Free                  ? 
_refine.pdbx_solvent_vdw_probe_radii             1.1100 
_refine.pdbx_solvent_ion_probe_radii             ? 
_refine.pdbx_solvent_shrinkage_radii             0.9000 
_refine.pdbx_real_space_R                        ? 
_refine.pdbx_density_correlation                 ? 
_refine.pdbx_pd_number_of_powder_patterns        ? 
_refine.pdbx_pd_number_of_points                 ? 
_refine.pdbx_pd_meas_number_of_points            ? 
_refine.pdbx_pd_proc_ls_prof_R_factor            ? 
_refine.pdbx_pd_proc_ls_prof_wR_factor           ? 
_refine.pdbx_pd_Marquardt_correlation_coeff      ? 
_refine.pdbx_pd_Fsqrd_R_factor                   ? 
_refine.pdbx_pd_ls_matrix_band_width             ? 
_refine.pdbx_overall_phase_error                 25.8200 
_refine.pdbx_overall_SU_R_free_Cruickshank_DPI   ? 
_refine.pdbx_overall_SU_R_free_Blow_DPI          ? 
_refine.pdbx_overall_SU_R_Blow_DPI               ? 
_refine.pdbx_TLS_residual_ADP_flag               ? 
_refine.pdbx_diffrn_id                           1 
_refine.overall_SU_B                             ? 
_refine.overall_SU_ML                            0.2500 
_refine.overall_SU_R_Cruickshank_DPI             ? 
_refine.overall_SU_R_free                        ? 
_refine.overall_FOM_free_R_set                   ? 
_refine.overall_FOM_work_R_set                   ? 
_refine.pdbx_average_fsc_overall                 ? 
_refine.pdbx_average_fsc_work                    ? 
_refine.pdbx_average_fsc_free                    ? 
# 
_refine_hist.pdbx_refine_id                   'X-RAY DIFFRACTION' 
_refine_hist.cycle_id                         final 
_refine_hist.details                          ? 
_refine_hist.d_res_high                       1.8800 
_refine_hist.d_res_low                        43.9300 
_refine_hist.number_atoms_solvent             43 
_refine_hist.number_atoms_total               1239 
_refine_hist.number_reflns_all                ? 
_refine_hist.number_reflns_obs                ? 
_refine_hist.number_reflns_R_free             ? 
_refine_hist.number_reflns_R_work             ? 
_refine_hist.R_factor_all                     ? 
_refine_hist.R_factor_obs                     ? 
_refine_hist.R_factor_R_free                  ? 
_refine_hist.R_factor_R_work                  ? 
_refine_hist.pdbx_number_residues_total       149 
_refine_hist.pdbx_B_iso_mean_ligand           64.87 
_refine_hist.pdbx_B_iso_mean_solvent          35.68 
_refine_hist.pdbx_number_atoms_protein        1169 
_refine_hist.pdbx_number_atoms_nucleic_acid   0 
_refine_hist.pdbx_number_atoms_ligand         27 
_refine_hist.pdbx_number_atoms_lipid          ? 
_refine_hist.pdbx_number_atoms_carb           ? 
_refine_hist.pdbx_pseudo_atom_details         ? 
# 
loop_
_refine_ls_shell.pdbx_refine_id 
_refine_ls_shell.d_res_high 
_refine_ls_shell.d_res_low 
_refine_ls_shell.number_reflns_all 
_refine_ls_shell.number_reflns_obs 
_refine_ls_shell.number_reflns_R_free 
_refine_ls_shell.number_reflns_R_work 
_refine_ls_shell.percent_reflns_obs 
_refine_ls_shell.percent_reflns_R_free 
_refine_ls_shell.R_factor_all 
_refine_ls_shell.R_factor_obs 
_refine_ls_shell.R_factor_R_free 
_refine_ls_shell.R_factor_R_free_error 
_refine_ls_shell.R_factor_R_work 
_refine_ls_shell.redundancy_reflns_all 
_refine_ls_shell.redundancy_reflns_obs 
_refine_ls_shell.wR_factor_all 
_refine_ls_shell.wR_factor_obs 
_refine_ls_shell.wR_factor_R_free 
_refine_ls_shell.wR_factor_R_work 
_refine_ls_shell.pdbx_R_complete 
_refine_ls_shell.pdbx_total_number_of_bins_used 
_refine_ls_shell.pdbx_phase_error 
_refine_ls_shell.pdbx_fsc_work 
_refine_ls_shell.pdbx_fsc_free 
'X-RAY DIFFRACTION' 1.8800 1.9500  2818 . 143 2675 99.0000  . . . 0.3366 0.0000 0.3127 . . . . . . . 9 . . . 
'X-RAY DIFFRACTION' 1.9500 2.0400  2832 . 145 2687 100.0000 . . . 0.3122 0.0000 0.2719 . . . . . . . 9 . . . 
'X-RAY DIFFRACTION' 2.0400 2.1500  2858 . 143 2715 100.0000 . . . 0.2552 0.0000 0.2362 . . . . . . . 9 . . . 
'X-RAY DIFFRACTION' 2.1500 2.2800  2850 . 147 2703 100.0000 . . . 0.2393 0.0000 0.2344 . . . . . . . 9 . . . 
'X-RAY DIFFRACTION' 2.2800 2.4600  2849 . 146 2703 100.0000 . . . 0.2339 0.0000 0.2340 . . . . . . . 9 . . . 
'X-RAY DIFFRACTION' 2.4600 2.7100  2848 . 142 2706 100.0000 . . . 0.2554 0.0000 0.2208 . . . . . . . 9 . . . 
'X-RAY DIFFRACTION' 2.7100 3.1000  2846 . 148 2698 100.0000 . . . 0.3138 0.0000 0.2246 . . . . . . . 9 . . . 
'X-RAY DIFFRACTION' 3.1000 3.9000  2842 . 145 2697 100.0000 . . . 0.2453 0.0000 0.2041 . . . . . . . 9 . . . 
'X-RAY DIFFRACTION' 3.9000 43.9300 2854 . 139 2715 100.0000 . . . 0.1896 0.0000 0.1801 . . . . . . . 9 . . . 
# 
_struct.entry_id                     7XIS 
_struct.title                        
;Crystal structure of engineered HIV-1 Reverse Transcriptase RNase H domain complexed with nitrofuran methoxy(methoxycarbonyl)phenyl ester
;
_struct.pdbx_model_details           ? 
_struct.pdbx_formula_weight          ? 
_struct.pdbx_formula_weight_method   ? 
_struct.pdbx_model_type_details      ? 
_struct.pdbx_CASP_flag               N 
# 
_struct_keywords.entry_id        7XIS 
_struct_keywords.text            'ribonuclease, VIRAL PROTEIN' 
_struct_keywords.pdbx_keywords   'VIRAL PROTEIN' 
# 
loop_
_struct_asym.id 
_struct_asym.pdbx_blank_PDB_chainid_flag 
_struct_asym.pdbx_modified 
_struct_asym.entity_id 
_struct_asym.details 
A N N 1 ? 
B N N 2 ? 
C N N 2 ? 
D N N 3 ? 
E N N 4 ? 
F N N 4 ? 
G N N 5 ? 
# 
loop_
_struct_conf.conf_type_id 
_struct_conf.id 
_struct_conf.pdbx_PDB_helix_id 
_struct_conf.beg_label_comp_id 
_struct_conf.beg_label_asym_id 
_struct_conf.beg_label_seq_id 
_struct_conf.pdbx_beg_PDB_ins_code 
_struct_conf.end_label_comp_id 
_struct_conf.end_label_asym_id 
_struct_conf.end_label_seq_id 
_struct_conf.pdbx_end_PDB_ins_code 
_struct_conf.beg_auth_comp_id 
_struct_conf.beg_auth_asym_id 
_struct_conf.beg_auth_seq_id 
_struct_conf.end_auth_comp_id 
_struct_conf.end_auth_asym_id 
_struct_conf.end_auth_seq_id 
_struct_conf.pdbx_PDB_helix_class 
_struct_conf.details 
_struct_conf.pdbx_PDB_helix_length 
HELX_P HELX_P1 AA1 THR A 53  ? SER A 69  ? THR A 53  SER A 69  1 ? 17 
HELX_P HELX_P2 AA2 SER A 79  ? ASN A 92  ? SER A 79  ASN A 92  1 ? 14 
HELX_P HELX_P3 AA3 ASN A 104 ? ILE A 116 ? ASN A 104 ILE A 116 1 ? 13 
HELX_P HELX_P4 AA4 GLY A 133 ? ALA A 144 ? GLY A 133 ALA A 144 1 ? 12 
# 
_struct_conf_type.id          HELX_P 
_struct_conf_type.criteria    ? 
_struct_conf_type.reference   ? 
# 
loop_
_struct_conn.id 
_struct_conn.conn_type_id 
_struct_conn.pdbx_leaving_atom_flag 
_struct_conn.pdbx_PDB_id 
_struct_conn.ptnr1_label_asym_id 
_struct_conn.ptnr1_label_comp_id 
_struct_conn.ptnr1_label_seq_id 
_struct_conn.ptnr1_label_atom_id 
_struct_conn.pdbx_ptnr1_label_alt_id 
_struct_conn.pdbx_ptnr1_PDB_ins_code 
_struct_conn.pdbx_ptnr1_standard_comp_id 
_struct_conn.ptnr1_symmetry 
_struct_conn.ptnr2_label_asym_id 
_struct_conn.ptnr2_label_comp_id 
_struct_conn.ptnr2_label_seq_id 
_struct_conn.ptnr2_label_atom_id 
_struct_conn.pdbx_ptnr2_label_alt_id 
_struct_conn.pdbx_ptnr2_PDB_ins_code 
_struct_conn.ptnr1_auth_asym_id 
_struct_conn.ptnr1_auth_comp_id 
_struct_conn.ptnr1_auth_seq_id 
_struct_conn.ptnr2_auth_asym_id 
_struct_conn.ptnr2_auth_comp_id 
_struct_conn.ptnr2_auth_seq_id 
_struct_conn.ptnr2_symmetry 
_struct_conn.pdbx_ptnr3_label_atom_id 
_struct_conn.pdbx_ptnr3_label_seq_id 
_struct_conn.pdbx_ptnr3_label_comp_id 
_struct_conn.pdbx_ptnr3_label_asym_id 
_struct_conn.pdbx_ptnr3_label_alt_id 
_struct_conn.pdbx_ptnr3_PDB_ins_code 
_struct_conn.details 
_struct_conn.pdbx_dist_value 
_struct_conn.pdbx_value_order 
_struct_conn.pdbx_role 
metalc1  metalc ? ? A ASP 23  OD1 ? ? ? 1_555 B MN  . MN  ? ? A ASP 23  A MN  201 1_555 ? ? ? ? ? ? ? 1.987 ? ? 
metalc2  metalc ? ? A ASP 23  OD2 ? ? ? 1_555 C MN  . MN  ? ? A ASP 23  A MN  202 1_555 ? ? ? ? ? ? ? 2.031 ? ? 
metalc3  metalc ? ? A ASP 51  OD1 ? ? ? 1_555 E ZN  . ZN  ? ? A ASP 51  A ZN  204 1_555 ? ? ? ? ? ? ? 2.250 ? ? 
metalc4  metalc ? ? A ASP 51  OD2 ? ? ? 1_555 E ZN  . ZN  ? ? A ASP 51  A ZN  204 1_555 ? ? ? ? ? ? ? 2.536 ? ? 
metalc5  metalc ? ? A GLU 58  OE2 ? ? ? 1_555 B MN  . MN  ? ? A GLU 58  A MN  201 1_555 ? ? ? ? ? ? ? 1.922 ? ? 
metalc6  metalc ? ? A GLU 72  OE2 ? ? ? 1_555 F ZN  . ZN  ? ? A GLU 72  A ZN  205 1_555 ? ? ? ? ? ? ? 1.931 ? ? 
metalc7  metalc ? ? A ASP 78  OD1 ? ? ? 1_555 B MN  . MN  ? ? A ASP 78  A MN  201 1_555 ? ? ? ? ? ? ? 1.987 ? ? 
metalc8  metalc ? ? A ASP 78  OD2 ? ? ? 1_555 C MN  . MN  ? ? A ASP 78  A MN  202 1_555 ? ? ? ? ? ? ? 2.354 ? ? 
metalc9  metalc ? ? A HIS 91  ND1 ? ? ? 1_555 F ZN  . ZN  ? ? A HIS 91  A ZN  205 4_554 ? ? ? ? ? ? ? 2.259 ? ? 
metalc10 metalc ? ? A GLU 119 OE1 ? ? ? 1_555 F ZN  . ZN  ? ? A GLU 119 A ZN  205 1_555 ? ? ? ? ? ? ? 1.904 ? ? 
metalc11 metalc ? ? A HIS 129 NE2 ? ? ? 1_555 E ZN  . ZN  ? ? A HIS 129 A ZN  204 6_544 ? ? ? ? ? ? ? 2.234 ? ? 
metalc12 metalc ? ? A GLU 136 OE1 ? ? ? 1_555 E ZN  . ZN  ? ? A GLU 136 A ZN  204 6_544 ? ? ? ? ? ? ? 2.148 ? ? 
metalc13 metalc ? ? A ASP 139 OD1 ? ? ? 1_555 C MN  . MN  ? ? A ASP 139 A MN  202 1_555 ? ? ? ? ? ? ? 2.215 ? ? 
metalc14 metalc ? ? B MN  .   MN  ? ? ? 1_555 D E58 . OAJ ? ? A MN  201 A E58 203 1_555 ? ? ? ? ? ? ? 1.864 ? ? 
metalc15 metalc ? ? C MN  .   MN  ? ? ? 1_555 D E58 . OAJ ? ? A MN  202 A E58 203 1_555 ? ? ? ? ? ? ? 1.822 ? ? 
metalc16 metalc ? ? C MN  .   MN  ? ? ? 1_555 D E58 . OAK ? ? A MN  202 A E58 203 1_555 ? ? ? ? ? ? ? 2.606 ? ? 
metalc17 metalc ? ? E ZN  .   ZN  ? ? ? 1_555 G HOH . O   ? ? A ZN  204 A HOH 335 6_444 ? ? ? ? ? ? ? 2.215 ? ? 
metalc18 metalc ? ? F ZN  .   ZN  ? ? ? 1_555 G HOH . O   ? ? A ZN  205 A HOH 336 1_555 ? ? ? ? ? ? ? 2.176 ? ? 
# 
_struct_conn_type.id          metalc 
_struct_conn_type.criteria    ? 
_struct_conn_type.reference   ? 
# 
_struct_sheet.id               AA1 
_struct_sheet.type             ? 
_struct_sheet.number_strands   5 
_struct_sheet.details          ? 
# 
loop_
_struct_sheet_order.sheet_id 
_struct_sheet_order.range_id_1 
_struct_sheet_order.range_id_2 
_struct_sheet_order.offset 
_struct_sheet_order.sense 
AA1 1 2 ? anti-parallel 
AA1 2 3 ? anti-parallel 
AA1 3 4 ? parallel      
AA1 4 5 ? parallel      
# 
loop_
_struct_sheet_range.sheet_id 
_struct_sheet_range.id 
_struct_sheet_range.beg_label_comp_id 
_struct_sheet_range.beg_label_asym_id 
_struct_sheet_range.beg_label_seq_id 
_struct_sheet_range.pdbx_beg_PDB_ins_code 
_struct_sheet_range.end_label_comp_id 
_struct_sheet_range.end_label_asym_id 
_struct_sheet_range.end_label_seq_id 
_struct_sheet_range.pdbx_end_PDB_ins_code 
_struct_sheet_range.beg_auth_comp_id 
_struct_sheet_range.beg_auth_asym_id 
_struct_sheet_range.beg_auth_seq_id 
_struct_sheet_range.end_auth_comp_id 
_struct_sheet_range.end_auth_asym_id 
_struct_sheet_range.end_auth_seq_id 
AA1 1 GLN A 44  ? LEU A 49  ? GLN A 44  LEU A 49  
AA1 2 GLY A 33  ? THR A 39  ? GLY A 33  THR A 39  
AA1 3 THR A 19  ? ALA A 26  ? THR A 19  ALA A 26  
AA1 4 GLU A 72  ? THR A 77  ? GLU A 72  THR A 77  
AA1 5 LYS A 120 ? TRP A 125 ? LYS A 120 TRP A 125 
# 
loop_
_pdbx_struct_sheet_hbond.sheet_id 
_pdbx_struct_sheet_hbond.range_id_1 
_pdbx_struct_sheet_hbond.range_id_2 
_pdbx_struct_sheet_hbond.range_1_label_atom_id 
_pdbx_struct_sheet_hbond.range_1_label_comp_id 
_pdbx_struct_sheet_hbond.range_1_label_asym_id 
_pdbx_struct_sheet_hbond.range_1_label_seq_id 
_pdbx_struct_sheet_hbond.range_1_PDB_ins_code 
_pdbx_struct_sheet_hbond.range_1_auth_atom_id 
_pdbx_struct_sheet_hbond.range_1_auth_comp_id 
_pdbx_struct_sheet_hbond.range_1_auth_asym_id 
_pdbx_struct_sheet_hbond.range_1_auth_seq_id 
_pdbx_struct_sheet_hbond.range_2_label_atom_id 
_pdbx_struct_sheet_hbond.range_2_label_comp_id 
_pdbx_struct_sheet_hbond.range_2_label_asym_id 
_pdbx_struct_sheet_hbond.range_2_label_seq_id 
_pdbx_struct_sheet_hbond.range_2_PDB_ins_code 
_pdbx_struct_sheet_hbond.range_2_auth_atom_id 
_pdbx_struct_sheet_hbond.range_2_auth_comp_id 
_pdbx_struct_sheet_hbond.range_2_auth_asym_id 
_pdbx_struct_sheet_hbond.range_2_auth_seq_id 
AA1 1 2 O LEU A 49 ? O LEU A 49 N GLY A 33  ? N GLY A 33  
AA1 2 3 O VAL A 38 ? O VAL A 38 N TYR A 21  ? N TYR A 21  
AA1 3 4 N PHE A 20 ? N PHE A 20 O ASN A 74  ? O ASN A 74  
AA1 4 5 N ILE A 75 ? N ILE A 75 O TYR A 122 ? O TYR A 122 
# 
_atom_sites.entry_id                    7XIS 
_atom_sites.Cartn_transf_matrix[1][1]   ? 
_atom_sites.Cartn_transf_matrix[1][2]   ? 
_atom_sites.Cartn_transf_matrix[1][3]   ? 
_atom_sites.Cartn_transf_matrix[2][1]   ? 
_atom_sites.Cartn_transf_matrix[2][2]   ? 
_atom_sites.Cartn_transf_matrix[2][3]   ? 
_atom_sites.Cartn_transf_matrix[3][1]   ? 
_atom_sites.Cartn_transf_matrix[3][2]   ? 
_atom_sites.Cartn_transf_matrix[3][3]   ? 
_atom_sites.Cartn_transf_vector[1]      ? 
_atom_sites.Cartn_transf_vector[2]      ? 
_atom_sites.Cartn_transf_vector[3]      ? 
_atom_sites.fract_transf_matrix[1][1]   0.00016672 
_atom_sites.fract_transf_matrix[1][2]   -0.01173022 
_atom_sites.fract_transf_matrix[1][3]   0.01102360 
_atom_sites.fract_transf_matrix[2][1]   0.01132625 
_atom_sites.fract_transf_matrix[2][2]   -0.00774805 
_atom_sites.fract_transf_matrix[2][3]   -0.00841601 
_atom_sites.fract_transf_matrix[3][1]   0.00848455 
_atom_sites.fract_transf_matrix[3][2]   0.00581781 
_atom_sites.fract_transf_matrix[3][3]   0.00606242 
_atom_sites.fract_transf_vector[1]      0.230358 
_atom_sites.fract_transf_vector[2]      -0.148422 
_atom_sites.fract_transf_vector[3]      -0.067881 
_atom_sites.solution_primary            ? 
_atom_sites.solution_secondary          ? 
_atom_sites.solution_hydrogens          ? 
_atom_sites.special_details             ? 
# 
loop_
_atom_type.symbol 
C  
MN 
N  
O  
S  
ZN 
# 
loop_
_atom_site.group_PDB 
_atom_site.id 
_atom_site.type_symbol 
_atom_site.label_atom_id 
_atom_site.label_alt_id 
_atom_site.label_comp_id 
_atom_site.label_asym_id 
_atom_site.label_entity_id 
_atom_site.label_seq_id 
_atom_site.pdbx_PDB_ins_code 
_atom_site.Cartn_x 
_atom_site.Cartn_y 
_atom_site.Cartn_z 
_atom_site.occupancy 
_atom_site.B_iso_or_equiv 
_atom_site.pdbx_formal_charge 
_atom_site.auth_seq_id 
_atom_site.auth_comp_id 
_atom_site.auth_asym_id 
_atom_site.auth_atom_id 
_atom_site.pdbx_PDB_model_num 
ATOM   1    N  N   . SER A 1 5   ? 16.794  -13.536 0.488   1.00 100.78 ? 5   SER A N   1 
ATOM   2    C  CA  . SER A 1 5   ? 16.059  -12.498 -0.222  1.00 87.13  ? 5   SER A CA  1 
ATOM   3    C  C   . SER A 1 5   ? 16.752  -11.154 -0.041  1.00 83.67  ? 5   SER A C   1 
ATOM   4    O  O   . SER A 1 5   ? 17.696  -11.015 0.740   1.00 86.71  ? 5   SER A O   1 
ATOM   5    C  CB  . SER A 1 5   ? 14.608  -12.420 0.265   1.00 73.43  ? 5   SER A CB  1 
ATOM   6    O  OG  . SER A 1 5   ? 13.832  -13.490 -0.247  1.00 68.07  ? 5   SER A OG  1 
ATOM   7    N  N   . MET A 1 6   ? 16.263  -10.161 -0.794  1.00 79.00  ? 6   MET A N   1 
ATOM   8    C  CA  . MET A 1 6   ? 16.650  -8.771  -0.575  1.00 78.91  ? 6   MET A CA  1 
ATOM   9    C  C   . MET A 1 6   ? 16.284  -8.309  0.828   1.00 75.94  ? 6   MET A C   1 
ATOM   10   O  O   . MET A 1 6   ? 16.926  -7.402  1.369   1.00 77.64  ? 6   MET A O   1 
ATOM   11   C  CB  . MET A 1 6   ? 15.949  -7.846  -1.579  1.00 76.95  ? 6   MET A CB  1 
ATOM   12   C  CG  . MET A 1 6   ? 16.234  -6.359  -1.337  1.00 94.99  ? 6   MET A CG  1 
ATOM   13   S  SD  . MET A 1 6   ? 15.542  -5.119  -2.460  1.00 111.57 ? 6   MET A SD  1 
ATOM   14   C  CE  . MET A 1 6   ? 15.062  -6.060  -3.888  1.00 69.47  ? 6   MET A CE  1 
ATOM   15   N  N   . TYR A 1 7   ? 15.270  -8.930  1.423   1.00 73.45  ? 7   TYR A N   1 
ATOM   16   C  CA  . TYR A 1 7   ? 14.602  -8.452  2.622   1.00 64.19  ? 7   TYR A CA  1 
ATOM   17   C  C   . TYR A 1 7   ? 13.701  -9.571  3.127   1.00 58.31  ? 7   TYR A C   1 
ATOM   18   O  O   . TYR A 1 7   ? 13.339  -10.481 2.376   1.00 56.86  ? 7   TYR A O   1 
ATOM   19   C  CB  . TYR A 1 7   ? 13.795  -7.181  2.321   1.00 55.63  ? 7   TYR A CB  1 
ATOM   20   C  CG  . TYR A 1 7   ? 13.416  -6.360  3.528   1.00 49.38  ? 7   TYR A CG  1 
ATOM   21   C  CD1 . TYR A 1 7   ? 14.266  -5.378  4.023   1.00 48.28  ? 7   TYR A CD1 1 
ATOM   22   C  CD2 . TYR A 1 7   ? 12.195  -6.552  4.158   1.00 44.80  ? 7   TYR A CD2 1 
ATOM   23   C  CE1 . TYR A 1 7   ? 13.914  -4.622  5.128   1.00 43.19  ? 7   TYR A CE1 1 
ATOM   24   C  CE2 . TYR A 1 7   ? 11.835  -5.805  5.257   1.00 43.05  ? 7   TYR A CE2 1 
ATOM   25   C  CZ  . TYR A 1 7   ? 12.695  -4.842  5.737   1.00 39.66  ? 7   TYR A CZ  1 
ATOM   26   O  OH  . TYR A 1 7   ? 12.324  -4.101  6.832   1.00 36.31  ? 7   TYR A OH  1 
ATOM   27   N  N   . GLN A 1 8   ? 13.348  -9.504  4.408   1.00 50.46  ? 8   GLN A N   1 
ATOM   28   C  CA  . GLN A 1 8   ? 12.453  -10.488 5.011   1.00 47.84  ? 8   GLN A CA  1 
ATOM   29   C  C   . GLN A 1 8   ? 11.315  -9.754  5.707   1.00 45.17  ? 8   GLN A C   1 
ATOM   30   O  O   . GLN A 1 8   ? 11.521  -9.149  6.764   1.00 43.57  ? 8   GLN A O   1 
ATOM   31   C  CB  . GLN A 1 8   ? 13.201  -11.386 5.994   1.00 55.90  ? 8   GLN A CB  1 
ATOM   32   C  CG  . GLN A 1 8   ? 12.982  -12.877 5.766   1.00 65.67  ? 8   GLN A CG  1 
ATOM   33   C  CD  . GLN A 1 8   ? 13.482  -13.721 6.924   1.00 76.54  ? 8   GLN A CD  1 
ATOM   34   O  OE1 . GLN A 1 8   ? 14.654  -14.097 6.973   1.00 74.51  ? 8   GLN A OE1 1 
ATOM   35   N  NE2 . GLN A 1 8   ? 12.591  -14.024 7.865   1.00 69.87  ? 8   GLN A NE2 1 
ATOM   36   N  N   . LEU A 1 9   ? 10.120  -9.811  5.122   1.00 36.83  ? 9   LEU A N   1 
ATOM   37   C  CA  . LEU A 1 9   ? 8.947   -9.256  5.777   1.00 34.83  ? 9   LEU A CA  1 
ATOM   38   C  C   . LEU A 1 9   ? 8.569   -10.091 6.997   1.00 34.63  ? 9   LEU A C   1 
ATOM   39   O  O   . LEU A 1 9   ? 8.840   -11.294 7.063   1.00 32.05  ? 9   LEU A O   1 
ATOM   40   C  CB  . LEU A 1 9   ? 7.771   -9.183  4.805   1.00 32.45  ? 9   LEU A CB  1 
ATOM   41   C  CG  . LEU A 1 9   ? 8.007   -8.327  3.558   1.00 36.86  ? 9   LEU A CG  1 
ATOM   42   C  CD1 . LEU A 1 9   ? 6.957   -8.623  2.494   1.00 39.09  ? 9   LEU A CD1 1 
ATOM   43   C  CD2 . LEU A 1 9   ? 8.000   -6.854  3.924   1.00 34.98  ? 9   LEU A CD2 1 
ATOM   44   N  N   . GLU A 1 10  ? 7.943   -9.434  7.972   1.00 29.11  ? 10  GLU A N   1 
ATOM   45   C  CA  . GLU A 1 10  ? 7.549   -10.102 9.206   1.00 28.90  ? 10  GLU A CA  1 
ATOM   46   C  C   . GLU A 1 10  ? 6.450   -11.124 8.944   1.00 30.24  ? 10  GLU A C   1 
ATOM   47   O  O   . GLU A 1 10  ? 5.618   -10.957 8.051   1.00 28.93  ? 10  GLU A O   1 
ATOM   48   C  CB  . GLU A 1 10  ? 7.076   -9.079  10.236  1.00 30.31  ? 10  GLU A CB  1 
ATOM   49   C  CG  . GLU A 1 10  ? 8.134   -8.031  10.578  1.00 27.13  ? 10  GLU A CG  1 
ATOM   50   C  CD  . GLU A 1 10  ? 9.339   -8.660  11.241  1.00 33.25  ? 10  GLU A CD  1 
ATOM   51   O  OE1 . GLU A 1 10  ? 9.141   -9.397  12.229  1.00 31.73  ? 10  GLU A OE1 1 
ATOM   52   O  OE2 . GLU A 1 10  ? 10.476  -8.431  10.774  1.00 32.68  ? 10  GLU A OE2 1 
ATOM   53   N  N   . LYS A 1 11  ? 6.457   -12.199 9.735   1.00 29.50  ? 11  LYS A N   1 
ATOM   54   C  CA  . LYS A 1 11  ? 5.450   -13.246 9.612   1.00 31.64  ? 11  LYS A CA  1 
ATOM   55   C  C   . LYS A 1 11  ? 4.226   -12.991 10.478  1.00 32.08  ? 11  LYS A C   1 
ATOM   56   O  O   . LYS A 1 11  ? 3.195   -13.642 10.284  1.00 30.58  ? 11  LYS A O   1 
ATOM   57   C  CB  . LYS A 1 11  ? 6.064   -14.604 9.965   1.00 35.31  ? 11  LYS A CB  1 
ATOM   58   C  CG  . LYS A 1 11  ? 7.475   -14.747 9.434   1.00 37.16  ? 11  LYS A CG  1 
ATOM   59   C  CD  . LYS A 1 11  ? 7.496   -15.423 8.072   1.00 44.65  ? 11  LYS A CD  1 
ATOM   60   C  CE  . LYS A 1 11  ? 8.818   -16.145 7.828   1.00 53.50  ? 11  LYS A CE  1 
ATOM   61   N  NZ  . LYS A 1 11  ? 8.921   -16.642 6.428   1.00 55.41  ? 11  LYS A NZ  1 
ATOM   62   N  N   . GLU A 1 12  ? 4.312   -12.064 11.421  1.00 28.07  ? 12  GLU A N   1 
ATOM   63   C  CA  . GLU A 1 12  ? 3.174   -11.668 12.234  1.00 30.90  ? 12  GLU A CA  1 
ATOM   64   C  C   . GLU A 1 12  ? 3.321   -10.184 12.527  1.00 29.58  ? 12  GLU A C   1 
ATOM   65   O  O   . GLU A 1 12  ? 4.425   -9.639  12.421  1.00 29.30  ? 12  GLU A O   1 
ATOM   66   C  CB  . GLU A 1 12  ? 3.102   -12.494 13.527  1.00 34.04  ? 12  GLU A CB  1 
ATOM   67   C  CG  . GLU A 1 12  ? 4.385   -12.496 14.332  1.00 37.26  ? 12  GLU A CG  1 
ATOM   68   C  CD  . GLU A 1 12  ? 5.335   -13.628 13.952  1.00 38.51  ? 12  GLU A CD  1 
ATOM   69   O  OE1 . GLU A 1 12  ? 4.886   -14.654 13.401  1.00 34.27  ? 12  GLU A OE1 1 
ATOM   70   O  OE2 . GLU A 1 12  ? 6.544   -13.479 14.199  1.00 41.52  ? 12  GLU A OE2 1 
ATOM   71   N  N   . PRO A 1 13  ? 2.230   -9.496  12.877  1.00 31.82  ? 13  PRO A N   1 
ATOM   72   C  CA  . PRO A 1 13  ? 2.328   -8.050  13.120  1.00 31.29  ? 13  PRO A CA  1 
ATOM   73   C  C   . PRO A 1 13  ? 3.378   -7.730  14.176  1.00 32.69  ? 13  PRO A C   1 
ATOM   74   O  O   . PRO A 1 13  ? 3.701   -8.553  15.035  1.00 32.71  ? 13  PRO A O   1 
ATOM   75   C  CB  . PRO A 1 13  ? 0.917   -7.674  13.587  1.00 30.83  ? 13  PRO A CB  1 
ATOM   76   C  CG  . PRO A 1 13  ? 0.036   -8.691  12.924  1.00 31.35  ? 13  PRO A CG  1 
ATOM   77   C  CD  . PRO A 1 13  ? 0.835   -9.972  12.966  1.00 31.38  ? 13  PRO A CD  1 
ATOM   78   N  N   . ILE A 1 14  ? 3.926   -6.524  14.102  1.00 27.36  ? 14  ILE A N   1 
ATOM   79   C  CA  . ILE A 1 14  ? 4.943   -6.071  15.046  1.00 31.28  ? 14  ILE A CA  1 
ATOM   80   C  C   . ILE A 1 14  ? 4.255   -5.471  16.264  1.00 29.58  ? 14  ILE A C   1 
ATOM   81   O  O   . ILE A 1 14  ? 3.575   -4.442  16.153  1.00 29.26  ? 14  ILE A O   1 
ATOM   82   C  CB  . ILE A 1 14  ? 5.884   -5.052  14.396  1.00 29.53  ? 14  ILE A CB  1 
ATOM   83   C  CG1 . ILE A 1 14  ? 6.529   -5.651  13.144  1.00 27.17  ? 14  ILE A CG1 1 
ATOM   84   C  CG2 . ILE A 1 14  ? 6.908   -4.571  15.422  1.00 27.20  ? 14  ILE A CG2 1 
ATOM   85   C  CD1 . ILE A 1 14  ? 6.848   -4.622  12.062  1.00 27.48  ? 14  ILE A CD1 1 
ATOM   86   N  N   . VAL A 1 15  ? 4.425   -6.112  17.427  1.00 32.00  ? 15  VAL A N   1 
ATOM   87   C  CA  . VAL A 1 15  ? 3.752   -5.652  18.635  1.00 29.71  ? 15  VAL A CA  1 
ATOM   88   C  C   . VAL A 1 15  ? 4.275   -4.272  19.007  1.00 27.78  ? 15  VAL A C   1 
ATOM   89   O  O   . VAL A 1 15  ? 5.484   -4.018  18.970  1.00 30.16  ? 15  VAL A O   1 
ATOM   90   C  CB  . VAL A 1 15  ? 3.972   -6.621  19.809  1.00 27.28  ? 15  VAL A CB  1 
ATOM   91   C  CG1 . VAL A 1 15  ? 3.054   -6.259  20.955  1.00 32.30  ? 15  VAL A CG1 1 
ATOM   92   C  CG2 . VAL A 1 15  ? 3.788   -8.047  19.402  1.00 41.85  ? 15  VAL A CG2 1 
ATOM   93   N  N   . GLY A 1 16  ? 3.361   -3.375  19.379  1.00 27.97  ? 16  GLY A N   1 
ATOM   94   C  CA  . GLY A 1 16  ? 3.711   -2.035  19.790  1.00 29.64  ? 16  GLY A CA  1 
ATOM   95   C  C   . GLY A 1 16  ? 3.832   -1.017  18.671  1.00 32.30  ? 16  GLY A C   1 
ATOM   96   O  O   . GLY A 1 16  ? 3.746   0.186   18.944  1.00 34.65  ? 16  GLY A O   1 
ATOM   97   N  N   . ALA A 1 17  ? 4.025   -1.450  17.426  1.00 29.42  ? 17  ALA A N   1 
ATOM   98   C  CA  . ALA A 1 17  ? 4.290   -0.522  16.332  1.00 28.60  ? 17  ALA A CA  1 
ATOM   99   C  C   . ALA A 1 17  ? 2.996   0.035   15.747  1.00 31.76  ? 17  ALA A C   1 
ATOM   100  O  O   . ALA A 1 17  ? 1.954   -0.622  15.762  1.00 29.61  ? 17  ALA A O   1 
ATOM   101  C  CB  . ALA A 1 17  ? 5.101   -1.208  15.231  1.00 25.17  ? 17  ALA A CB  1 
ATOM   102  N  N   . GLU A 1 18  ? 3.079   1.256   15.210  1.00 27.54  ? 18  GLU A N   1 
ATOM   103  C  CA  . GLU A 1 18  ? 1.914   1.905   14.615  1.00 30.20  ? 18  GLU A CA  1 
ATOM   104  C  C   . GLU A 1 18  ? 1.457   1.154   13.364  1.00 23.97  ? 18  GLU A C   1 
ATOM   105  O  O   . GLU A 1 18  ? 2.274   0.648   12.592  1.00 26.37  ? 18  GLU A O   1 
ATOM   106  C  CB  . GLU A 1 18  ? 2.242   3.363   14.269  1.00 30.09  ? 18  GLU A CB  1 
ATOM   107  C  CG  . GLU A 1 18  ? 1.039   4.196   13.829  1.00 30.81  ? 18  GLU A CG  1 
ATOM   108  C  CD  . GLU A 1 18  ? 1.390   5.662   13.573  1.00 36.20  ? 18  GLU A CD  1 
ATOM   109  O  OE1 . GLU A 1 18  ? 2.590   6.015   13.618  1.00 37.14  ? 18  GLU A OE1 1 
ATOM   110  O  OE2 . GLU A 1 18  ? 0.463   6.463   13.333  1.00 33.73  ? 18  GLU A OE2 1 
ATOM   111  N  N   . THR A 1 19  ? 0.140   1.074   13.169  1.00 25.99  ? 19  THR A N   1 
ATOM   112  C  CA  . THR A 1 19  ? -0.457  0.343   12.053  1.00 25.36  ? 19  THR A CA  1 
ATOM   113  C  C   . THR A 1 19  ? -1.102  1.326   11.079  1.00 24.70  ? 19  THR A C   1 
ATOM   114  O  O   . THR A 1 19  ? -1.927  2.148   11.484  1.00 27.13  ? 19  THR A O   1 
ATOM   115  C  CB  . THR A 1 19  ? -1.510  -0.656  12.553  1.00 25.61  ? 19  THR A CB  1 
ATOM   116  O  OG1 . THR A 1 19  ? -0.896  -1.672  13.364  1.00 25.72  ? 19  THR A OG1 1 
ATOM   117  C  CG2 . THR A 1 19  ? -2.233  -1.319  11.385  1.00 24.58  ? 19  THR A CG2 1 
ATOM   118  N  N   . PHE A 1 20  ? -0.743  1.224   9.798   1.00 25.68  ? 20  PHE A N   1 
ATOM   119  C  CA  . PHE A 1 20  ? -1.296  2.065   8.738   1.00 27.33  ? 20  PHE A CA  1 
ATOM   120  C  C   . PHE A 1 20  ? -2.277  1.247   7.903   1.00 26.27  ? 20  PHE A C   1 
ATOM   121  O  O   . PHE A 1 20  ? -1.872  0.293   7.235   1.00 22.74  ? 20  PHE A O   1 
ATOM   122  C  CB  . PHE A 1 20  ? -0.189  2.608   7.827   1.00 26.27  ? 20  PHE A CB  1 
ATOM   123  C  CG  . PHE A 1 20  ? 0.680   3.667   8.460   1.00 23.49  ? 20  PHE A CG  1 
ATOM   124  C  CD1 . PHE A 1 20  ? 1.539   3.352   9.502   1.00 25.00  ? 20  PHE A CD1 1 
ATOM   125  C  CD2 . PHE A 1 20  ? 0.668   4.967   7.980   1.00 25.52  ? 20  PHE A CD2 1 
ATOM   126  C  CE1 . PHE A 1 20  ? 2.348   4.317   10.081  1.00 26.99  ? 20  PHE A CE1 1 
ATOM   127  C  CE2 . PHE A 1 20  ? 1.484   5.943   8.551   1.00 26.54  ? 20  PHE A CE2 1 
ATOM   128  C  CZ  . PHE A 1 20  ? 2.320   5.619   9.604   1.00 28.46  ? 20  PHE A CZ  1 
ATOM   129  N  N   . TYR A 1 21  ? -3.554  1.627   7.924   1.00 21.47  ? 21  TYR A N   1 
ATOM   130  C  CA  . TYR A 1 21  ? -4.555  1.045   7.034   1.00 25.66  ? 21  TYR A CA  1 
ATOM   131  C  C   . TYR A 1 21  ? -4.569  1.874   5.756   1.00 26.38  ? 21  TYR A C   1 
ATOM   132  O  O   . TYR A 1 21  ? -5.042  3.014   5.765   1.00 22.61  ? 21  TYR A O   1 
ATOM   133  C  CB  . TYR A 1 21  ? -5.940  1.037   7.676   1.00 25.23  ? 21  TYR A CB  1 
ATOM   134  C  CG  . TYR A 1 21  ? -6.048  0.233   8.957   1.00 26.81  ? 21  TYR A CG  1 
ATOM   135  C  CD1 . TYR A 1 21  ? -5.751  0.807   10.187  1.00 24.05  ? 21  TYR A CD1 1 
ATOM   136  C  CD2 . TYR A 1 21  ? -6.466  -1.093  8.930   1.00 28.23  ? 21  TYR A CD2 1 
ATOM   137  C  CE1 . TYR A 1 21  ? -5.851  0.066   11.369  1.00 29.12  ? 21  TYR A CE1 1 
ATOM   138  C  CE2 . TYR A 1 21  ? -6.574  -1.834  10.091  1.00 28.97  ? 21  TYR A CE2 1 
ATOM   139  C  CZ  . TYR A 1 21  ? -6.268  -1.255  11.309  1.00 29.80  ? 21  TYR A CZ  1 
ATOM   140  O  OH  . TYR A 1 21  ? -6.387  -2.008  12.465  1.00 26.91  ? 21  TYR A OH  1 
ATOM   141  N  N   . VAL A 1 22  ? -4.072  1.300   4.661   1.00 24.20  ? 22  VAL A N   1 
ATOM   142  C  CA  . VAL A 1 22  ? -3.907  2.020   3.399   1.00 21.74  ? 22  VAL A CA  1 
ATOM   143  C  C   . VAL A 1 22  ? -5.026  1.656   2.440   1.00 25.82  ? 22  VAL A C   1 
ATOM   144  O  O   . VAL A 1 22  ? -5.584  0.554   2.484   1.00 20.58  ? 22  VAL A O   1 
ATOM   145  C  CB  . VAL A 1 22  ? -2.532  1.730   2.753   1.00 20.45  ? 22  VAL A CB  1 
ATOM   146  C  CG1 . VAL A 1 22  ? -1.410  2.148   3.684   1.00 21.02  ? 22  VAL A CG1 1 
ATOM   147  C  CG2 . VAL A 1 22  ? -2.405  0.253   2.378   1.00 23.48  ? 22  VAL A CG2 1 
ATOM   148  N  N   . ASP A 1 23  ? -5.344  2.587   1.539   1.00 19.11  ? 23  ASP A N   1 
ATOM   149  C  CA  . ASP A 1 23  ? -6.251  2.256   0.450   1.00 19.66  ? 23  ASP A CA  1 
ATOM   150  C  C   . ASP A 1 23  ? -6.096  3.280   -0.664  1.00 22.92  ? 23  ASP A C   1 
ATOM   151  O  O   . ASP A 1 23  ? -5.601  4.392   -0.453  1.00 20.77  ? 23  ASP A O   1 
ATOM   152  C  CB  . ASP A 1 23  ? -7.710  2.211   0.906   1.00 23.97  ? 23  ASP A CB  1 
ATOM   153  C  CG  . ASP A 1 23  ? -8.524  1.185   0.138   1.00 26.37  ? 23  ASP A CG  1 
ATOM   154  O  OD1 . ASP A 1 23  ? -8.002  0.581   -0.828  1.00 27.04  ? 23  ASP A OD1 1 
ATOM   155  O  OD2 . ASP A 1 23  ? -9.690  0.979   0.510   1.00 28.88  ? 23  ASP A OD2 1 
ATOM   156  N  N   . GLY A 1 24  ? -6.555  2.888   -1.847  1.00 19.70  ? 24  GLY A N   1 
ATOM   157  C  CA  . GLY A 1 24  ? -6.581  3.780   -2.990  1.00 23.56  ? 24  GLY A CA  1 
ATOM   158  C  C   . GLY A 1 24  ? -7.810  3.477   -3.815  1.00 26.97  ? 24  GLY A C   1 
ATOM   159  O  O   . GLY A 1 24  ? -8.376  2.380   -3.747  1.00 28.90  ? 24  GLY A O   1 
ATOM   160  N  N   . ALA A 1 25  ? -8.223  4.468   -4.596  1.00 25.26  ? 25  ALA A N   1 
ATOM   161  C  CA  . ALA A 1 25  ? -9.385  4.304   -5.451  1.00 30.37  ? 25  ALA A CA  1 
ATOM   162  C  C   . ALA A 1 25  ? -9.238  5.223   -6.654  1.00 28.87  ? 25  ALA A C   1 
ATOM   163  O  O   . ALA A 1 25  ? -8.794  6.363   -6.508  1.00 21.66  ? 25  ALA A O   1 
ATOM   164  C  CB  . ALA A 1 25  ? -10.666 4.624   -4.686  1.00 30.32  ? 25  ALA A CB  1 
ATOM   165  N  N   . ALA A 1 26  ? -9.608  4.725   -7.833  1.00 33.19  ? 26  ALA A N   1 
ATOM   166  C  CA  . ALA A 1 26  ? -9.558  5.534   -9.042  1.00 28.49  ? 26  ALA A CA  1 
ATOM   167  C  C   . ALA A 1 26  ? -10.798 5.282   -9.885  1.00 31.32  ? 26  ALA A C   1 
ATOM   168  O  O   . ALA A 1 26  ? -11.488 4.270   -9.734  1.00 33.89  ? 26  ALA A O   1 
ATOM   169  C  CB  . ALA A 1 26  ? -8.297  5.251   -9.869  1.00 26.61  ? 26  ALA A CB  1 
ATOM   170  N  N   . ASN A 1 27  ? -11.071 6.227   -10.781 1.00 23.76  ? 27  ASN A N   1 
ATOM   171  C  CA  . ASN A 1 27  ? -12.166 6.132   -11.734 1.00 25.27  ? 27  ASN A CA  1 
ATOM   172  C  C   . ASN A 1 27  ? -11.599 6.034   -13.145 1.00 30.13  ? 27  ASN A C   1 
ATOM   173  O  O   . ASN A 1 27  ? -10.788 6.876   -13.548 1.00 27.55  ? 27  ASN A O   1 
ATOM   174  C  CB  . ASN A 1 27  ? -13.092 7.340   -11.605 1.00 27.79  ? 27  ASN A CB  1 
ATOM   175  C  CG  . ASN A 1 27  ? -14.089 7.413   -12.721 1.00 32.70  ? 27  ASN A CG  1 
ATOM   176  O  OD1 . ASN A 1 27  ? -15.047 6.652   -12.748 1.00 32.47  ? 27  ASN A OD1 1 
ATOM   177  N  ND2 . ASN A 1 27  ? -13.885 8.338   -13.645 1.00 28.22  ? 27  ASN A ND2 1 
ATOM   178  N  N   . ARG A 1 28  ? -12.010 4.996   -13.886 1.00 26.28  ? 28  ARG A N   1 
ATOM   179  C  CA  . ARG A 1 28  ? -11.430 4.738   -15.204 1.00 29.22  ? 28  ARG A CA  1 
ATOM   180  C  C   . ARG A 1 28  ? -11.821 5.797   -16.226 1.00 28.64  ? 28  ARG A C   1 
ATOM   181  O  O   . ARG A 1 28  ? -11.070 6.038   -17.178 1.00 27.65  ? 28  ARG A O   1 
ATOM   182  C  CB  . ARG A 1 28  ? -11.864 3.367   -15.733 1.00 31.58  ? 28  ARG A CB  1 
ATOM   183  C  CG  . ARG A 1 28  ? -11.522 2.169   -14.885 1.00 43.54  ? 28  ARG A CG  1 
ATOM   184  C  CD  . ARG A 1 28  ? -11.686 0.913   -15.737 1.00 48.71  ? 28  ARG A CD  1 
ATOM   185  N  NE  . ARG A 1 28  ? -11.256 -0.303  -15.060 1.00 62.27  ? 28  ARG A NE  1 
ATOM   186  C  CZ  . ARG A 1 28  ? -10.668 -1.324  -15.668 1.00 71.32  ? 28  ARG A CZ  1 
ATOM   187  N  NH1 . ARG A 1 28  ? -10.411 -1.303  -16.966 1.00 64.07  ? 28  ARG A NH1 1 
ATOM   188  N  NH2 . ARG A 1 28  ? -10.323 -2.393  -14.955 1.00 75.91  ? 28  ARG A NH2 1 
ATOM   189  N  N   . GLU A 1 29  ? -12.994 6.410   -16.063 1.00 30.07  ? 29  GLU A N   1 
ATOM   190  C  CA  . GLU A 1 29  ? -13.517 7.327   -17.073 1.00 30.93  ? 29  GLU A CA  1 
ATOM   191  C  C   . GLU A 1 29  ? -12.771 8.659   -17.070 1.00 29.03  ? 29  GLU A C   1 
ATOM   192  O  O   . GLU A 1 29  ? -12.663 9.310   -18.116 1.00 28.25  ? 29  GLU A O   1 
ATOM   193  C  CB  . GLU A 1 29  ? -15.010 7.553   -16.838 1.00 28.12  ? 29  GLU A CB  1 
ATOM   194  C  CG  . GLU A 1 29  ? -15.922 6.386   -17.273 1.00 25.01  ? 29  GLU A CG  1 
ATOM   195  C  CD  . GLU A 1 29  ? -15.899 5.199   -16.313 1.00 33.73  ? 29  GLU A CD  1 
ATOM   196  O  OE1 . GLU A 1 29  ? -15.457 5.369   -15.151 1.00 26.70  ? 29  GLU A OE1 1 
ATOM   197  O  OE2 . GLU A 1 29  ? -16.337 4.095   -16.725 1.00 31.49  ? 29  GLU A OE2 1 
ATOM   198  N  N   . THR A 1 30  ? -12.264 9.075   -15.909 1.00 28.35  ? 30  THR A N   1 
ATOM   199  C  CA  . THR A 1 30  ? -11.548 10.335  -15.748 1.00 27.25  ? 30  THR A CA  1 
ATOM   200  C  C   . THR A 1 30  ? -10.093 10.160  -15.336 1.00 28.86  ? 30  THR A C   1 
ATOM   201  O  O   . THR A 1 30  ? -9.316  11.122  -15.439 1.00 24.52  ? 30  THR A O   1 
ATOM   202  C  CB  . THR A 1 30  ? -12.256 11.213  -14.701 1.00 28.24  ? 30  THR A CB  1 
ATOM   203  O  OG1 . THR A 1 30  ? -12.171 10.573  -13.424 1.00 30.18  ? 30  THR A OG1 1 
ATOM   204  C  CG2 . THR A 1 30  ? -13.737 11.399  -15.055 1.00 27.65  ? 30  THR A CG2 1 
ATOM   205  N  N   . LYS A 1 31  ? -9.707  8.975   -14.857 1.00 26.88  ? 31  LYS A N   1 
ATOM   206  C  CA  . LYS A 1 31  ? -8.365  8.677   -14.353 1.00 26.52  ? 31  LYS A CA  1 
ATOM   207  C  C   . LYS A 1 31  ? -8.014  9.515   -13.123 1.00 24.27  ? 31  LYS A C   1 
ATOM   208  O  O   . LYS A 1 31  ? -6.843  9.622   -12.744 1.00 23.91  ? 31  LYS A O   1 
ATOM   209  C  CB  . LYS A 1 31  ? -7.306  8.825   -15.454 1.00 29.60  ? 31  LYS A CB  1 
ATOM   210  C  CG  . LYS A 1 31  ? -7.509  7.828   -16.601 1.00 34.41  ? 31  LYS A CG  1 
ATOM   211  C  CD  . LYS A 1 31  ? -6.244  7.626   -17.428 1.00 45.11  ? 31  LYS A CD  1 
ATOM   212  C  CE  . LYS A 1 31  ? -5.413  6.473   -16.870 1.00 60.64  ? 31  LYS A CE  1 
ATOM   213  N  NZ  . LYS A 1 31  ? -4.774  5.643   -17.932 1.00 55.05  ? 31  LYS A NZ  1 
ATOM   214  N  N   . LEU A 1 32  ? -9.024  10.088  -12.482 1.00 24.73  ? 32  LEU A N   1 
ATOM   215  C  CA  . LEU A 1 32  ? -8.857  10.718  -11.183 1.00 24.50  ? 32  LEU A CA  1 
ATOM   216  C  C   . LEU A 1 32  ? -8.910  9.662   -10.085 1.00 24.60  ? 32  LEU A C   1 
ATOM   217  O  O   . LEU A 1 32  ? -9.580  8.636   -10.215 1.00 26.98  ? 32  LEU A O   1 
ATOM   218  C  CB  . LEU A 1 32  ? -9.955  11.748  -10.953 1.00 24.41  ? 32  LEU A CB  1 
ATOM   219  C  CG  . LEU A 1 32  ? -10.064 12.800  -12.056 1.00 28.08  ? 32  LEU A CG  1 
ATOM   220  C  CD1 . LEU A 1 32  ? -11.368 13.575  -11.914 1.00 28.06  ? 32  LEU A CD1 1 
ATOM   221  C  CD2 . LEU A 1 32  ? -8.866  13.709  -11.976 1.00 23.68  ? 32  LEU A CD2 1 
ATOM   222  N  N   . GLY A 1 33  ? -8.197  9.925   -8.994  1.00 26.32  ? 33  GLY A N   1 
ATOM   223  C  CA  . GLY A 1 33  ? -8.132  8.956   -7.919  1.00 26.45  ? 33  GLY A CA  1 
ATOM   224  C  C   . GLY A 1 33  ? -7.633  9.591   -6.640  1.00 29.07  ? 33  GLY A C   1 
ATOM   225  O  O   . GLY A 1 33  ? -7.264  10.766  -6.608  1.00 25.50  ? 33  GLY A O   1 
ATOM   226  N  N   . LYS A 1 34  ? -7.634  8.784   -5.573  1.00 27.18  ? 34  LYS A N   1 
ATOM   227  C  CA  . LYS A 1 34  ? -7.154  9.209   -4.263  1.00 24.14  ? 34  LYS A CA  1 
ATOM   228  C  C   . LYS A 1 34  ? -6.424  8.049   -3.597  1.00 25.96  ? 34  LYS A C   1 
ATOM   229  O  O   . LYS A 1 34  ? -6.801  6.886   -3.770  1.00 24.82  ? 34  LYS A O   1 
ATOM   230  C  CB  . LYS A 1 34  ? -8.306  9.670   -3.349  1.00 24.19  ? 34  LYS A CB  1 
ATOM   231  C  CG  . LYS A 1 34  ? -9.025  10.952  -3.776  1.00 28.01  ? 34  LYS A CG  1 
ATOM   232  C  CD  . LYS A 1 34  ? -10.156 11.263  -2.800  1.00 27.85  ? 34  LYS A CD  1 
ATOM   233  C  CE  . LYS A 1 34  ? -10.845 12.587  -3.102  1.00 26.51  ? 34  LYS A CE  1 
ATOM   234  N  NZ  . LYS A 1 34  ? -11.898 12.849  -2.082  1.00 26.11  ? 34  LYS A NZ  1 
ATOM   235  N  N   . ALA A 1 35  ? -5.383  8.372   -2.827  1.00 25.06  ? 35  ALA A N   1 
ATOM   236  C  CA  . ALA A 1 35  ? -4.640  7.377   -2.058  1.00 25.11  ? 35  ALA A CA  1 
ATOM   237  C  C   . ALA A 1 35  ? -4.359  7.930   -0.669  1.00 25.30  ? 35  ALA A C   1 
ATOM   238  O  O   . ALA A 1 35  ? -4.145  9.135   -0.504  1.00 27.24  ? 35  ALA A O   1 
ATOM   239  C  CB  . ALA A 1 35  ? -3.319  6.993   -2.739  1.00 24.17  ? 35  ALA A CB  1 
ATOM   240  N  N   . GLY A 1 36  ? -4.365  7.056   0.333   1.00 23.73  ? 36  GLY A N   1 
ATOM   241  C  CA  . GLY A 1 36  ? -4.153  7.550   1.680   1.00 24.92  ? 36  GLY A CA  1 
ATOM   242  C  C   . GLY A 1 36  ? -4.094  6.445   2.713   1.00 27.65  ? 36  GLY A C   1 
ATOM   243  O  O   . GLY A 1 36  ? -3.977  5.258   2.391   1.00 21.46  ? 36  GLY A O   1 
ATOM   244  N  N   . TYR A 1 37  ? -4.139  6.874   3.974   1.00 22.64  ? 37  TYR A N   1 
ATOM   245  C  CA  . TYR A 1 37  ? -4.074  5.963   5.105   1.00 26.03  ? 37  TYR A CA  1 
ATOM   246  C  C   . TYR A 1 37  ? -4.763  6.587   6.308   1.00 25.96  ? 37  TYR A C   1 
ATOM   247  O  O   . TYR A 1 37  ? -4.895  7.809   6.413   1.00 27.94  ? 37  TYR A O   1 
ATOM   248  C  CB  . TYR A 1 37  ? -2.623  5.592   5.463   1.00 23.94  ? 37  TYR A CB  1 
ATOM   249  C  CG  . TYR A 1 37  ? -1.720  6.745   5.853   1.00 24.46  ? 37  TYR A CG  1 
ATOM   250  C  CD1 . TYR A 1 37  ? -1.840  7.368   7.095   1.00 26.63  ? 37  TYR A CD1 1 
ATOM   251  C  CD2 . TYR A 1 37  ? -0.703  7.179   4.996   1.00 26.89  ? 37  TYR A CD2 1 
ATOM   252  C  CE1 . TYR A 1 37  ? -1.008  8.412   7.456   1.00 28.78  ? 37  TYR A CE1 1 
ATOM   253  C  CE2 . TYR A 1 37  ? 0.142   8.224   5.356   1.00 25.66  ? 37  TYR A CE2 1 
ATOM   254  C  CZ  . TYR A 1 37  ? -0.018  8.834   6.591   1.00 29.68  ? 37  TYR A CZ  1 
ATOM   255  O  OH  . TYR A 1 37  ? 0.816   9.868   6.963   1.00 29.27  ? 37  TYR A OH  1 
ATOM   256  N  N   . VAL A 1 38  ? -5.215  5.719   7.209   1.00 27.76  ? 38  VAL A N   1 
ATOM   257  C  CA  . VAL A 1 38  ? -5.533  6.085   8.583   1.00 27.14  ? 38  VAL A CA  1 
ATOM   258  C  C   . VAL A 1 38  ? -4.761  5.127   9.481   1.00 29.31  ? 38  VAL A C   1 
ATOM   259  O  O   . VAL A 1 38  ? -4.525  3.970   9.117   1.00 24.83  ? 38  VAL A O   1 
ATOM   260  C  CB  . VAL A 1 38  ? -7.050  6.032   8.872   1.00 30.53  ? 38  VAL A CB  1 
ATOM   261  C  CG1 . VAL A 1 38  ? -7.804  6.993   7.963   1.00 27.86  ? 38  VAL A CG1 1 
ATOM   262  C  CG2 . VAL A 1 38  ? -7.584  4.619   8.707   1.00 29.28  ? 38  VAL A CG2 1 
ATOM   263  N  N   . THR A 1 39  ? -4.332  5.617   10.648  1.00 27.68  ? 39  THR A N   1 
ATOM   264  C  CA  . THR A 1 39  ? -3.510  4.817   11.549  1.00 27.76  ? 39  THR A CA  1 
ATOM   265  C  C   . THR A 1 39  ? -4.168  4.692   12.919  1.00 30.85  ? 39  THR A C   1 
ATOM   266  O  O   . THR A 1 39  ? -5.077  5.449   13.271  1.00 30.72  ? 39  THR A O   1 
ATOM   267  C  CB  . THR A 1 39  ? -2.094  5.397   11.722  1.00 28.61  ? 39  THR A CB  1 
ATOM   268  O  OG1 . THR A 1 39  ? -2.084  6.343   12.798  1.00 29.74  ? 39  THR A OG1 1 
ATOM   269  C  CG2 . THR A 1 39  ? -1.595  6.067   10.436  1.00 27.86  ? 39  THR A CG2 1 
ATOM   270  N  N   . ASN A 1 40  ? -3.685  3.723   13.699  1.00 30.59  ? 40  ASN A N   1 
ATOM   271  C  CA  . ASN A 1 40  ? -4.230  3.466   15.030  1.00 30.84  ? 40  ASN A CA  1 
ATOM   272  C  C   . ASN A 1 40  ? -3.641  4.378   16.095  1.00 33.96  ? 40  ASN A C   1 
ATOM   273  O  O   . ASN A 1 40  ? -3.903  4.168   17.284  1.00 37.23  ? 40  ASN A O   1 
ATOM   274  C  CB  . ASN A 1 40  ? -4.016  1.998   15.421  1.00 32.80  ? 40  ASN A CB  1 
ATOM   275  C  CG  . ASN A 1 40  ? -2.551  1.654   15.637  1.00 31.42  ? 40  ASN A CG  1 
ATOM   276  O  OD1 . ASN A 1 40  ? -1.660  2.300   15.087  1.00 28.09  ? 40  ASN A OD1 1 
ATOM   277  N  ND2 . ASN A 1 40  ? -2.298  0.612   16.433  1.00 32.09  ? 40  ASN A ND2 1 
ATOM   278  N  N   . ARG A 1 41  ? -2.834  5.362   15.702  1.00 31.99  ? 41  ARG A N   1 
ATOM   279  C  CA  . ARG A 1 41  ? -2.411  6.437   16.589  1.00 32.88  ? 41  ARG A CA  1 
ATOM   280  C  C   . ARG A 1 41  ? -2.994  7.778   16.152  1.00 37.22  ? 41  ARG A C   1 
ATOM   281  O  O   . ARG A 1 41  ? -2.415  8.832   16.418  1.00 41.92  ? 41  ARG A O   1 
ATOM   282  C  CB  . ARG A 1 41  ? -0.888  6.505   16.667  1.00 38.56  ? 41  ARG A CB  1 
ATOM   283  C  CG  . ARG A 1 41  ? -0.284  5.304   17.362  1.00 39.30  ? 41  ARG A CG  1 
ATOM   284  C  CD  . ARG A 1 41  ? 1.202   5.451   17.591  1.00 43.40  ? 41  ARG A CD  1 
ATOM   285  N  NE  . ARG A 1 41  ? 1.766   4.200   18.082  1.00 43.46  ? 41  ARG A NE  1 
ATOM   286  C  CZ  . ARG A 1 41  ? 3.059   3.914   18.107  1.00 45.13  ? 41  ARG A CZ  1 
ATOM   287  N  NH1 . ARG A 1 41  ? 3.970   4.796   17.728  1.00 44.56  ? 41  ARG A NH1 1 
ATOM   288  N  NH2 . ARG A 1 41  ? 3.449   2.716   18.534  1.00 42.76  ? 41  ARG A NH2 1 
ATOM   289  N  N   . GLY A 1 42  ? -4.136  7.748   15.476  1.00 37.54  ? 42  GLY A N   1 
ATOM   290  C  CA  . GLY A 1 42  ? -4.845  8.966   15.121  1.00 38.12  ? 42  GLY A CA  1 
ATOM   291  C  C   . GLY A 1 42  ? -4.175  9.838   14.081  1.00 38.69  ? 42  GLY A C   1 
ATOM   292  O  O   . GLY A 1 42  ? -4.224  11.070  14.187  1.00 40.87  ? 42  GLY A O   1 
ATOM   293  N  N   . ARG A 1 43  ? -3.536  9.234   13.087  1.00 32.98  ? 43  ARG A N   1 
ATOM   294  C  CA  . ARG A 1 43  ? -3.008  9.953   11.936  1.00 34.21  ? 43  ARG A CA  1 
ATOM   295  C  C   . ARG A 1 43  ? -3.847  9.622   10.712  1.00 31.47  ? 43  ARG A C   1 
ATOM   296  O  O   . ARG A 1 43  ? -4.451  8.549   10.631  1.00 31.63  ? 43  ARG A O   1 
ATOM   297  C  CB  . ARG A 1 43  ? -1.546  9.586   11.663  1.00 37.12  ? 43  ARG A CB  1 
ATOM   298  C  CG  . ARG A 1 43  ? -0.565  10.079  12.692  1.00 40.31  ? 43  ARG A CG  1 
ATOM   299  C  CD  . ARG A 1 43  ? 0.797   10.317  12.060  1.00 45.83  ? 43  ARG A CD  1 
ATOM   300  N  NE  . ARG A 1 43  ? 1.695   9.186   12.264  1.00 37.78  ? 43  ARG A NE  1 
ATOM   301  C  CZ  . ARG A 1 43  ? 2.946   9.130   11.828  1.00 40.02  ? 43  ARG A CZ  1 
ATOM   302  N  NH1 . ARG A 1 43  ? 3.468   10.102  11.093  1.00 40.65  ? 43  ARG A NH1 1 
ATOM   303  N  NH2 . ARG A 1 43  ? 3.696   8.080   12.145  1.00 39.16  ? 43  ARG A NH2 1 
ATOM   304  N  N   . GLN A 1 44  ? -3.881  10.548  9.754   1.00 31.12  ? 44  GLN A N   1 
ATOM   305  C  CA  . GLN A 1 44  ? -4.478  10.227  8.467   1.00 29.99  ? 44  GLN A CA  1 
ATOM   306  C  C   . GLN A 1 44  ? -3.939  11.180  7.411   1.00 33.36  ? 44  GLN A C   1 
ATOM   307  O  O   . GLN A 1 44  ? -3.521  12.301  7.715   1.00 31.16  ? 44  GLN A O   1 
ATOM   308  C  CB  . GLN A 1 44  ? -6.008  10.280  8.513   1.00 31.29  ? 44  GLN A CB  1 
ATOM   309  C  CG  . GLN A 1 44  ? -6.624  11.626  8.142   1.00 40.95  ? 44  GLN A CG  1 
ATOM   310  C  CD  . GLN A 1 44  ? -8.142  11.575  8.082   1.00 42.59  ? 44  GLN A CD  1 
ATOM   311  O  OE1 . GLN A 1 44  ? -8.789  10.941  8.918   1.00 39.97  ? 44  GLN A OE1 1 
ATOM   312  N  NE2 . GLN A 1 44  ? -8.718  12.234  7.082   1.00 42.25  ? 44  GLN A NE2 1 
ATOM   313  N  N   . LYS A 1 45  ? -3.934  10.706  6.169   1.00 29.56  ? 45  LYS A N   1 
ATOM   314  C  CA  . LYS A 1 45  ? -3.536  11.516  5.028   1.00 28.62  ? 45  LYS A CA  1 
ATOM   315  C  C   . LYS A 1 45  ? -4.288  10.992  3.817   1.00 31.50  ? 45  LYS A C   1 
ATOM   316  O  O   . LYS A 1 45  ? -4.427  9.780   3.658   1.00 26.57  ? 45  LYS A O   1 
ATOM   317  C  CB  . LYS A 1 45  ? -2.022  11.460  4.784   1.00 31.08  ? 45  LYS A CB  1 
ATOM   318  C  CG  . LYS A 1 45  ? -1.580  12.124  3.481   1.00 31.40  ? 45  LYS A CG  1 
ATOM   319  C  CD  . LYS A 1 45  ? -0.069  12.072  3.275   1.00 28.57  ? 45  LYS A CD  1 
ATOM   320  C  CE  . LYS A 1 45  ? 0.647   13.102  4.140   1.00 30.38  ? 45  LYS A CE  1 
ATOM   321  N  NZ  . LYS A 1 45  ? 2.090   12.787  4.303   1.00 33.40  ? 45  LYS A NZ  1 
ATOM   322  N  N   . VAL A 1 46  ? -4.799  11.902  2.990   1.00 29.54  ? 46  VAL A N   1 
ATOM   323  C  CA  . VAL A 1 46  ? -5.420  11.555  1.714   1.00 29.34  ? 46  VAL A CA  1 
ATOM   324  C  C   . VAL A 1 46  ? -4.877  12.505  0.661   1.00 30.80  ? 46  VAL A C   1 
ATOM   325  O  O   . VAL A 1 46  ? -4.867  13.723  0.870   1.00 34.12  ? 46  VAL A O   1 
ATOM   326  C  CB  . VAL A 1 46  ? -6.960  11.640  1.753   1.00 29.51  ? 46  VAL A CB  1 
ATOM   327  C  CG1 . VAL A 1 46  ? -7.553  11.073  0.462   1.00 29.90  ? 46  VAL A CG1 1 
ATOM   328  C  CG2 . VAL A 1 46  ? -7.524  10.896  2.949   1.00 32.56  ? 46  VAL A CG2 1 
ATOM   329  N  N   . VAL A 1 47  ? -4.420  11.957  -0.457  1.00 30.63  ? 47  VAL A N   1 
ATOM   330  C  CA  . VAL A 1 47  ? -3.913  12.755  -1.564  1.00 29.84  ? 47  VAL A CA  1 
ATOM   331  C  C   . VAL A 1 47  ? -4.816  12.522  -2.765  1.00 32.08  ? 47  VAL A C   1 
ATOM   332  O  O   . VAL A 1 47  ? -5.321  11.415  -2.966  1.00 31.17  ? 47  VAL A O   1 
ATOM   333  C  CB  . VAL A 1 47  ? -2.443  12.421  -1.901  1.00 28.16  ? 47  VAL A CB  1 
ATOM   334  C  CG1 . VAL A 1 47  ? -1.564  12.606  -0.674  1.00 29.68  ? 47  VAL A CG1 1 
ATOM   335  C  CG2 . VAL A 1 47  ? -2.308  11.006  -2.440  1.00 34.50  ? 47  VAL A CG2 1 
ATOM   336  N  N   . THR A 1 48  ? -5.047  13.572  -3.541  1.00 30.36  ? 48  THR A N   1 
ATOM   337  C  CA  . THR A 1 48  ? -5.818  13.459  -4.768  1.00 29.86  ? 48  THR A CA  1 
ATOM   338  C  C   . THR A 1 48  ? -4.851  13.393  -5.943  1.00 30.53  ? 48  THR A C   1 
ATOM   339  O  O   . THR A 1 48  ? -3.822  14.076  -5.950  1.00 30.30  ? 48  THR A O   1 
ATOM   340  C  CB  . THR A 1 48  ? -6.785  14.639  -4.907  1.00 31.63  ? 48  THR A CB  1 
ATOM   341  O  OG1 . THR A 1 48  ? -7.746  14.582  -3.845  1.00 29.22  ? 48  THR A OG1 1 
ATOM   342  C  CG2 . THR A 1 48  ? -7.525  14.575  -6.231  1.00 35.51  ? 48  THR A CG2 1 
ATOM   343  N  N   . LEU A 1 49  ? -5.164  12.548  -6.924  1.00 28.58  ? 49  LEU A N   1 
ATOM   344  C  CA  . LEU A 1 49  ? -4.238  12.255  -8.010  1.00 28.00  ? 49  LEU A CA  1 
ATOM   345  C  C   . LEU A 1 49  ? -4.945  12.344  -9.356  1.00 25.65  ? 49  LEU A C   1 
ATOM   346  O  O   . LEU A 1 49  ? -6.149  12.109  -9.458  1.00 28.00  ? 49  LEU A O   1 
ATOM   347  C  CB  . LEU A 1 49  ? -3.628  10.857  -7.836  1.00 29.65  ? 49  LEU A CB  1 
ATOM   348  C  CG  . LEU A 1 49  ? -2.781  10.642  -6.578  1.00 30.53  ? 49  LEU A CG  1 
ATOM   349  C  CD1 . LEU A 1 49  ? -2.871  9.195   -6.101  1.00 29.18  ? 49  LEU A CD1 1 
ATOM   350  C  CD2 . LEU A 1 49  ? -1.337  11.035  -6.834  1.00 34.94  ? 49  LEU A CD2 1 
ATOM   351  N  N   . THR A 1 50  ? -4.184  12.684  -10.394 1.00 26.13  ? 50  THR A N   1 
ATOM   352  C  CA  . THR A 1 50  ? -4.679  12.621  -11.764 1.00 27.00  ? 50  THR A CA  1 
ATOM   353  C  C   . THR A 1 50  ? -3.904  11.573  -12.545 1.00 26.30  ? 50  THR A C   1 
ATOM   354  O  O   . THR A 1 50  ? -2.823  11.143  -12.137 1.00 27.61  ? 50  THR A O   1 
ATOM   355  C  CB  . THR A 1 50  ? -4.547  13.966  -12.484 1.00 28.13  ? 50  THR A CB  1 
ATOM   356  O  OG1 . THR A 1 50  ? -3.160  14.305  -12.592 1.00 28.17  ? 50  THR A OG1 1 
ATOM   357  C  CG2 . THR A 1 50  ? -5.293  15.066  -11.739 1.00 24.14  ? 50  THR A CG2 1 
ATOM   358  N  N   . ASP A 1 51  ? -4.467  11.173  -13.691 1.00 23.04  ? 51  ASP A N   1 
ATOM   359  C  CA  . ASP A 1 51  ? -3.765  10.309  -14.641 1.00 26.34  ? 51  ASP A CA  1 
ATOM   360  C  C   . ASP A 1 51  ? -3.365  8.977   -14.006 1.00 28.64  ? 51  ASP A C   1 
ATOM   361  O  O   . ASP A 1 51  ? -2.244  8.500   -14.187 1.00 29.42  ? 51  ASP A O   1 
ATOM   362  C  CB  . ASP A 1 51  ? -2.532  11.017  -15.200 1.00 26.20  ? 51  ASP A CB  1 
ATOM   363  C  CG  . ASP A 1 51  ? -2.848  12.411  -15.697 1.00 29.01  ? 51  ASP A CG  1 
ATOM   364  O  OD1 . ASP A 1 51  ? -3.660  12.519  -16.632 1.00 33.14  ? 51  ASP A OD1 1 
ATOM   365  O  OD2 . ASP A 1 51  ? -2.305  13.386  -15.139 1.00 30.38  ? 51  ASP A OD2 1 
ATOM   366  N  N   . THR A 1 52  ? -4.283  8.367   -13.263 1.00 27.01  ? 52  THR A N   1 
ATOM   367  C  CA  . THR A 1 52  ? -3.926  7.229   -12.426 1.00 25.29  ? 52  THR A CA  1 
ATOM   368  C  C   . THR A 1 52  ? -4.886  6.063   -12.660 1.00 30.70  ? 52  THR A C   1 
ATOM   369  O  O   . THR A 1 52  ? -5.847  6.155   -13.436 1.00 28.50  ? 52  THR A O   1 
ATOM   370  C  CB  . THR A 1 52  ? -3.898  7.640   -10.948 1.00 24.40  ? 52  THR A CB  1 
ATOM   371  O  OG1 . THR A 1 52  ? -3.249  6.618   -10.178 1.00 24.89  ? 52  THR A OG1 1 
ATOM   372  C  CG2 . THR A 1 52  ? -5.309  7.867   -10.423 1.00 24.27  ? 52  THR A CG2 1 
ATOM   373  N  N   . THR A 1 53  ? -4.589  4.942   -11.994 1.00 25.81  ? 53  THR A N   1 
ATOM   374  C  CA  . THR A 1 53  ? -5.380  3.720   -12.072 1.00 30.06  ? 53  THR A CA  1 
ATOM   375  C  C   . THR A 1 53  ? -5.544  3.152   -10.669 1.00 30.51  ? 53  THR A C   1 
ATOM   376  O  O   . THR A 1 53  ? -4.820  3.519   -9.736  1.00 26.65  ? 53  THR A O   1 
ATOM   377  C  CB  . THR A 1 53  ? -4.734  2.653   -12.970 1.00 31.43  ? 53  THR A CB  1 
ATOM   378  O  OG1 . THR A 1 53  ? -3.579  2.111   -12.310 1.00 31.81  ? 53  THR A OG1 1 
ATOM   379  C  CG2 . THR A 1 53  ? -4.326  3.239   -14.325 1.00 34.31  ? 53  THR A CG2 1 
ATOM   380  N  N   . ASN A 1 54  ? -6.497  2.226   -10.534 1.00 29.42  ? 54  ASN A N   1 
ATOM   381  C  CA  . ASN A 1 54  ? -6.784  1.635   -9.229  1.00 32.05  ? 54  ASN A CA  1 
ATOM   382  C  C   . ASN A 1 54  ? -5.539  0.987   -8.641  1.00 28.92  ? 54  ASN A C   1 
ATOM   383  O  O   . ASN A 1 54  ? -5.191  1.219   -7.477  1.00 29.28  ? 54  ASN A O   1 
ATOM   384  C  CB  . ASN A 1 54  ? -7.916  0.615   -9.354  1.00 31.77  ? 54  ASN A CB  1 
ATOM   385  C  CG  . ASN A 1 54  ? -9.281  1.250   -9.221  1.00 35.96  ? 54  ASN A CG  1 
ATOM   386  O  OD1 . ASN A 1 54  ? -9.650  1.732   -8.152  1.00 34.19  ? 54  ASN A OD1 1 
ATOM   387  N  ND2 . ASN A 1 54  ? -10.042 1.257   -10.310 1.00 42.13  ? 54  ASN A ND2 1 
ATOM   388  N  N   . GLN A 1 55  ? -4.842  0.182   -9.442  1.00 29.45  ? 55  GLN A N   1 
ATOM   389  C  CA  . GLN A 1 55  ? -3.620  -0.450  -8.964  1.00 29.83  ? 55  GLN A CA  1 
ATOM   390  C  C   . GLN A 1 55  ? -2.577  0.589   -8.570  1.00 29.75  ? 55  GLN A C   1 
ATOM   391  O  O   . GLN A 1 55  ? -1.859  0.418   -7.578  1.00 24.33  ? 55  GLN A O   1 
ATOM   392  C  CB  . GLN A 1 55  ? -3.082  -1.396  -10.038 1.00 31.14  ? 55  GLN A CB  1 
ATOM   393  C  CG  . GLN A 1 55  ? -4.024  -2.556  -10.315 1.00 32.33  ? 55  GLN A CG  1 
ATOM   394  C  CD  . GLN A 1 55  ? -3.418  -3.610  -11.221 1.00 35.76  ? 55  GLN A CD  1 
ATOM   395  O  OE1 . GLN A 1 55  ? -2.434  -3.360  -11.913 1.00 40.82  ? 55  GLN A OE1 1 
ATOM   396  N  NE2 . GLN A 1 55  ? -3.987  -4.807  -11.194 1.00 40.63  ? 55  GLN A NE2 1 
ATOM   397  N  N   . LYS A 1 56  ? -2.481  1.681   -9.332  1.00 27.16  ? 56  LYS A N   1 
ATOM   398  C  CA  . LYS A 1 56  ? -1.518  2.721   -8.982  1.00 27.84  ? 56  LYS A CA  1 
ATOM   399  C  C   . LYS A 1 56  ? -1.869  3.389   -7.657  1.00 26.36  ? 56  LYS A C   1 
ATOM   400  O  O   . LYS A 1 56  ? -0.971  3.707   -6.870  1.00 24.79  ? 56  LYS A O   1 
ATOM   401  C  CB  . LYS A 1 56  ? -1.431  3.764   -10.098 1.00 26.24  ? 56  LYS A CB  1 
ATOM   402  C  CG  . LYS A 1 56  ? -0.590  3.335   -11.286 1.00 34.27  ? 56  LYS A CG  1 
ATOM   403  C  CD  . LYS A 1 56  ? -0.054  4.544   -12.038 1.00 38.04  ? 56  LYS A CD  1 
ATOM   404  C  CE  . LYS A 1 56  ? 0.968   4.139   -13.091 1.00 49.48  ? 56  LYS A CE  1 
ATOM   405  N  NZ  . LYS A 1 56  ? 2.230   4.926   -12.961 1.00 71.24  ? 56  LYS A NZ  1 
ATOM   406  N  N   . THR A 1 57  ? -3.158  3.629   -7.390  1.00 23.60  ? 57  THR A N   1 
ATOM   407  C  CA  . THR A 1 57  ? -3.503  4.294   -6.133  1.00 25.43  ? 57  THR A CA  1 
ATOM   408  C  C   . THR A 1 57  ? -3.265  3.373   -4.935  1.00 24.41  ? 57  THR A C   1 
ATOM   409  O  O   . THR A 1 57  ? -2.856  3.833   -3.862  1.00 26.04  ? 57  THR A O   1 
ATOM   410  C  CB  . THR A 1 57  ? -4.953  4.792   -6.146  1.00 24.68  ? 57  THR A CB  1 
ATOM   411  O  OG1 . THR A 1 57  ? -5.857  3.692   -6.262  1.00 23.38  ? 57  THR A OG1 1 
ATOM   412  C  CG2 . THR A 1 57  ? -5.186  5.781   -7.313  1.00 24.29  ? 57  THR A CG2 1 
ATOM   413  N  N   . GLU A 1 58  ? -3.508  2.070   -5.094  1.00 22.43  ? 58  GLU A N   1 
ATOM   414  C  CA  . GLU A 1 58  ? -3.228  1.143   -3.998  1.00 22.76  ? 58  GLU A CA  1 
ATOM   415  C  C   . GLU A 1 58  ? -1.733  1.114   -3.695  1.00 24.81  ? 58  GLU A C   1 
ATOM   416  O  O   . GLU A 1 58  ? -1.326  1.112   -2.526  1.00 25.16  ? 58  GLU A O   1 
ATOM   417  C  CB  . GLU A 1 58  ? -3.744  -0.260  -4.345  1.00 22.35  ? 58  GLU A CB  1 
ATOM   418  C  CG  . GLU A 1 58  ? -5.250  -0.368  -4.609  1.00 21.45  ? 58  GLU A CG  1 
ATOM   419  C  CD  . GLU A 1 58  ? -6.091  -0.603  -3.346  1.00 25.23  ? 58  GLU A CD  1 
ATOM   420  O  OE1 . GLU A 1 58  ? -5.531  -0.524  -2.241  1.00 22.64  ? 58  GLU A OE1 1 
ATOM   421  O  OE2 . GLU A 1 58  ? -7.314  -0.878  -3.453  1.00 23.30  ? 58  GLU A OE2 1 
ATOM   422  N  N   . LEU A 1 59  ? -0.901  1.134   -4.737  1.00 22.45  ? 59  LEU A N   1 
ATOM   423  C  CA  . LEU A 1 59  ? 0.547   1.193   -4.538  1.00 25.53  ? 59  LEU A CA  1 
ATOM   424  C  C   . LEU A 1 59  ? 0.974   2.530   -3.947  1.00 24.21  ? 59  LEU A C   1 
ATOM   425  O  O   . LEU A 1 59  ? 1.825   2.575   -3.046  1.00 24.61  ? 59  LEU A O   1 
ATOM   426  C  CB  . LEU A 1 59  ? 1.270   0.948   -5.863  1.00 24.41  ? 59  LEU A CB  1 
ATOM   427  C  CG  . LEU A 1 59  ? 1.319   -0.485  -6.409  1.00 27.80  ? 59  LEU A CG  1 
ATOM   428  C  CD1 . LEU A 1 59  ? 1.821   -0.477  -7.858  1.00 26.02  ? 59  LEU A CD1 1 
ATOM   429  C  CD2 . LEU A 1 59  ? 2.176   -1.389  -5.535  1.00 24.97  ? 59  LEU A CD2 1 
ATOM   430  N  N   . GLN A 1 60  ? 0.418   3.632   -4.457  1.00 27.45  ? 60  GLN A N   1 
ATOM   431  C  CA  . GLN A 1 60  ? 0.751   4.948   -3.919  1.00 27.32  ? 60  GLN A CA  1 
ATOM   432  C  C   . GLN A 1 60  ? 0.451   5.031   -2.426  1.00 27.48  ? 60  GLN A C   1 
ATOM   433  O  O   . GLN A 1 60  ? 1.226   5.622   -1.664  1.00 27.80  ? 60  GLN A O   1 
ATOM   434  C  CB  . GLN A 1 60  ? -0.011  6.032   -4.682  1.00 27.96  ? 60  GLN A CB  1 
ATOM   435  C  CG  . GLN A 1 60  ? 0.370   7.467   -4.303  1.00 48.54  ? 60  GLN A CG  1 
ATOM   436  C  CD  . GLN A 1 60  ? 1.823   7.805   -4.612  1.00 52.15  ? 60  GLN A CD  1 
ATOM   437  O  OE1 . GLN A 1 60  ? 2.369   7.389   -5.637  1.00 44.60  ? 60  GLN A OE1 1 
ATOM   438  N  NE2 . GLN A 1 60  ? 2.449   8.579   -3.731  1.00 45.87  ? 60  GLN A NE2 1 
ATOM   439  N  N   . ALA A 1 61  ? -0.669  4.451   -1.991  1.00 25.25  ? 61  ALA A N   1 
ATOM   440  C  CA  . ALA A 1 61  ? -1.012  4.477   -0.570  1.00 23.55  ? 61  ALA A CA  1 
ATOM   441  C  C   . ALA A 1 61  ? 0.057   3.779   0.264   1.00 24.67  ? 61  ALA A C   1 
ATOM   442  O  O   . ALA A 1 61  ? 0.478   4.293   1.309   1.00 25.21  ? 61  ALA A O   1 
ATOM   443  C  CB  . ALA A 1 61  ? -2.384  3.838   -0.347  1.00 23.40  ? 61  ALA A CB  1 
ATOM   444  N  N   . ILE A 1 62  ? 0.534   2.622   -0.195  1.00 26.39  ? 62  ILE A N   1 
ATOM   445  C  CA  . ILE A 1 62  ? 1.607   1.943   0.525   1.00 23.13  ? 62  ILE A CA  1 
ATOM   446  C  C   . ILE A 1 62  ? 2.865   2.803   0.548   1.00 26.59  ? 62  ILE A C   1 
ATOM   447  O  O   . ILE A 1 62  ? 3.580   2.855   1.558   1.00 21.20  ? 62  ILE A O   1 
ATOM   448  C  CB  . ILE A 1 62  ? 1.875   0.558   -0.090  1.00 24.59  ? 62  ILE A CB  1 
ATOM   449  C  CG1 . ILE A 1 62  ? 0.709   -0.387  0.218   1.00 24.10  ? 62  ILE A CG1 1 
ATOM   450  C  CG2 . ILE A 1 62  ? 3.184   -0.023  0.437   1.00 23.78  ? 62  ILE A CG2 1 
ATOM   451  C  CD1 . ILE A 1 62  ? 0.541   -1.490  -0.812  1.00 28.12  ? 62  ILE A CD1 1 
ATOM   452  N  N   . TYR A 1 63  ? 3.154   3.500   -0.555  1.00 25.38  ? 63  TYR A N   1 
ATOM   453  C  CA  . TYR A 1 63  ? 4.321   4.381   -0.583  1.00 29.38  ? 63  TYR A CA  1 
ATOM   454  C  C   . TYR A 1 63  ? 4.222   5.461   0.491   1.00 24.66  ? 63  TYR A C   1 
ATOM   455  O  O   . TYR A 1 63  ? 5.201   5.757   1.184   1.00 27.79  ? 63  TYR A O   1 
ATOM   456  C  CB  . TYR A 1 63  ? 4.474   5.017   -1.968  1.00 29.78  ? 63  TYR A CB  1 
ATOM   457  C  CG  . TYR A 1 63  ? 5.676   5.931   -2.076  1.00 34.73  ? 63  TYR A CG  1 
ATOM   458  C  CD1 . TYR A 1 63  ? 6.908   5.437   -2.476  1.00 35.45  ? 63  TYR A CD1 1 
ATOM   459  C  CD2 . TYR A 1 63  ? 5.581   7.285   -1.774  1.00 37.97  ? 63  TYR A CD2 1 
ATOM   460  C  CE1 . TYR A 1 63  ? 8.010   6.258   -2.575  1.00 39.65  ? 63  TYR A CE1 1 
ATOM   461  C  CE2 . TYR A 1 63  ? 6.686   8.117   -1.866  1.00 38.65  ? 63  TYR A CE2 1 
ATOM   462  C  CZ  . TYR A 1 63  ? 7.895   7.595   -2.268  1.00 42.26  ? 63  TYR A CZ  1 
ATOM   463  O  OH  . TYR A 1 63  ? 9.003   8.405   -2.372  1.00 46.57  ? 63  TYR A OH  1 
ATOM   464  N  N   . LEU A 1 64  ? 3.047   6.077   0.625   1.00 26.68  ? 64  LEU A N   1 
ATOM   465  C  CA  . LEU A 1 64  ? 2.849   7.096   1.651   1.00 26.19  ? 64  LEU A CA  1 
ATOM   466  C  C   . LEU A 1 64  ? 3.020   6.514   3.048   1.00 27.92  ? 64  LEU A C   1 
ATOM   467  O  O   . LEU A 1 64  ? 3.609   7.151   3.930   1.00 24.53  ? 64  LEU A O   1 
ATOM   468  C  CB  . LEU A 1 64  ? 1.459   7.717   1.506   1.00 26.40  ? 64  LEU A CB  1 
ATOM   469  C  CG  . LEU A 1 64  ? 1.212   8.592   0.271   1.00 28.78  ? 64  LEU A CG  1 
ATOM   470  C  CD1 . LEU A 1 64  ? -0.263  8.970   0.160   1.00 24.83  ? 64  LEU A CD1 1 
ATOM   471  C  CD2 . LEU A 1 64  ? 2.085   9.841   0.306   1.00 28.79  ? 64  LEU A CD2 1 
ATOM   472  N  N   . ALA A 1 65  ? 2.496   5.310   3.270   1.00 26.39  ? 65  ALA A N   1 
ATOM   473  C  CA  . ALA A 1 65  ? 2.655   4.670   4.572   1.00 24.95  ? 65  ALA A CA  1 
ATOM   474  C  C   . ALA A 1 65  ? 4.126   4.478   4.913   1.00 24.97  ? 65  ALA A C   1 
ATOM   475  O  O   . ALA A 1 65  ? 4.544   4.717   6.053   1.00 26.55  ? 65  ALA A O   1 
ATOM   476  C  CB  . ALA A 1 65  ? 1.912   3.337   4.586   1.00 23.96  ? 65  ALA A CB  1 
ATOM   477  N  N   . LEU A 1 66  ? 4.932   4.055   3.936   1.00 26.62  ? 66  LEU A N   1 
ATOM   478  C  CA  . LEU A 1 66  ? 6.355   3.849   4.194   1.00 24.30  ? 66  LEU A CA  1 
ATOM   479  C  C   . LEU A 1 66  ? 7.069   5.174   4.414   1.00 27.41  ? 66  LEU A C   1 
ATOM   480  O  O   . LEU A 1 66  ? 7.952   5.277   5.274   1.00 27.35  ? 66  LEU A O   1 
ATOM   481  C  CB  . LEU A 1 66  ? 6.994   3.088   3.035   1.00 27.48  ? 66  LEU A CB  1 
ATOM   482  C  CG  . LEU A 1 66  ? 6.529   1.642   2.876   1.00 27.82  ? 66  LEU A CG  1 
ATOM   483  C  CD1 . LEU A 1 66  ? 6.991   1.060   1.548   1.00 27.73  ? 66  LEU A CD1 1 
ATOM   484  C  CD2 . LEU A 1 66  ? 7.023   0.802   4.051   1.00 25.17  ? 66  LEU A CD2 1 
ATOM   485  N  N   . GLN A 1 67  ? 6.686   6.199   3.654   1.00 26.72  ? 67  GLN A N   1 
ATOM   486  C  CA  . GLN A 1 67  ? 7.330   7.503   3.762   1.00 30.34  ? 67  GLN A CA  1 
ATOM   487  C  C   . GLN A 1 67  ? 7.076   8.143   5.122   1.00 27.69  ? 67  GLN A C   1 
ATOM   488  O  O   . GLN A 1 67  ? 7.965   8.797   5.682   1.00 30.52  ? 67  GLN A O   1 
ATOM   489  C  CB  . GLN A 1 67  ? 6.827   8.406   2.634   1.00 30.14  ? 67  GLN A CB  1 
ATOM   490  C  CG  . GLN A 1 67  ? 6.971   9.898   2.867   1.00 34.37  ? 67  GLN A CG  1 
ATOM   491  C  CD  . GLN A 1 67  ? 6.217   10.709  1.830   1.00 39.49  ? 67  GLN A CD  1 
ATOM   492  O  OE1 . GLN A 1 67  ? 6.676   10.871  0.699   1.00 39.39  ? 67  GLN A OE1 1 
ATOM   493  N  NE2 . GLN A 1 67  ? 5.047   11.219  2.210   1.00 31.16  ? 67  GLN A NE2 1 
ATOM   494  N  N   . ASP A 1 68  ? 5.875   7.962   5.675   1.00 23.24  ? 68  ASP A N   1 
ATOM   495  C  CA  . ASP A 1 68  ? 5.447   8.699   6.860   1.00 27.67  ? 68  ASP A CA  1 
ATOM   496  C  C   . ASP A 1 68  ? 5.606   7.919   8.164   1.00 32.56  ? 68  ASP A C   1 
ATOM   497  O  O   . ASP A 1 68  ? 5.241   8.443   9.223   1.00 31.45  ? 68  ASP A O   1 
ATOM   498  C  CB  . ASP A 1 68  ? 3.978   9.134   6.709   1.00 24.26  ? 68  ASP A CB  1 
ATOM   499  C  CG  . ASP A 1 68  ? 3.780   10.195  5.641   1.00 28.06  ? 68  ASP A CG  1 
ATOM   500  O  OD1 . ASP A 1 68  ? 4.787   10.670  5.084   1.00 28.43  ? 68  ASP A OD1 1 
ATOM   501  O  OD2 . ASP A 1 68  ? 2.615   10.548  5.351   1.00 27.53  ? 68  ASP A OD2 1 
ATOM   502  N  N   . SER A 1 69  ? 6.147   6.703   8.129   1.00 28.04  ? 69  SER A N   1 
ATOM   503  C  CA  . SER A 1 69  ? 6.196   5.851   9.314   1.00 30.61  ? 69  SER A CA  1 
ATOM   504  C  C   . SER A 1 69  ? 7.605   5.775   9.882   1.00 29.19  ? 69  SER A C   1 
ATOM   505  O  O   . SER A 1 69  ? 8.587   6.154   9.240   1.00 31.28  ? 69  SER A O   1 
ATOM   506  C  CB  . SER A 1 69  ? 5.705   4.441   8.985   1.00 26.04  ? 69  SER A CB  1 
ATOM   507  O  OG  . SER A 1 69  ? 6.386   3.939   7.848   1.00 26.03  ? 69  SER A OG  1 
ATOM   508  N  N   . GLY A 1 70  ? 7.696   5.241   11.093  1.00 30.97  ? 70  GLY A N   1 
ATOM   509  C  CA  . GLY A 1 70  ? 8.984   4.981   11.697  1.00 29.00  ? 70  GLY A CA  1 
ATOM   510  C  C   . GLY A 1 70  ? 9.673   3.770   11.084  1.00 32.26  ? 70  GLY A C   1 
ATOM   511  O  O   . GLY A 1 70  ? 9.311   3.268   10.018  1.00 25.65  ? 70  GLY A O   1 
ATOM   512  N  N   . LEU A 1 71  ? 10.691  3.280   11.807  1.00 26.34  ? 71  LEU A N   1 
ATOM   513  C  CA  . LEU A 1 71  ? 11.533  2.195   11.311  1.00 27.21  ? 71  LEU A CA  1 
ATOM   514  C  C   . LEU A 1 71  ? 10.854  0.831   11.376  1.00 27.31  ? 71  LEU A C   1 
ATOM   515  O  O   . LEU A 1 71  ? 11.281  -0.091  10.674  1.00 28.98  ? 71  LEU A O   1 
ATOM   516  C  CB  . LEU A 1 71  ? 12.839  2.145   12.100  1.00 31.04  ? 71  LEU A CB  1 
ATOM   517  C  CG  . LEU A 1 71  ? 13.858  3.251   11.822  1.00 32.27  ? 71  LEU A CG  1 
ATOM   518  C  CD1 . LEU A 1 71  ? 14.977  3.181   12.845  1.00 36.92  ? 71  LEU A CD1 1 
ATOM   519  C  CD2 . LEU A 1 71  ? 14.401  3.119   10.405  1.00 35.45  ? 71  LEU A CD2 1 
ATOM   520  N  N   . GLU A 1 72  ? 9.835   0.675   12.215  1.00 23.90  ? 72  GLU A N   1 
ATOM   521  C  CA  . GLU A 1 72  ? 9.033   -0.541  12.295  1.00 28.57  ? 72  GLU A CA  1 
ATOM   522  C  C   . GLU A 1 72  ? 7.589   -0.179  11.971  1.00 26.08  ? 72  GLU A C   1 
ATOM   523  O  O   . GLU A 1 72  ? 7.046   0.770   12.549  1.00 25.69  ? 72  GLU A O   1 
ATOM   524  C  CB  . GLU A 1 72  ? 9.129   -1.177  13.693  1.00 26.06  ? 72  GLU A CB  1 
ATOM   525  C  CG  . GLU A 1 72  ? 10.525  -1.168  14.348  1.00 27.78  ? 72  GLU A CG  1 
ATOM   526  C  CD  . GLU A 1 72  ? 10.843  0.117   15.095  1.00 27.11  ? 72  GLU A CD  1 
ATOM   527  O  OE1 . GLU A 1 72  ? 10.025  1.052   15.041  1.00 25.39  ? 72  GLU A OE1 1 
ATOM   528  O  OE2 . GLU A 1 72  ? 11.900  0.180   15.770  1.00 27.54  ? 72  GLU A OE2 1 
ATOM   529  N  N   . VAL A 1 73  ? 6.954   -0.919  11.060  1.00 26.61  ? 73  VAL A N   1 
ATOM   530  C  CA  . VAL A 1 73  ? 5.636   -0.483  10.599  1.00 26.77  ? 73  VAL A CA  1 
ATOM   531  C  C   . VAL A 1 73  ? 4.782   -1.682  10.203  1.00 24.06  ? 73  VAL A C   1 
ATOM   532  O  O   . VAL A 1 73  ? 5.257   -2.622  9.558   1.00 22.93  ? 73  VAL A O   1 
ATOM   533  C  CB  . VAL A 1 73  ? 5.776   0.534   9.442   1.00 24.81  ? 73  VAL A CB  1 
ATOM   534  C  CG1 . VAL A 1 73  ? 6.535   -0.065  8.267   1.00 25.33  ? 73  VAL A CG1 1 
ATOM   535  C  CG2 . VAL A 1 73  ? 4.395   1.048   9.018   1.00 23.04  ? 73  VAL A CG2 1 
ATOM   536  N  N   . ASN A 1 74  ? 3.509   -1.634  10.608  1.00 25.66  ? 74  ASN A N   1 
ATOM   537  C  CA  . ASN A 1 74  ? 2.485   -2.586  10.191  1.00 24.53  ? 74  ASN A CA  1 
ATOM   538  C  C   . ASN A 1 74  ? 1.623   -1.912  9.125   1.00 25.81  ? 74  ASN A C   1 
ATOM   539  O  O   . ASN A 1 74  ? 1.188   -0.770  9.311   1.00 21.78  ? 74  ASN A O   1 
ATOM   540  C  CB  . ASN A 1 74  ? 1.603   -3.001  11.381  1.00 24.34  ? 74  ASN A CB  1 
ATOM   541  C  CG  . ASN A 1 74  ? 2.371   -3.762  12.472  1.00 25.78  ? 74  ASN A CG  1 
ATOM   542  O  OD1 . ASN A 1 74  ? 3.107   -4.706  12.196  1.00 28.89  ? 74  ASN A OD1 1 
ATOM   543  N  ND2 . ASN A 1 74  ? 2.175   -3.353  13.726  1.00 25.27  ? 74  ASN A ND2 1 
ATOM   544  N  N   . ILE A 1 75  ? 1.371   -2.611  8.018   1.00 23.31  ? 75  ILE A N   1 
ATOM   545  C  CA  . ILE A 1 75  ? 0.572   -2.069  6.919   1.00 22.89  ? 75  ILE A CA  1 
ATOM   546  C  C   . ILE A 1 75  ? -0.480  -3.096  6.512   1.00 25.28  ? 75  ILE A C   1 
ATOM   547  O  O   . ILE A 1 75  ? -0.134  -4.230  6.173   1.00 23.21  ? 75  ILE A O   1 
ATOM   548  C  CB  . ILE A 1 75  ? 1.447   -1.700  5.708   1.00 23.72  ? 75  ILE A CB  1 
ATOM   549  C  CG1 . ILE A 1 75  ? 2.488   -0.642  6.086   1.00 21.14  ? 75  ILE A CG1 1 
ATOM   550  C  CG2 . ILE A 1 75  ? 0.584   -1.195  4.554   1.00 21.89  ? 75  ILE A CG2 1 
ATOM   551  C  CD1 . ILE A 1 75  ? 3.491   -0.374  4.957   1.00 26.17  ? 75  ILE A CD1 1 
ATOM   552  N  N   . VAL A 1 76  ? -1.752  -2.687  6.518   1.00 21.05  ? 76  VAL A N   1 
ATOM   553  C  CA  . VAL A 1 76  ? -2.886  -3.526  6.116   1.00 20.12  ? 76  VAL A CA  1 
ATOM   554  C  C   . VAL A 1 76  ? -3.467  -2.971  4.817   1.00 22.22  ? 76  VAL A C   1 
ATOM   555  O  O   . VAL A 1 76  ? -3.948  -1.830  4.782   1.00 22.90  ? 76  VAL A O   1 
ATOM   556  C  CB  . VAL A 1 76  ? -3.965  -3.577  7.210   1.00 22.33  ? 76  VAL A CB  1 
ATOM   557  C  CG1 . VAL A 1 76  ? -5.193  -4.353  6.722   1.00 24.80  ? 76  VAL A CG1 1 
ATOM   558  C  CG2 . VAL A 1 76  ? -3.409  -4.201  8.484   1.00 21.31  ? 76  VAL A CG2 1 
ATOM   559  N  N   . THR A 1 77  ? -3.431  -3.774  3.753   1.00 23.37  ? 77  THR A N   1 
ATOM   560  C  CA  . THR A 1 77  ? -3.948  -3.390  2.444   1.00 22.00  ? 77  THR A CA  1 
ATOM   561  C  C   . THR A 1 77  ? -5.069  -4.345  2.041   1.00 26.39  ? 77  THR A C   1 
ATOM   562  O  O   . THR A 1 77  ? -5.139  -5.480  2.517   1.00 21.88  ? 77  THR A O   1 
ATOM   563  C  CB  . THR A 1 77  ? -2.830  -3.393  1.388   1.00 24.59  ? 77  THR A CB  1 
ATOM   564  O  OG1 . THR A 1 77  ? -3.351  -3.003  0.106   1.00 22.46  ? 77  THR A OG1 1 
ATOM   565  C  CG2 . THR A 1 77  ? -2.195  -4.782  1.280   1.00 23.81  ? 77  THR A CG2 1 
ATOM   566  N  N   . ASP A 1 78  ? -5.977  -3.885  1.175   1.00 22.27  ? 78  ASP A N   1 
ATOM   567  C  CA  . ASP A 1 78  ? -6.967  -4.796  0.607   1.00 23.28  ? 78  ASP A CA  1 
ATOM   568  C  C   . ASP A 1 78  ? -6.673  -5.119  -0.851  1.00 25.93  ? 78  ASP A C   1 
ATOM   569  O  O   . ASP A 1 78  ? -7.526  -5.683  -1.542  1.00 26.98  ? 78  ASP A O   1 
ATOM   570  C  CB  . ASP A 1 78  ? -8.397  -4.255  0.802   1.00 23.25  ? 78  ASP A CB  1 
ATOM   571  C  CG  . ASP A 1 78  ? -8.680  -2.966  0.042   1.00 28.05  ? 78  ASP A CG  1 
ATOM   572  O  OD1 . ASP A 1 78  ? -8.124  -2.751  -1.046  1.00 24.55  ? 78  ASP A OD1 1 
ATOM   573  O  OD2 . ASP A 1 78  ? -9.479  -2.156  0.556   1.00 25.92  ? 78  ASP A OD2 1 
ATOM   574  N  N   . SER A 1 79  ? -5.467  -4.811  -1.323  1.00 22.46  ? 79  SER A N   1 
ATOM   575  C  CA  . SER A 1 79  ? -5.086  -5.031  -2.713  1.00 25.86  ? 79  SER A CA  1 
ATOM   576  C  C   . SER A 1 79  ? -4.203  -6.270  -2.811  1.00 26.17  ? 79  SER A C   1 
ATOM   577  O  O   . SER A 1 79  ? -3.023  -6.223  -2.453  1.00 23.42  ? 79  SER A O   1 
ATOM   578  C  CB  . SER A 1 79  ? -4.355  -3.815  -3.272  1.00 24.36  ? 79  SER A CB  1 
ATOM   579  O  OG  . SER A 1 79  ? -3.887  -4.094  -4.576  1.00 24.94  ? 79  SER A OG  1 
ATOM   580  N  N   . GLN A 1 80  ? -4.768  -7.365  -3.327  1.00 24.70  ? 80  GLN A N   1 
ATOM   581  C  CA  . GLN A 1 80  ? -3.971  -8.567  -3.568  1.00 27.65  ? 80  GLN A CA  1 
ATOM   582  C  C   . GLN A 1 80  ? -2.829  -8.291  -4.536  1.00 25.82  ? 80  GLN A C   1 
ATOM   583  O  O   . GLN A 1 80  ? -1.728  -8.835  -4.381  1.00 26.09  ? 80  GLN A O   1 
ATOM   584  C  CB  . GLN A 1 80  ? -4.857  -9.686  -4.117  1.00 31.84  ? 80  GLN A CB  1 
ATOM   585  C  CG  . GLN A 1 80  ? -5.596  -10.491 -3.076  1.00 35.93  ? 80  GLN A CG  1 
ATOM   586  C  CD  . GLN A 1 80  ? -6.711  -11.317 -3.689  1.00 52.30  ? 80  GLN A CD  1 
ATOM   587  O  OE1 . GLN A 1 80  ? -7.645  -11.731 -3.005  1.00 58.60  ? 80  GLN A OE1 1 
ATOM   588  N  NE2 . GLN A 1 80  ? -6.621  -11.550 -4.992  1.00 53.84  ? 80  GLN A NE2 1 
ATOM   589  N  N   . TYR A 1 81  ? -3.075  -7.454  -5.548  1.00 25.19  ? 81  TYR A N   1 
ATOM   590  C  CA  . TYR A 1 81  ? -2.032  -7.130  -6.516  1.00 25.80  ? 81  TYR A CA  1 
ATOM   591  C  C   . TYR A 1 81  ? -0.866  -6.396  -5.857  1.00 28.22  ? 81  TYR A C   1 
ATOM   592  O  O   . TYR A 1 81  ? 0.304   -6.731  -6.084  1.00 25.72  ? 81  TYR A O   1 
ATOM   593  C  CB  . TYR A 1 81  ? -2.609  -6.285  -7.651  1.00 26.93  ? 81  TYR A CB  1 
ATOM   594  C  CG  . TYR A 1 81  ? -1.529  -5.561  -8.422  1.00 30.40  ? 81  TYR A CG  1 
ATOM   595  C  CD1 . TYR A 1 81  ? -0.685  -6.244  -9.294  1.00 31.15  ? 81  TYR A CD1 1 
ATOM   596  C  CD2 . TYR A 1 81  ? -1.316  -4.202  -8.237  1.00 31.09  ? 81  TYR A CD2 1 
ATOM   597  C  CE1 . TYR A 1 81  ? 0.320   -5.581  -9.985  1.00 30.83  ? 81  TYR A CE1 1 
ATOM   598  C  CE2 . TYR A 1 81  ? -0.314  -3.535  -8.918  1.00 29.63  ? 81  TYR A CE2 1 
ATOM   599  C  CZ  . TYR A 1 81  ? 0.498   -4.226  -9.790  1.00 33.99  ? 81  TYR A CZ  1 
ATOM   600  O  OH  . TYR A 1 81  ? 1.488   -3.542  -10.465 1.00 34.67  ? 81  TYR A OH  1 
ATOM   601  N  N   . ALA A 1 82  ? -1.167  -5.367  -5.059  1.00 25.20  ? 82  ALA A N   1 
ATOM   602  C  CA  . ALA A 1 82  ? -0.097  -4.593  -4.433  1.00 24.38  ? 82  ALA A CA  1 
ATOM   603  C  C   . ALA A 1 82  ? 0.751   -5.468  -3.526  1.00 25.40  ? 82  ALA A C   1 
ATOM   604  O  O   . ALA A 1 82  ? 1.985   -5.395  -3.558  1.00 28.27  ? 82  ALA A O   1 
ATOM   605  C  CB  . ALA A 1 82  ? -0.682  -3.416  -3.651  1.00 26.94  ? 82  ALA A CB  1 
ATOM   606  N  N   . LEU A 1 83  ? 0.107   -6.313  -2.716  1.00 25.58  ? 83  LEU A N   1 
ATOM   607  C  CA  . LEU A 1 83  ? 0.854   -7.222  -1.855  1.00 25.93  ? 83  LEU A CA  1 
ATOM   608  C  C   . LEU A 1 83  ? 1.692   -8.191  -2.676  1.00 29.69  ? 83  LEU A C   1 
ATOM   609  O  O   . LEU A 1 83  ? 2.862   -8.439  -2.356  1.00 27.70  ? 83  LEU A O   1 
ATOM   610  C  CB  . LEU A 1 83  ? -0.104  -7.994  -0.946  1.00 26.86  ? 83  LEU A CB  1 
ATOM   611  C  CG  . LEU A 1 83  ? 0.531   -9.120  -0.120  1.00 30.87  ? 83  LEU A CG  1 
ATOM   612  C  CD1 . LEU A 1 83  ? 1.613   -8.588  0.810   1.00 30.51  ? 83  LEU A CD1 1 
ATOM   613  C  CD2 . LEU A 1 83  ? -0.514  -9.878  0.675   1.00 34.88  ? 83  LEU A CD2 1 
ATOM   614  N  N   . GLY A 1 84  ? 1.110   -8.744  -3.742  1.00 26.01  ? 84  GLY A N   1 
ATOM   615  C  CA  . GLY A 1 84  ? 1.804   -9.775  -4.494  1.00 25.69  ? 84  GLY A CA  1 
ATOM   616  C  C   . GLY A 1 84  ? 3.001   -9.239  -5.254  1.00 28.23  ? 84  GLY A C   1 
ATOM   617  O  O   . GLY A 1 84  ? 4.080   -9.839  -5.239  1.00 29.53  ? 84  GLY A O   1 
ATOM   618  N  N   . ILE A 1 85  ? 2.832   -8.097  -5.928  1.00 26.57  ? 85  ILE A N   1 
ATOM   619  C  CA  . ILE A 1 85  ? 3.921   -7.588  -6.756  1.00 28.66  ? 85  ILE A CA  1 
ATOM   620  C  C   . ILE A 1 85  ? 5.094   -7.132  -5.890  1.00 28.18  ? 85  ILE A C   1 
ATOM   621  O  O   . ILE A 1 85  ? 6.258   -7.263  -6.292  1.00 26.77  ? 85  ILE A O   1 
ATOM   622  C  CB  . ILE A 1 85  ? 3.404   -6.471  -7.690  1.00 29.16  ? 85  ILE A CB  1 
ATOM   623  C  CG1 . ILE A 1 85  ? 4.311   -6.316  -8.913  1.00 34.64  ? 85  ILE A CG1 1 
ATOM   624  C  CG2 . ILE A 1 85  ? 3.244   -5.150  -6.954  1.00 27.88  ? 85  ILE A CG2 1 
ATOM   625  C  CD1 . ILE A 1 85  ? 4.661   -7.627  -9.591  1.00 39.08  ? 85  ILE A CD1 1 
ATOM   626  N  N   . ILE A 1 86  ? 4.824   -6.626  -4.686  1.00 25.87  ? 86  ILE A N   1 
ATOM   627  C  CA  . ILE A 1 86  ? 5.912   -6.217  -3.800  1.00 25.88  ? 86  ILE A CA  1 
ATOM   628  C  C   . ILE A 1 86  ? 6.629   -7.442  -3.240  1.00 27.97  ? 86  ILE A C   1 
ATOM   629  O  O   . ILE A 1 86  ? 7.866   -7.521  -3.242  1.00 29.01  ? 86  ILE A O   1 
ATOM   630  C  CB  . ILE A 1 86  ? 5.375   -5.316  -2.672  1.00 24.59  ? 86  ILE A CB  1 
ATOM   631  C  CG1 . ILE A 1 86  ? 5.015   -3.928  -3.203  1.00 24.99  ? 86  ILE A CG1 1 
ATOM   632  C  CG2 . ILE A 1 86  ? 6.387   -5.204  -1.554  1.00 28.68  ? 86  ILE A CG2 1 
ATOM   633  C  CD1 . ILE A 1 86  ? 4.132   -3.134  -2.238  1.00 28.94  ? 86  ILE A CD1 1 
ATOM   634  N  N   . THR A 1 87  ? 5.864   -8.422  -2.760  1.00 25.24  ? 87  THR A N   1 
ATOM   635  C  CA  . THR A 1 87  ? 6.468   -9.620  -2.180  1.00 24.81  ? 87  THR A CA  1 
ATOM   636  C  C   . THR A 1 87  ? 7.282   -10.392 -3.217  1.00 29.96  ? 87  THR A C   1 
ATOM   637  O  O   . THR A 1 87  ? 8.392   -10.856 -2.929  1.00 27.74  ? 87  THR A O   1 
ATOM   638  C  CB  . THR A 1 87  ? 5.374   -10.514 -1.584  1.00 27.77  ? 87  THR A CB  1 
ATOM   639  O  OG1 . THR A 1 87  ? 4.711   -9.825  -0.517  1.00 27.75  ? 87  THR A OG1 1 
ATOM   640  C  CG2 . THR A 1 87  ? 5.966   -11.803 -1.053  1.00 28.70  ? 87  THR A CG2 1 
ATOM   641  N  N   . GLN A 1 88  ? 6.741   -10.539 -4.431  1.00 26.73  ? 88  GLN A N   1 
ATOM   642  C  CA  . GLN A 1 88  ? 7.453   -11.244 -5.495  1.00 29.32  ? 88  GLN A CA  1 
ATOM   643  C  C   . GLN A 1 88  ? 8.756   -10.537 -5.857  1.00 31.86  ? 88  GLN A C   1 
ATOM   644  O  O   . GLN A 1 88  ? 9.778   -11.189 -6.106  1.00 31.40  ? 88  GLN A O   1 
ATOM   645  C  CB  . GLN A 1 88  ? 6.542   -11.368 -6.716  1.00 30.91  ? 88  GLN A CB  1 
ATOM   646  C  CG  . GLN A 1 88  ? 5.397   -12.371 -6.509  1.00 29.82  ? 88  GLN A CG  1 
ATOM   647  C  CD  . GLN A 1 88  ? 4.158   -12.021 -7.311  1.00 32.42  ? 88  GLN A CD  1 
ATOM   648  O  OE1 . GLN A 1 88  ? 4.237   -11.343 -8.335  1.00 30.10  ? 88  GLN A OE1 1 
ATOM   649  N  NE2 . GLN A 1 88  ? 3.002   -12.471 -6.837  1.00 30.46  ? 88  GLN A NE2 1 
ATOM   650  N  N   . TRP A 1 89  ? 8.736   -9.205  -5.891  1.00 33.36  ? 89  TRP A N   1 
ATOM   651  C  CA  . TRP A 1 89  ? 9.948   -8.449  -6.188  1.00 35.44  ? 89  TRP A CA  1 
ATOM   652  C  C   . TRP A 1 89  ? 11.028  -8.724  -5.149  1.00 32.49  ? 89  TRP A C   1 
ATOM   653  O  O   . TRP A 1 89  ? 12.199  -8.919  -5.494  1.00 36.50  ? 89  TRP A O   1 
ATOM   654  C  CB  . TRP A 1 89  ? 9.611   -6.957  -6.260  1.00 31.55  ? 89  TRP A CB  1 
ATOM   655  C  CG  . TRP A 1 89  ? 10.707  -6.052  -6.767  1.00 39.52  ? 89  TRP A CG  1 
ATOM   656  C  CD1 . TRP A 1 89  ? 11.954  -5.883  -6.232  1.00 46.09  ? 89  TRP A CD1 1 
ATOM   657  C  CD2 . TRP A 1 89  ? 10.631  -5.162  -7.891  1.00 42.85  ? 89  TRP A CD2 1 
ATOM   658  N  NE1 . TRP A 1 89  ? 12.663  -4.959  -6.964  1.00 46.15  ? 89  TRP A NE1 1 
ATOM   659  C  CE2 . TRP A 1 89  ? 11.871  -4.500  -7.985  1.00 47.96  ? 89  TRP A CE2 1 
ATOM   660  C  CE3 . TRP A 1 89  ? 9.638   -4.870  -8.831  1.00 43.99  ? 89  TRP A CE3 1 
ATOM   661  C  CZ2 . TRP A 1 89  ? 12.143  -3.564  -8.984  1.00 50.83  ? 89  TRP A CZ2 1 
ATOM   662  C  CZ3 . TRP A 1 89  ? 9.908   -3.941  -9.819  1.00 43.05  ? 89  TRP A CZ3 1 
ATOM   663  C  CH2 . TRP A 1 89  ? 11.150  -3.299  -9.888  1.00 48.12  ? 89  TRP A CH2 1 
ATOM   664  N  N   . ILE A 1 90  ? 10.646  -8.768  -3.872  1.00 29.79  ? 90  ILE A N   1 
ATOM   665  C  CA  . ILE A 1 90  ? 11.603  -9.056  -2.807  1.00 34.64  ? 90  ILE A CA  1 
ATOM   666  C  C   . ILE A 1 90  ? 12.117  -10.490 -2.901  1.00 39.44  ? 90  ILE A C   1 
ATOM   667  O  O   . ILE A 1 90  ? 13.306  -10.752 -2.677  1.00 38.74  ? 90  ILE A O   1 
ATOM   668  C  CB  . ILE A 1 90  ? 10.968  -8.775  -1.434  1.00 36.05  ? 90  ILE A CB  1 
ATOM   669  C  CG1 . ILE A 1 90  ? 10.656  -7.284  -1.288  1.00 38.53  ? 90  ILE A CG1 1 
ATOM   670  C  CG2 . ILE A 1 90  ? 11.868  -9.262  -0.304  1.00 44.66  ? 90  ILE A CG2 1 
ATOM   671  C  CD1 . ILE A 1 90  ? 10.102  -6.925  0.065   1.00 39.73  ? 90  ILE A CD1 1 
ATOM   672  N  N   . HIS A 1 91  ? 11.245  -11.441 -3.236  1.00 33.75  ? 91  HIS A N   1 
ATOM   673  C  CA  . HIS A 1 91  ? 11.650  -12.843 -3.199  1.00 33.80  ? 91  HIS A CA  1 
ATOM   674  C  C   . HIS A 1 91  ? 12.544  -13.243 -4.363  1.00 34.78  ? 91  HIS A C   1 
ATOM   675  O  O   . HIS A 1 91  ? 13.294  -14.221 -4.239  1.00 36.38  ? 91  HIS A O   1 
ATOM   676  C  CB  . HIS A 1 91  ? 10.417  -13.744 -3.163  1.00 29.18  ? 91  HIS A CB  1 
ATOM   677  C  CG  . HIS A 1 91  ? 9.716   -13.738 -1.845  1.00 30.55  ? 91  HIS A CG  1 
ATOM   678  N  ND1 . HIS A 1 91  ? 8.563   -14.454 -1.611  1.00 25.92  ? 91  HIS A ND1 1 
ATOM   679  C  CD2 . HIS A 1 91  ? 10.009  -13.109 -0.683  1.00 32.73  ? 91  HIS A CD2 1 
ATOM   680  C  CE1 . HIS A 1 91  ? 8.169   -14.261 -0.365  1.00 28.68  ? 91  HIS A CE1 1 
ATOM   681  N  NE2 . HIS A 1 91  ? 9.029   -13.448 0.219   1.00 32.42  ? 91  HIS A NE2 1 
ATOM   682  N  N   . ASN A 1 92  ? 12.505  -12.507 -5.472  1.00 32.44  ? 92  ASN A N   1 
ATOM   683  C  CA  . ASN A 1 92  ? 13.174  -12.907 -6.702  1.00 41.99  ? 92  ASN A CA  1 
ATOM   684  C  C   . ASN A 1 92  ? 14.303  -11.968 -7.107  1.00 49.55  ? 92  ASN A C   1 
ATOM   685  O  O   . ASN A 1 92  ? 14.809  -12.080 -8.227  1.00 49.52  ? 92  ASN A O   1 
ATOM   686  C  CB  . ASN A 1 92  ? 12.160  -13.000 -7.842  1.00 40.86  ? 92  ASN A CB  1 
ATOM   687  C  CG  . ASN A 1 92  ? 11.180  -14.132 -7.658  1.00 35.53  ? 92  ASN A CG  1 
ATOM   688  O  OD1 . ASN A 1 92  ? 11.445  -15.266 -8.056  1.00 29.06  ? 92  ASN A OD1 1 
ATOM   689  N  ND2 . ASN A 1 92  ? 10.037  -13.832 -7.047  1.00 34.52  ? 92  ASN A ND2 1 
ATOM   690  N  N   . TRP A 1 93  ? 14.707  -11.049 -6.238  1.00 50.11  ? 93  TRP A N   1 
ATOM   691  C  CA  . TRP A 1 93  ? 15.681  -10.044 -6.634  1.00 64.61  ? 93  TRP A CA  1 
ATOM   692  C  C   . TRP A 1 93  ? 17.044  -10.670 -6.890  1.00 66.23  ? 93  TRP A C   1 
ATOM   693  O  O   . TRP A 1 93  ? 17.519  -11.504 -6.114  1.00 64.48  ? 93  TRP A O   1 
ATOM   694  C  CB  . TRP A 1 93  ? 15.817  -8.973  -5.560  1.00 67.93  ? 93  TRP A CB  1 
ATOM   695  C  CG  . TRP A 1 93  ? 16.778  -7.886  -5.943  1.00 80.47  ? 93  TRP A CG  1 
ATOM   696  C  CD1 . TRP A 1 93  ? 17.947  -7.564  -5.318  1.00 78.68  ? 93  TRP A CD1 1 
ATOM   697  C  CD2 . TRP A 1 93  ? 16.632  -6.955  -7.025  1.00 83.11  ? 93  TRP A CD2 1 
ATOM   698  N  NE1 . TRP A 1 93  ? 18.547  -6.502  -5.952  1.00 81.13  ? 93  TRP A NE1 1 
ATOM   699  C  CE2 . TRP A 1 93  ? 17.759  -6.109  -7.002  1.00 82.62  ? 93  TRP A CE2 1 
ATOM   700  C  CE3 . TRP A 1 93  ? 15.660  -6.760  -8.015  1.00 77.35  ? 93  TRP A CE3 1 
ATOM   701  C  CZ2 . TRP A 1 93  ? 17.942  -5.084  -7.931  1.00 82.05  ? 93  TRP A CZ2 1 
ATOM   702  C  CZ3 . TRP A 1 93  ? 15.844  -5.743  -8.935  1.00 78.72  ? 93  TRP A CZ3 1 
ATOM   703  C  CH2 . TRP A 1 93  ? 16.975  -4.918  -8.886  1.00 82.73  ? 93  TRP A CH2 1 
ATOM   704  N  N   . LYS A 1 94  ? 17.671  -10.254 -7.990  1.00 73.66  ? 94  LYS A N   1 
ATOM   705  C  CA  . LYS A 1 94  ? 19.033  -10.646 -8.342  1.00 80.17  ? 94  LYS A CA  1 
ATOM   706  C  C   . LYS A 1 94  ? 19.152  -12.145 -8.602  1.00 80.78  ? 94  LYS A C   1 
ATOM   707  O  O   . LYS A 1 94  ? 20.258  -12.695 -8.578  1.00 88.19  ? 94  LYS A O   1 
ATOM   708  C  CB  . LYS A 1 94  ? 20.028  -10.207 -7.256  1.00 85.16  ? 94  LYS A CB  1 
ATOM   709  C  CG  . LYS A 1 94  ? 20.857  -8.980  -7.623  1.00 87.66  ? 94  LYS A CG  1 
ATOM   710  C  CD  . LYS A 1 94  ? 21.497  -8.312  -6.407  1.00 94.63  ? 94  LYS A CD  1 
ATOM   711  C  CE  . LYS A 1 94  ? 22.985  -8.630  -6.307  1.00 92.46  ? 94  LYS A CE  1 
ATOM   712  N  NZ  . LYS A 1 94  ? 23.699  -7.705  -5.381  1.00 82.29  ? 94  LYS A NZ  1 
ATOM   713  N  N   . LYS A 1 95  ? 18.031  -12.814 -8.861  1.00 77.98  ? 95  LYS A N   1 
ATOM   714  C  CA  . LYS A 1 95  ? 17.989  -14.249 -9.110  1.00 79.58  ? 95  LYS A CA  1 
ATOM   715  C  C   . LYS A 1 95  ? 17.636  -14.524 -10.568 1.00 83.98  ? 95  LYS A C   1 
ATOM   716  O  O   . LYS A 1 95  ? 17.324  -13.616 -11.345 1.00 82.14  ? 95  LYS A O   1 
ATOM   717  C  CB  . LYS A 1 95  ? 17.003  -14.933 -8.157  1.00 72.17  ? 95  LYS A CB  1 
ATOM   718  C  CG  . LYS A 1 95  ? 17.296  -14.631 -6.689  1.00 67.44  ? 95  LYS A CG  1 
ATOM   719  C  CD  . LYS A 1 95  ? 16.239  -15.190 -5.750  1.00 61.45  ? 95  LYS A CD  1 
ATOM   720  C  CE  . LYS A 1 95  ? 16.512  -14.758 -4.314  1.00 66.80  ? 95  LYS A CE  1 
ATOM   721  N  NZ  . LYS A 1 95  ? 15.470  -15.243 -3.365  1.00 68.98  ? 95  LYS A NZ  1 
ATOM   722  N  N   . ARG A 1 96  ? 17.675  -15.810 -10.929 1.00 85.47  ? 96  ARG A N   1 
ATOM   723  C  CA  . ARG A 1 96  ? 17.819  -16.184 -12.336 1.00 87.50  ? 96  ARG A CA  1 
ATOM   724  C  C   . ARG A 1 96  ? 16.543  -15.927 -13.140 1.00 87.78  ? 96  ARG A C   1 
ATOM   725  O  O   . ARG A 1 96  ? 16.583  -15.248 -14.173 1.00 82.37  ? 96  ARG A O   1 
ATOM   726  C  CB  . ARG A 1 96  ? 18.282  -17.650 -12.451 1.00 85.98  ? 96  ARG A CB  1 
ATOM   727  C  CG  . ARG A 1 96  ? 17.252  -18.770 -12.201 1.00 86.93  ? 96  ARG A CG  1 
ATOM   728  C  CD  . ARG A 1 96  ? 16.654  -18.750 -10.792 1.00 80.80  ? 96  ARG A CD  1 
ATOM   729  N  NE  . ARG A 1 96  ? 15.922  -19.969 -10.456 1.00 75.34  ? 96  ARG A NE  1 
ATOM   730  C  CZ  . ARG A 1 96  ? 14.810  -20.378 -11.055 1.00 73.00  ? 96  ARG A CZ  1 
ATOM   731  N  NH1 . ARG A 1 96  ? 14.258  -19.690 -12.043 1.00 56.35  ? 96  ARG A NH1 1 
ATOM   732  N  NH2 . ARG A 1 96  ? 14.231  -21.506 -10.649 1.00 67.08  ? 96  ARG A NH2 1 
ATOM   733  N  N   . GLY A 1 97  ? 15.401  -16.435 -12.680 1.00 76.46  ? 97  GLY A N   1 
ATOM   734  C  CA  . GLY A 1 97  ? 14.209  -16.444 -13.508 1.00 63.02  ? 97  GLY A CA  1 
ATOM   735  C  C   . GLY A 1 97  ? 13.361  -15.192 -13.425 1.00 60.70  ? 97  GLY A C   1 
ATOM   736  O  O   . GLY A 1 97  ? 12.155  -15.239 -13.684 1.00 58.64  ? 97  GLY A O   1 
ATOM   737  N  N   . TRP A 1 98  ? 13.979  -14.063 -13.087 1.00 76.97  ? 98  TRP A N   1 
ATOM   738  C  CA  . TRP A 1 98  ? 13.251  -12.829 -12.817 1.00 70.43  ? 98  TRP A CA  1 
ATOM   739  C  C   . TRP A 1 98  ? 13.170  -11.976 -14.077 1.00 64.20  ? 98  TRP A C   1 
ATOM   740  O  O   . TRP A 1 98  ? 14.191  -11.493 -14.576 1.00 66.06  ? 98  TRP A O   1 
ATOM   741  C  CB  . TRP A 1 98  ? 13.918  -12.045 -11.688 1.00 74.40  ? 98  TRP A CB  1 
ATOM   742  C  CG  . TRP A 1 98  ? 13.078  -10.911 -11.146 1.00 80.71  ? 98  TRP A CG  1 
ATOM   743  C  CD1 . TRP A 1 98  ? 13.495  -9.632  -10.893 1.00 74.64  ? 98  TRP A CD1 1 
ATOM   744  C  CD2 . TRP A 1 98  ? 11.688  -10.956 -10.779 1.00 75.85  ? 98  TRP A CD2 1 
ATOM   745  N  NE1 . TRP A 1 98  ? 12.454  -8.880  -10.404 1.00 69.92  ? 98  TRP A NE1 1 
ATOM   746  C  CE2 . TRP A 1 98  ? 11.336  -9.668  -10.323 1.00 71.33  ? 98  TRP A CE2 1 
ATOM   747  C  CE3 . TRP A 1 98  ? 10.708  -11.957 -10.796 1.00 59.04  ? 98  TRP A CE3 1 
ATOM   748  C  CZ2 . TRP A 1 98  ? 10.049  -9.355  -9.891  1.00 50.90  ? 98  TRP A CZ2 1 
ATOM   749  C  CZ3 . TRP A 1 98  ? 9.434   -11.645 -10.365 1.00 54.00  ? 98  TRP A CZ3 1 
ATOM   750  C  CH2 . TRP A 1 98  ? 9.117   -10.354 -9.917  1.00 52.49  ? 98  TRP A CH2 1 
ATOM   751  N  N   . LYS A 1 99  ? 11.957  -11.792 -14.589 1.00 61.08  ? 99  LYS A N   1 
ATOM   752  C  CA  . LYS A 1 99  ? 11.659  -10.695 -15.499 1.00 58.27  ? 99  LYS A CA  1 
ATOM   753  C  C   . LYS A 1 99  ? 10.863  -9.641  -14.747 1.00 60.31  ? 99  LYS A C   1 
ATOM   754  O  O   . LYS A 1 99  ? 9.847   -9.952  -14.118 1.00 55.84  ? 99  LYS A O   1 
ATOM   755  C  CB  . LYS A 1 99  ? 10.880  -11.147 -16.734 1.00 51.35  ? 99  LYS A CB  1 
ATOM   756  C  CG  . LYS A 1 99  ? 11.432  -10.555 -18.024 1.00 56.31  ? 99  LYS A CG  1 
ATOM   757  C  CD  . LYS A 1 99  ? 10.424  -10.620 -19.157 1.00 54.10  ? 99  LYS A CD  1 
ATOM   758  C  CE  . LYS A 1 99  ? 10.673  -9.533  -20.200 1.00 57.19  ? 99  LYS A CE  1 
ATOM   759  N  NZ  . LYS A 1 99  ? 11.879  -9.807  -21.041 1.00 57.37  ? 99  LYS A NZ  1 
ATOM   760  N  N   . THR A 1 100 ? 11.330  -8.406  -14.815 1.00 59.27  ? 100 THR A N   1 
ATOM   761  C  CA  . THR A 1 100 ? 10.694  -7.318  -14.097 1.00 57.62  ? 100 THR A CA  1 
ATOM   762  C  C   . THR A 1 100 ? 9.340   -6.993  -14.731 1.00 56.37  ? 100 THR A C   1 
ATOM   763  O  O   . THR A 1 100 ? 9.202   -7.046  -15.958 1.00 54.46  ? 100 THR A O   1 
ATOM   764  C  CB  . THR A 1 100 ? 11.622  -6.102  -14.115 1.00 59.06  ? 100 THR A CB  1 
ATOM   765  O  OG1 . THR A 1 100 ? 12.815  -6.419  -13.387 1.00 64.73  ? 100 THR A OG1 1 
ATOM   766  C  CG2 . THR A 1 100 ? 10.978  -4.884  -13.495 1.00 56.21  ? 100 THR A CG2 1 
ATOM   767  N  N   . PRO A 1 101 ? 8.315   -6.691  -13.929 1.00 55.42  ? 101 PRO A N   1 
ATOM   768  C  CA  . PRO A 1 101 ? 7.027   -6.303  -14.515 1.00 54.20  ? 101 PRO A CA  1 
ATOM   769  C  C   . PRO A 1 101 ? 7.147   -5.012  -15.303 1.00 54.56  ? 101 PRO A C   1 
ATOM   770  O  O   . PRO A 1 101 ? 7.976   -4.149  -15.005 1.00 56.25  ? 101 PRO A O   1 
ATOM   771  C  CB  . PRO A 1 101 ? 6.101   -6.130  -13.303 1.00 52.67  ? 101 PRO A CB  1 
ATOM   772  C  CG  . PRO A 1 101 ? 6.929   -6.258  -12.098 1.00 55.22  ? 101 PRO A CG  1 
ATOM   773  C  CD  . PRO A 1 101 ? 8.317   -6.659  -12.455 1.00 55.33  ? 101 PRO A CD  1 
ATOM   774  N  N   . VAL A 1 102 ? 6.308   -4.890  -16.326 1.00 52.14  ? 102 VAL A N   1 
ATOM   775  C  CA  . VAL A 1 102 ? 6.258   -3.669  -17.123 1.00 54.41  ? 102 VAL A CA  1 
ATOM   776  C  C   . VAL A 1 102 ? 5.346   -2.633  -16.482 1.00 53.00  ? 102 VAL A C   1 
ATOM   777  O  O   . VAL A 1 102 ? 5.737   -1.480  -16.284 1.00 52.09  ? 102 VAL A O   1 
ATOM   778  C  CB  . VAL A 1 102 ? 5.816   -3.993  -18.566 1.00 57.49  ? 102 VAL A CB  1 
ATOM   779  C  CG1 . VAL A 1 102 ? 6.205   -2.859  -19.507 1.00 53.46  ? 102 VAL A CG1 1 
ATOM   780  C  CG2 . VAL A 1 102 ? 6.419   -5.315  -19.021 1.00 54.93  ? 102 VAL A CG2 1 
ATOM   781  N  N   . LYS A 1 103 ? 4.124   -3.032  -16.140 1.00 48.13  ? 103 LYS A N   1 
ATOM   782  C  CA  . LYS A 1 103 ? 3.170   -2.103  -15.549 1.00 46.66  ? 103 LYS A CA  1 
ATOM   783  C  C   . LYS A 1 103 ? 3.639   -1.674  -14.164 1.00 41.60  ? 103 LYS A C   1 
ATOM   784  O  O   . LYS A 1 103 ? 4.060   -2.507  -13.356 1.00 39.89  ? 103 LYS A O   1 
ATOM   785  C  CB  . LYS A 1 103 ? 1.788   -2.749  -15.467 1.00 50.27  ? 103 LYS A CB  1 
ATOM   786  C  CG  . LYS A 1 103 ? 0.780   -2.216  -16.474 1.00 61.54  ? 103 LYS A CG  1 
ATOM   787  C  CD  . LYS A 1 103 ? -0.523  -3.005  -16.415 1.00 70.96  ? 103 LYS A CD  1 
ATOM   788  C  CE  . LYS A 1 103 ? -1.239  -3.000  -17.760 1.00 73.73  ? 103 LYS A CE  1 
ATOM   789  N  NZ  . LYS A 1 103 ? -1.901  -4.306  -18.043 1.00 67.34  ? 103 LYS A NZ  1 
ATOM   790  N  N   . ASN A 1 104 ? 3.589   -0.364  -13.907 1.00 40.54  ? 104 ASN A N   1 
ATOM   791  C  CA  . ASN A 1 104 ? 3.841   0.233   -12.596 1.00 39.56  ? 104 ASN A CA  1 
ATOM   792  C  C   . ASN A 1 104 ? 5.273   0.041   -12.113 1.00 40.06  ? 104 ASN A C   1 
ATOM   793  O  O   . ASN A 1 104 ? 5.536   0.138   -10.909 1.00 36.86  ? 104 ASN A O   1 
ATOM   794  C  CB  . ASN A 1 104 ? 2.859   -0.317  -11.553 1.00 36.05  ? 104 ASN A CB  1 
ATOM   795  C  CG  . ASN A 1 104 ? 1.414   -0.080  -11.944 1.00 37.68  ? 104 ASN A CG  1 
ATOM   796  O  OD1 . ASN A 1 104 ? 1.087   0.949   -12.528 1.00 42.90  ? 104 ASN A OD1 1 
ATOM   797  N  ND2 . ASN A 1 104 ? 0.546   -1.034  -11.637 1.00 37.58  ? 104 ASN A ND2 1 
ATOM   798  N  N   . VAL A 1 105 ? 6.217   -0.208  -13.024 1.00 39.27  ? 105 VAL A N   1 
ATOM   799  C  CA  . VAL A 1 105 ? 7.562   -0.590  -12.602 1.00 36.92  ? 105 VAL A CA  1 
ATOM   800  C  C   . VAL A 1 105 ? 8.261   0.552   -11.874 1.00 38.99  ? 105 VAL A C   1 
ATOM   801  O  O   . VAL A 1 105 ? 9.036   0.314   -10.938 1.00 41.69  ? 105 VAL A O   1 
ATOM   802  C  CB  . VAL A 1 105 ? 8.387   -1.085  -13.806 1.00 44.30  ? 105 VAL A CB  1 
ATOM   803  C  CG1 . VAL A 1 105 ? 8.616   0.032   -14.815 1.00 42.98  ? 105 VAL A CG1 1 
ATOM   804  C  CG2 . VAL A 1 105 ? 9.711   -1.636  -13.329 1.00 40.38  ? 105 VAL A CG2 1 
ATOM   805  N  N   . ASP A 1 106 ? 7.991   1.800   -12.263 1.00 38.53  ? 106 ASP A N   1 
ATOM   806  C  CA  . ASP A 1 106 ? 8.638   2.931   -11.605 1.00 41.00  ? 106 ASP A CA  1 
ATOM   807  C  C   . ASP A 1 106 ? 8.140   3.093   -10.173 1.00 39.22  ? 106 ASP A C   1 
ATOM   808  O  O   . ASP A 1 106 ? 8.935   3.318   -9.255  1.00 37.01  ? 106 ASP A O   1 
ATOM   809  C  CB  . ASP A 1 106 ? 8.396   4.207   -12.411 1.00 44.85  ? 106 ASP A CB  1 
ATOM   810  C  CG  . ASP A 1 106 ? 9.360   4.348   -13.580 1.00 55.56  ? 106 ASP A CG  1 
ATOM   811  O  OD1 . ASP A 1 106 ? 10.458  3.756   -13.521 1.00 60.87  ? 106 ASP A OD1 1 
ATOM   812  O  OD2 . ASP A 1 106 ? 9.017   5.044   -14.559 1.00 59.08  ? 106 ASP A OD2 1 
ATOM   813  N  N   . LEU A 1 107 ? 6.827   2.971   -9.964  1.00 35.84  ? 107 LEU A N   1 
ATOM   814  C  CA  . LEU A 1 107 ? 6.265   3.141   -8.630  1.00 34.02  ? 107 LEU A CA  1 
ATOM   815  C  C   . LEU A 1 107 ? 6.686   2.007   -7.701  1.00 35.49  ? 107 LEU A C   1 
ATOM   816  O  O   . LEU A 1 107 ? 7.032   2.246   -6.539  1.00 35.60  ? 107 LEU A O   1 
ATOM   817  C  CB  . LEU A 1 107 ? 4.740   3.233   -8.726  1.00 34.78  ? 107 LEU A CB  1 
ATOM   818  C  CG  . LEU A 1 107 ? 3.913   3.538   -7.477  1.00 34.12  ? 107 LEU A CG  1 
ATOM   819  C  CD1 . LEU A 1 107 ? 4.475   4.719   -6.701  1.00 35.87  ? 107 LEU A CD1 1 
ATOM   820  C  CD2 . LEU A 1 107 ? 2.460   3.805   -7.871  1.00 34.73  ? 107 LEU A CD2 1 
ATOM   821  N  N   . VAL A 1 108 ? 6.672   0.766   -8.196  1.00 34.94  ? 108 VAL A N   1 
ATOM   822  C  CA  . VAL A 1 108 ? 7.078   -0.369  -7.370  1.00 34.63  ? 108 VAL A CA  1 
ATOM   823  C  C   . VAL A 1 108 ? 8.544   -0.245  -6.974  1.00 34.88  ? 108 VAL A C   1 
ATOM   824  O  O   . VAL A 1 108 ? 8.925   -0.543  -5.835  1.00 35.14  ? 108 VAL A O   1 
ATOM   825  C  CB  . VAL A 1 108 ? 6.797   -1.692  -8.108  1.00 34.22  ? 108 VAL A CB  1 
ATOM   826  C  CG1 . VAL A 1 108 ? 7.313   -2.861  -7.304  1.00 32.43  ? 108 VAL A CG1 1 
ATOM   827  C  CG2 . VAL A 1 108 ? 5.306   -1.843  -8.351  1.00 30.73  ? 108 VAL A CG2 1 
ATOM   828  N  N   . ASN A 1 109 ? 9.385   0.222   -7.899  1.00 39.82  ? 109 ASN A N   1 
ATOM   829  C  CA  . ASN A 1 109 ? 10.790  0.435   -7.577  1.00 42.12  ? 109 ASN A CA  1 
ATOM   830  C  C   . ASN A 1 109 ? 10.961  1.501   -6.497  1.00 40.79  ? 109 ASN A C   1 
ATOM   831  O  O   . ASN A 1 109 ? 11.831  1.379   -5.626  1.00 41.42  ? 109 ASN A O   1 
ATOM   832  C  CB  . ASN A 1 109 ? 11.557  0.817   -8.841  1.00 46.16  ? 109 ASN A CB  1 
ATOM   833  C  CG  . ASN A 1 109 ? 13.050  0.727   -8.658  1.00 52.49  ? 109 ASN A CG  1 
ATOM   834  O  OD1 . ASN A 1 109 ? 13.589  -0.349  -8.404  1.00 51.40  ? 109 ASN A OD1 1 
ATOM   835  N  ND2 . ASN A 1 109 ? 13.734  1.858   -8.792  1.00 62.87  ? 109 ASN A ND2 1 
ATOM   836  N  N   . GLN A 1 110 ? 10.142  2.558   -6.539  1.00 39.69  ? 110 GLN A N   1 
ATOM   837  C  CA  . GLN A 1 110 ? 10.186  3.568   -5.484  1.00 39.49  ? 110 GLN A CA  1 
ATOM   838  C  C   . GLN A 1 110 ? 9.787   2.978   -4.137  1.00 36.67  ? 110 GLN A C   1 
ATOM   839  O  O   . GLN A 1 110 ? 10.368  3.323   -3.101  1.00 34.29  ? 110 GLN A O   1 
ATOM   840  C  CB  . GLN A 1 110 ? 9.269   4.742   -5.830  1.00 40.56  ? 110 GLN A CB  1 
ATOM   841  C  CG  . GLN A 1 110 ? 9.607   5.478   -7.118  1.00 47.80  ? 110 GLN A CG  1 
ATOM   842  C  CD  . GLN A 1 110 ? 10.964  6.146   -7.077  1.00 65.49  ? 110 GLN A CD  1 
ATOM   843  O  OE1 . GLN A 1 110 ? 11.435  6.560   -6.015  1.00 84.00  ? 110 GLN A OE1 1 
ATOM   844  N  NE2 . GLN A 1 110 ? 11.602  6.260   -8.237  1.00 68.02  ? 110 GLN A NE2 1 
ATOM   845  N  N   . ILE A 1 111 ? 8.779   2.102   -4.130  1.00 34.53  ? 111 ILE A N   1 
ATOM   846  C  CA  . ILE A 1 111 ? 8.333   1.474   -2.887  1.00 31.06  ? 111 ILE A CA  1 
ATOM   847  C  C   . ILE A 1 111 ? 9.432   0.586   -2.318  1.00 33.67  ? 111 ILE A C   1 
ATOM   848  O  O   . ILE A 1 111 ? 9.730   0.631   -1.116  1.00 32.91  ? 111 ILE A O   1 
ATOM   849  C  CB  . ILE A 1 111 ? 7.027   0.690   -3.132  1.00 29.70  ? 111 ILE A CB  1 
ATOM   850  C  CG1 . ILE A 1 111 ? 5.854   1.650   -3.338  1.00 26.21  ? 111 ILE A CG1 1 
ATOM   851  C  CG2 . ILE A 1 111 ? 6.737   -0.296  -1.984  1.00 27.65  ? 111 ILE A CG2 1 
ATOM   852  C  CD1 . ILE A 1 111 ? 4.549   0.972   -3.736  1.00 28.16  ? 111 ILE A CD1 1 
ATOM   853  N  N   . ILE A 1 112 ? 10.065  -0.221  -3.175  1.00 31.08  ? 112 ILE A N   1 
ATOM   854  C  CA  . ILE A 1 112 ? 11.099  -1.145  -2.709  1.00 34.78  ? 112 ILE A CA  1 
ATOM   855  C  C   . ILE A 1 112 ? 12.255  -0.376  -2.079  1.00 37.79  ? 112 ILE A C   1 
ATOM   856  O  O   . ILE A 1 112 ? 12.808  -0.784  -1.049  1.00 34.53  ? 112 ILE A O   1 
ATOM   857  C  CB  . ILE A 1 112 ? 11.577  -2.038  -3.871  1.00 35.04  ? 112 ILE A CB  1 
ATOM   858  C  CG1 . ILE A 1 112 ? 10.519  -3.089  -4.216  1.00 37.25  ? 112 ILE A CG1 1 
ATOM   859  C  CG2 . ILE A 1 112 ? 12.892  -2.718  -3.519  1.00 37.08  ? 112 ILE A CG2 1 
ATOM   860  C  CD1 . ILE A 1 112 ? 10.357  -4.182  -3.165  1.00 39.21  ? 112 ILE A CD1 1 
ATOM   861  N  N   . GLU A 1 113 ? 12.625  0.762   -2.674  1.00 39.67  ? 113 GLU A N   1 
ATOM   862  C  CA  . GLU A 1 113 ? 13.701  1.572   -2.111  1.00 41.57  ? 113 GLU A CA  1 
ATOM   863  C  C   . GLU A 1 113 ? 13.350  2.064   -0.708  1.00 39.73  ? 113 GLU A C   1 
ATOM   864  O  O   . GLU A 1 113 ? 14.211  2.090   0.179   1.00 38.10  ? 113 GLU A O   1 
ATOM   865  C  CB  . GLU A 1 113 ? 14.013  2.747   -3.038  1.00 42.33  ? 113 GLU A CB  1 
ATOM   866  C  CG  . GLU A 1 113 ? 14.762  2.367   -4.312  1.00 49.53  ? 113 GLU A CG  1 
ATOM   867  C  CD  . GLU A 1 113 ? 15.980  1.496   -4.053  1.00 57.74  ? 113 GLU A CD  1 
ATOM   868  O  OE1 . GLU A 1 113 ? 15.922  0.283   -4.354  1.00 57.53  ? 113 GLU A OE1 1 
ATOM   869  O  OE2 . GLU A 1 113 ? 16.996  2.024   -3.554  1.00 59.15  ? 113 GLU A OE2 1 
ATOM   870  N  N   . GLN A 1 114 ? 12.090  2.454   -0.487  1.00 36.13  ? 114 GLN A N   1 
ATOM   871  C  CA  . GLN A 1 114 ? 11.650  2.808   0.861   1.00 37.80  ? 114 GLN A CA  1 
ATOM   872  C  C   . GLN A 1 114 ? 11.636  1.592   1.775   1.00 35.09  ? 114 GLN A C   1 
ATOM   873  O  O   . GLN A 1 114 ? 12.067  1.671   2.932   1.00 34.65  ? 114 GLN A O   1 
ATOM   874  C  CB  . GLN A 1 114 ? 10.261  3.443   0.819   1.00 39.62  ? 114 GLN A CB  1 
ATOM   875  C  CG  . GLN A 1 114 ? 10.215  4.819   0.177   1.00 44.23  ? 114 GLN A CG  1 
ATOM   876  C  CD  . GLN A 1 114 ? 11.075  5.832   0.919   1.00 69.40  ? 114 GLN A CD  1 
ATOM   877  O  OE1 . GLN A 1 114 ? 11.900  6.524   0.319   1.00 57.01  ? 114 GLN A OE1 1 
ATOM   878  N  NE2 . GLN A 1 114 ? 10.884  5.921   2.231   1.00 50.97  ? 114 GLN A NE2 1 
ATOM   879  N  N   . LEU A 1 115 ? 11.139  0.464   1.268   1.00 32.48  ? 115 LEU A N   1 
ATOM   880  C  CA  . LEU A 1 115 ? 10.987  -0.740  2.078   1.00 32.87  ? 115 LEU A CA  1 
ATOM   881  C  C   . LEU A 1 115 ? 12.314  -1.181  2.686   1.00 35.98  ? 115 LEU A C   1 
ATOM   882  O  O   . LEU A 1 115 ? 12.399  -1.453  3.889   1.00 39.18  ? 115 LEU A O   1 
ATOM   883  C  CB  . LEU A 1 115 ? 10.396  -1.855  1.213   1.00 36.03  ? 115 LEU A CB  1 
ATOM   884  C  CG  . LEU A 1 115 ? 9.406   -2.842  1.826   1.00 38.95  ? 115 LEU A CG  1 
ATOM   885  C  CD1 . LEU A 1 115 ? 8.423   -2.122  2.708   1.00 39.53  ? 115 LEU A CD1 1 
ATOM   886  C  CD2 . LEU A 1 115 ? 8.677   -3.597  0.724   1.00 39.70  ? 115 LEU A CD2 1 
ATOM   887  N  N   . ILE A 1 116 ? 13.365  -1.267  1.869   1.00 35.24  ? 116 ILE A N   1 
ATOM   888  C  CA  . ILE A 1 116 ? 14.641  -1.770  2.365   1.00 36.64  ? 116 ILE A CA  1 
ATOM   889  C  C   . ILE A 1 116 ? 15.316  -0.801  3.322   1.00 35.81  ? 116 ILE A C   1 
ATOM   890  O  O   . ILE A 1 116 ? 16.307  -1.164  3.959   1.00 41.08  ? 116 ILE A O   1 
ATOM   891  C  CB  . ILE A 1 116 ? 15.576  -2.124  1.190   1.00 41.75  ? 116 ILE A CB  1 
ATOM   892  C  CG1 . ILE A 1 116 ? 15.791  -0.917  0.271   1.00 41.55  ? 116 ILE A CG1 1 
ATOM   893  C  CG2 . ILE A 1 116 ? 15.005  -3.292  0.413   1.00 42.52  ? 116 ILE A CG2 1 
ATOM   894  C  CD1 . ILE A 1 116 ? 17.085  -0.176  0.523   1.00 43.75  ? 116 ILE A CD1 1 
ATOM   895  N  N   . LYS A 1 117 ? 14.794  0.418   3.448   1.00 37.18  ? 117 LYS A N   1 
ATOM   896  C  CA  . LYS A 1 117 ? 15.278  1.362   4.445   1.00 37.48  ? 117 LYS A CA  1 
ATOM   897  C  C   . LYS A 1 117 ? 14.716  1.077   5.835   1.00 40.90  ? 117 LYS A C   1 
ATOM   898  O  O   . LYS A 1 117 ? 15.269  1.563   6.829   1.00 36.86  ? 117 LYS A O   1 
ATOM   899  C  CB  . LYS A 1 117 ? 14.915  2.782   4.004   1.00 40.74  ? 117 LYS A CB  1 
ATOM   900  C  CG  . LYS A 1 117 ? 15.494  3.905   4.837   1.00 52.13  ? 117 LYS A CG  1 
ATOM   901  C  CD  . LYS A 1 117 ? 15.369  5.241   4.103   1.00 64.29  ? 117 LYS A CD  1 
ATOM   902  C  CE  . LYS A 1 117 ? 15.748  5.101   2.632   1.00 55.56  ? 117 LYS A CE  1 
ATOM   903  N  NZ  . LYS A 1 117 ? 14.894  5.938   1.743   1.00 50.50  ? 117 LYS A NZ  1 
ATOM   904  N  N   . LYS A 1 118 ? 13.643  0.298   5.930   1.00 34.06  ? 118 LYS A N   1 
ATOM   905  C  CA  . LYS A 1 118 ? 13.001  0.031   7.207   1.00 34.21  ? 118 LYS A CA  1 
ATOM   906  C  C   . LYS A 1 118 ? 13.736  -1.071  7.967   1.00 34.22  ? 118 LYS A C   1 
ATOM   907  O  O   . LYS A 1 118 ? 14.462  -1.886  7.390   1.00 36.21  ? 118 LYS A O   1 
ATOM   908  C  CB  . LYS A 1 118 ? 11.543  -0.378  6.999   1.00 30.33  ? 118 LYS A CB  1 
ATOM   909  C  CG  . LYS A 1 118 ? 10.656  0.676   6.349   1.00 31.51  ? 118 LYS A CG  1 
ATOM   910  C  CD  . LYS A 1 118 ? 10.704  2.017   7.064   1.00 29.28  ? 118 LYS A CD  1 
ATOM   911  C  CE  . LYS A 1 118 ? 9.537   2.894   6.624   1.00 30.43  ? 118 LYS A CE  1 
ATOM   912  N  NZ  . LYS A 1 118 ? 9.306   4.075   7.520   1.00 27.04  ? 118 LYS A NZ  1 
ATOM   913  N  N   . GLU A 1 119 ? 13.535  -1.091  9.285   1.00 31.32  ? 119 GLU A N   1 
ATOM   914  C  CA  . GLU A 1 119 ? 14.072  -2.179  10.095  1.00 30.48  ? 119 GLU A CA  1 
ATOM   915  C  C   . GLU A 1 119 ? 13.193  -3.420  10.006  1.00 32.77  ? 119 GLU A C   1 
ATOM   916  O  O   . GLU A 1 119 ? 13.693  -4.538  9.829   1.00 29.55  ? 119 GLU A O   1 
ATOM   917  C  CB  . GLU A 1 119 ? 14.196  -1.754  11.558  1.00 29.51  ? 119 GLU A CB  1 
ATOM   918  C  CG  . GLU A 1 119 ? 14.727  -2.874  12.437  1.00 30.66  ? 119 GLU A CG  1 
ATOM   919  C  CD  . GLU A 1 119 ? 14.623  -2.571  13.913  1.00 35.91  ? 119 GLU A CD  1 
ATOM   920  O  OE1 . GLU A 1 119 ? 13.898  -1.620  14.282  1.00 31.24  ? 119 GLU A OE1 1 
ATOM   921  O  OE2 . GLU A 1 119 ? 15.256  -3.298  14.705  1.00 33.34  ? 119 GLU A OE2 1 
ATOM   922  N  N   . LYS A 1 120 ? 11.884  -3.235  10.158  1.00 30.27  ? 120 LYS A N   1 
ATOM   923  C  CA  . LYS A 1 120 ? 10.907  -4.312  10.135  1.00 31.00  ? 120 LYS A CA  1 
ATOM   924  C  C   . LYS A 1 120 ? 9.649   -3.812  9.446   1.00 26.61  ? 120 LYS A C   1 
ATOM   925  O  O   . LYS A 1 120 ? 9.161   -2.723  9.762   1.00 27.11  ? 120 LYS A O   1 
ATOM   926  C  CB  . LYS A 1 120 ? 10.518  -4.782  11.543  1.00 31.56  ? 120 LYS A CB  1 
ATOM   927  C  CG  . LYS A 1 120 ? 11.617  -5.309  12.441  1.00 34.23  ? 120 LYS A CG  1 
ATOM   928  C  CD  . LYS A 1 120 ? 10.971  -5.637  13.779  1.00 37.12  ? 120 LYS A CD  1 
ATOM   929  C  CE  . LYS A 1 120 ? 11.953  -6.027  14.854  1.00 35.91  ? 120 LYS A CE  1 
ATOM   930  N  NZ  . LYS A 1 120 ? 11.186  -6.349  16.094  1.00 40.65  ? 120 LYS A NZ  1 
ATOM   931  N  N   . VAL A 1 121 ? 9.098   -4.622  8.546   1.00 26.38  ? 121 VAL A N   1 
ATOM   932  C  CA  . VAL A 1 121 ? 7.834   -4.309  7.889   1.00 28.82  ? 121 VAL A CA  1 
ATOM   933  C  C   . VAL A 1 121 ? 6.936   -5.538  7.929   1.00 28.06  ? 121 VAL A C   1 
ATOM   934  O  O   . VAL A 1 121 ? 7.348   -6.627  7.514   1.00 27.45  ? 121 VAL A O   1 
ATOM   935  C  CB  . VAL A 1 121 ? 8.034   -3.850  6.432   1.00 29.10  ? 121 VAL A CB  1 
ATOM   936  C  CG1 . VAL A 1 121 ? 6.679   -3.657  5.751   1.00 30.45  ? 121 VAL A CG1 1 
ATOM   937  C  CG2 . VAL A 1 121 ? 8.833   -2.564  6.391   1.00 29.29  ? 121 VAL A CG2 1 
ATOM   938  N  N   . TYR A 1 122 ? 5.715   -5.358  8.436   1.00 23.75  ? 122 TYR A N   1 
ATOM   939  C  CA  . TYR A 1 122 ? 4.643   -6.341  8.319   1.00 27.07  ? 122 TYR A CA  1 
ATOM   940  C  C   . TYR A 1 122 ? 3.606   -5.816  7.333   1.00 26.45  ? 122 TYR A C   1 
ATOM   941  O  O   . TYR A 1 122 ? 3.034   -4.743  7.547   1.00 25.20  ? 122 TYR A O   1 
ATOM   942  C  CB  . TYR A 1 122 ? 3.995   -6.622  9.673   1.00 24.35  ? 122 TYR A CB  1 
ATOM   943  C  CG  . TYR A 1 122 ? 2.724   -7.449  9.581   1.00 29.44  ? 122 TYR A CG  1 
ATOM   944  C  CD1 . TYR A 1 122 ? 2.776   -8.837  9.491   1.00 29.58  ? 122 TYR A CD1 1 
ATOM   945  C  CD2 . TYR A 1 122 ? 1.472   -6.841  9.602   1.00 27.87  ? 122 TYR A CD2 1 
ATOM   946  C  CE1 . TYR A 1 122 ? 1.612   -9.597  9.410   1.00 28.33  ? 122 TYR A CE1 1 
ATOM   947  C  CE2 . TYR A 1 122 ? 0.307   -7.590  9.519   1.00 31.35  ? 122 TYR A CE2 1 
ATOM   948  C  CZ  . TYR A 1 122 ? 0.385   -8.966  9.428   1.00 31.23  ? 122 TYR A CZ  1 
ATOM   949  O  OH  . TYR A 1 122 ? -0.772  -9.706  9.353   1.00 32.81  ? 122 TYR A OH  1 
ATOM   950  N  N   . LEU A 1 123 ? 3.335   -6.593  6.283   1.00 26.13  ? 123 LEU A N   1 
ATOM   951  C  CA  . LEU A 1 123 ? 2.416   -6.205  5.217   1.00 24.72  ? 123 LEU A CA  1 
ATOM   952  C  C   . LEU A 1 123 ? 1.428   -7.343  4.992   1.00 28.87  ? 123 LEU A C   1 
ATOM   953  O  O   . LEU A 1 123 ? 1.840   -8.482  4.749   1.00 26.93  ? 123 LEU A O   1 
ATOM   954  C  CB  . LEU A 1 123 ? 3.191   -5.888  3.935   1.00 27.87  ? 123 LEU A CB  1 
ATOM   955  C  CG  . LEU A 1 123 ? 2.398   -5.523  2.681   1.00 36.52  ? 123 LEU A CG  1 
ATOM   956  C  CD1 . LEU A 1 123 ? 1.630   -4.229  2.889   1.00 28.93  ? 123 LEU A CD1 1 
ATOM   957  C  CD2 . LEU A 1 123 ? 3.344   -5.402  1.492   1.00 33.99  ? 123 LEU A CD2 1 
ATOM   958  N  N   . ALA A 1 124 ? 0.133   -7.046  5.080   1.00 26.17  ? 124 ALA A N   1 
ATOM   959  C  CA  . ALA A 1 124 ? -0.871  -8.099  5.045   1.00 28.97  ? 124 ALA A CA  1 
ATOM   960  C  C   . ALA A 1 124 ? -2.106  -7.659  4.271   1.00 26.07  ? 124 ALA A C   1 
ATOM   961  O  O   . ALA A 1 124 ? -2.489  -6.487  4.285   1.00 24.61  ? 124 ALA A O   1 
ATOM   962  C  CB  . ALA A 1 124 ? -1.280  -8.520  6.455   1.00 26.96  ? 124 ALA A CB  1 
ATOM   963  N  N   . TRP A 1 125 ? -2.746  -8.633  3.629   1.00 23.35  ? 125 TRP A N   1 
ATOM   964  C  CA  . TRP A 1 125 ? -3.962  -8.422  2.859   1.00 22.79  ? 125 TRP A CA  1 
ATOM   965  C  C   . TRP A 1 125 ? -5.190  -8.790  3.680   1.00 27.42  ? 125 TRP A C   1 
ATOM   966  O  O   . TRP A 1 125 ? -5.193  -9.807  4.382   1.00 24.52  ? 125 TRP A O   1 
ATOM   967  C  CB  . TRP A 1 125 ? -3.945  -9.274  1.590   1.00 24.24  ? 125 TRP A CB  1 
ATOM   968  C  CG  . TRP A 1 125 ? -5.236  -9.239  0.815   1.00 25.39  ? 125 TRP A CG  1 
ATOM   969  C  CD1 . TRP A 1 125 ? -5.658  -8.257  -0.032  1.00 27.49  ? 125 TRP A CD1 1 
ATOM   970  C  CD2 . TRP A 1 125 ? -6.271  -10.229 0.832   1.00 29.03  ? 125 TRP A CD2 1 
ATOM   971  N  NE1 . TRP A 1 125 ? -6.898  -8.578  -0.550  1.00 27.11  ? 125 TRP A NE1 1 
ATOM   972  C  CE2 . TRP A 1 125 ? -7.291  -9.784  -0.035  1.00 31.11  ? 125 TRP A CE2 1 
ATOM   973  C  CE3 . TRP A 1 125 ? -6.437  -11.449 1.497   1.00 32.31  ? 125 TRP A CE3 1 
ATOM   974  C  CZ2 . TRP A 1 125 ? -8.456  -10.519 -0.254  1.00 30.94  ? 125 TRP A CZ2 1 
ATOM   975  C  CZ3 . TRP A 1 125 ? -7.591  -12.178 1.273   1.00 31.06  ? 125 TRP A CZ3 1 
ATOM   976  C  CH2 . TRP A 1 125 ? -8.585  -11.710 0.406   1.00 32.72  ? 125 TRP A CH2 1 
ATOM   977  N  N   . VAL A 1 126 ? -6.234  -7.966  3.578   1.00 23.63  ? 126 VAL A N   1 
ATOM   978  C  CA  . VAL A 1 126 ? -7.571  -8.306  4.058   1.00 26.53  ? 126 VAL A CA  1 
ATOM   979  C  C   . VAL A 1 126 ? -8.558  -8.015  2.933   1.00 27.87  ? 126 VAL A C   1 
ATOM   980  O  O   . VAL A 1 126 ? -8.373  -7.045  2.185   1.00 28.05  ? 126 VAL A O   1 
ATOM   981  C  CB  . VAL A 1 126 ? -7.946  -7.533  5.340   1.00 26.85  ? 126 VAL A CB  1 
ATOM   982  C  CG1 . VAL A 1 126 ? -6.961  -7.823  6.441   1.00 27.02  ? 126 VAL A CG1 1 
ATOM   983  C  CG2 . VAL A 1 126 ? -8.006  -6.027  5.079   1.00 25.55  ? 126 VAL A CG2 1 
ATOM   984  N  N   . PRO A 1 127 ? -9.600  -8.818  2.752   1.00 29.52  ? 127 PRO A N   1 
ATOM   985  C  CA  . PRO A 1 127 ? -10.622 -8.451  1.768   1.00 27.20  ? 127 PRO A CA  1 
ATOM   986  C  C   . PRO A 1 127 ? -11.319 -7.175  2.201   1.00 27.68  ? 127 PRO A C   1 
ATOM   987  O  O   . PRO A 1 127 ? -11.487 -6.917  3.395   1.00 24.59  ? 127 PRO A O   1 
ATOM   988  C  CB  . PRO A 1 127 ? -11.581 -9.645  1.770   1.00 32.09  ? 127 PRO A CB  1 
ATOM   989  C  CG  . PRO A 1 127 ? -11.351 -10.345 3.056   1.00 32.37  ? 127 PRO A CG  1 
ATOM   990  C  CD  . PRO A 1 127 ? -9.952  -10.028 3.516   1.00 31.35  ? 127 PRO A CD  1 
ATOM   991  N  N   . ALA A 1 128 ? -11.687 -6.356  1.221   1.00 26.27  ? 128 ALA A N   1 
ATOM   992  C  CA  . ALA A 1 128 ? -12.519 -5.201  1.516   1.00 31.01  ? 128 ALA A CA  1 
ATOM   993  C  C   . ALA A 1 128 ? -13.765 -5.671  2.244   1.00 29.45  ? 128 ALA A C   1 
ATOM   994  O  O   . ALA A 1 128 ? -14.321 -6.727  1.936   1.00 29.22  ? 128 ALA A O   1 
ATOM   995  C  CB  . ALA A 1 128 ? -12.893 -4.461  0.228   1.00 35.50  ? 128 ALA A CB  1 
ATOM   996  N  N   . HIS A 1 129 ? -14.177 -4.908  3.247   1.00 31.90  ? 129 HIS A N   1 
ATOM   997  C  CA  . HIS A 1 129 ? -15.287 -5.332  4.084   1.00 33.33  ? 129 HIS A CA  1 
ATOM   998  C  C   . HIS A 1 129 ? -15.910 -4.101  4.714   1.00 37.42  ? 129 HIS A C   1 
ATOM   999  O  O   . HIS A 1 129 ? -15.298 -3.030  4.766   1.00 38.35  ? 129 HIS A O   1 
ATOM   1000 C  CB  . HIS A 1 129 ? -14.830 -6.318  5.159   1.00 30.54  ? 129 HIS A CB  1 
ATOM   1001 C  CG  . HIS A 1 129 ? -13.684 -5.815  5.974   1.00 29.22  ? 129 HIS A CG  1 
ATOM   1002 N  ND1 . HIS A 1 129 ? -12.380 -5.862  5.528   1.00 25.86  ? 129 HIS A ND1 1 
ATOM   1003 C  CD2 . HIS A 1 129 ? -13.644 -5.248  7.201   1.00 29.36  ? 129 HIS A CD2 1 
ATOM   1004 C  CE1 . HIS A 1 129 ? -11.586 -5.340  6.444   1.00 26.87  ? 129 HIS A CE1 1 
ATOM   1005 N  NE2 . HIS A 1 129 ? -12.326 -4.972  7.472   1.00 26.37  ? 129 HIS A NE2 1 
ATOM   1006 N  N   . LYS A 1 130 ? -17.138 -4.269  5.180   1.00 41.46  ? 130 LYS A N   1 
ATOM   1007 C  CA  . LYS A 1 130 ? -17.885 -3.186  5.790   1.00 47.64  ? 130 LYS A CA  1 
ATOM   1008 C  C   . LYS A 1 130 ? -17.795 -3.280  7.305   1.00 45.61  ? 130 LYS A C   1 
ATOM   1009 O  O   . LYS A 1 130 ? -17.579 -4.354  7.875   1.00 40.62  ? 130 LYS A O   1 
ATOM   1010 C  CB  . LYS A 1 130 ? -19.345 -3.203  5.331   1.00 54.63  ? 130 LYS A CB  1 
ATOM   1011 C  CG  . LYS A 1 130 ? -19.492 -3.285  3.809   1.00 77.84  ? 130 LYS A CG  1 
ATOM   1012 C  CD  . LYS A 1 130 ? -19.091 -1.974  3.134   1.00 57.89  ? 130 LYS A CD  1 
ATOM   1013 C  CE  . LYS A 1 130 ? -18.574 -2.188  1.709   1.00 53.33  ? 130 LYS A CE  1 
ATOM   1014 N  NZ  . LYS A 1 130 ? -17.539 -3.262  1.595   1.00 49.60  ? 130 LYS A NZ  1 
ATOM   1015 N  N   . GLY A 1 131 ? -17.945 -2.140  7.945   1.00 48.46  ? 131 GLY A N   1 
ATOM   1016 C  CA  . GLY A 1 131 ? -17.744 -2.026  9.367   1.00 44.48  ? 131 GLY A CA  1 
ATOM   1017 C  C   . GLY A 1 131 ? -17.224 -0.643  9.687   1.00 46.65  ? 131 GLY A C   1 
ATOM   1018 O  O   . GLY A 1 131 ? -17.396 0.289   8.906   1.00 47.41  ? 131 GLY A O   1 
ATOM   1019 N  N   . ILE A 1 132 ? -16.575 -0.538  10.843  1.00 42.27  ? 132 ILE A N   1 
ATOM   1020 C  CA  . ILE A 1 132 ? -16.102 0.752   11.325  1.00 44.08  ? 132 ILE A CA  1 
ATOM   1021 C  C   . ILE A 1 132 ? -14.636 0.645   11.718  1.00 44.46  ? 132 ILE A C   1 
ATOM   1022 O  O   . ILE A 1 132 ? -14.106 1.507   12.427  1.00 47.29  ? 132 ILE A O   1 
ATOM   1023 C  CB  . ILE A 1 132 ? -16.967 1.248   12.498  1.00 48.88  ? 132 ILE A CB  1 
ATOM   1024 C  CG1 . ILE A 1 132 ? -17.346 0.079   13.412  1.00 46.91  ? 132 ILE A CG1 1 
ATOM   1025 C  CG2 . ILE A 1 132 ? -18.212 1.960   11.980  1.00 50.81  ? 132 ILE A CG2 1 
ATOM   1026 C  CD1 . ILE A 1 132 ? -17.636 0.493   14.843  1.00 51.81  ? 132 ILE A CD1 1 
ATOM   1027 N  N   . GLY A 1 133 ? -13.971 -0.410  11.252  1.00 41.72  ? 133 GLY A N   1 
ATOM   1028 C  CA  . GLY A 1 133 ? -12.552 -0.585  11.478  1.00 34.91  ? 133 GLY A CA  1 
ATOM   1029 C  C   . GLY A 1 133 ? -11.714 0.289   10.562  1.00 35.20  ? 133 GLY A C   1 
ATOM   1030 O  O   . GLY A 1 133 ? -12.204 1.221   9.914   1.00 33.36  ? 133 GLY A O   1 
ATOM   1031 N  N   . GLY A 1 134 ? -10.423 -0.046  10.495  1.00 28.63  ? 134 GLY A N   1 
ATOM   1032 C  CA  . GLY A 1 134 ? -9.474  0.810   9.795   1.00 27.90  ? 134 GLY A CA  1 
ATOM   1033 C  C   . GLY A 1 134 ? -9.636  0.777   8.284   1.00 29.91  ? 134 GLY A C   1 
ATOM   1034 O  O   . GLY A 1 134 ? -9.718  1.826   7.637   1.00 29.07  ? 134 GLY A O   1 
ATOM   1035 N  N   . ASN A 1 135 ? -9.660  -0.426  7.696   1.00 30.41  ? 135 ASN A N   1 
ATOM   1036 C  CA  . ASN A 1 135 ? -9.832  -0.533  6.245   1.00 28.75  ? 135 ASN A CA  1 
ATOM   1037 C  C   . ASN A 1 135 ? -11.114 0.149   5.778   1.00 28.74  ? 135 ASN A C   1 
ATOM   1038 O  O   . ASN A 1 135 ? -11.145 0.760   4.700   1.00 28.17  ? 135 ASN A O   1 
ATOM   1039 C  CB  . ASN A 1 135 ? -9.835  -2.000  5.807   1.00 27.23  ? 135 ASN A CB  1 
ATOM   1040 C  CG  . ASN A 1 135 ? -10.103 -2.161  4.310   1.00 28.06  ? 135 ASN A CG  1 
ATOM   1041 O  OD1 . ASN A 1 135 ? -11.211 -2.506  3.903   1.00 27.17  ? 135 ASN A OD1 1 
ATOM   1042 N  ND2 . ASN A 1 135 ? -9.087  -1.905  3.489   1.00 26.89  ? 135 ASN A ND2 1 
ATOM   1043 N  N   . GLU A 1 136 ? -12.192 0.040   6.561   1.00 27.68  ? 136 GLU A N   1 
ATOM   1044 C  CA  . GLU A 1 136 ? -13.429 0.695   6.152   1.00 27.64  ? 136 GLU A CA  1 
ATOM   1045 C  C   . GLU A 1 136 ? -13.350 2.218   6.266   1.00 31.93  ? 136 GLU A C   1 
ATOM   1046 O  O   . GLU A 1 136 ? -13.995 2.925   5.478   1.00 28.47  ? 136 GLU A O   1 
ATOM   1047 C  CB  . GLU A 1 136 ? -14.644 0.141   6.922   1.00 37.06  ? 136 GLU A CB  1 
ATOM   1048 C  CG  . GLU A 1 136 ? -14.690 -1.387  7.295   1.00 36.33  ? 136 GLU A CG  1 
ATOM   1049 C  CD  . GLU A 1 136 ? -13.900 -1.856  8.520   1.00 32.16  ? 136 GLU A CD  1 
ATOM   1050 O  OE1 . GLU A 1 136 ? -12.661 -1.782  8.545   1.00 25.56  ? 136 GLU A OE1 1 
ATOM   1051 O  OE2 . GLU A 1 136 ? -14.556 -2.337  9.466   1.00 36.28  ? 136 GLU A OE2 1 
ATOM   1052 N  N   . GLN A 1 137 ? -12.558 2.751   7.202   1.00 30.17  ? 137 GLN A N   1 
ATOM   1053 C  CA  . GLN A 1 137 ? -12.444 4.203   7.310   1.00 32.21  ? 137 GLN A CA  1 
ATOM   1054 C  C   . GLN A 1 137 ? -11.656 4.792   6.145   1.00 30.24  ? 137 GLN A C   1 
ATOM   1055 O  O   . GLN A 1 137 ? -12.065 5.800   5.559   1.00 28.23  ? 137 GLN A O   1 
ATOM   1056 C  CB  . GLN A 1 137 ? -11.794 4.595   8.635   1.00 34.71  ? 137 GLN A CB  1 
ATOM   1057 C  CG  . GLN A 1 137 ? -12.676 4.413   9.853   1.00 43.09  ? 137 GLN A CG  1 
ATOM   1058 C  CD  . GLN A 1 137 ? -11.951 4.758   11.138  1.00 51.49  ? 137 GLN A CD  1 
ATOM   1059 O  OE1 . GLN A 1 137 ? -11.854 3.936   12.048  1.00 51.25  ? 137 GLN A OE1 1 
ATOM   1060 N  NE2 . GLN A 1 137 ? -11.435 5.983   11.217  1.00 50.39  ? 137 GLN A NE2 1 
ATOM   1061 N  N   . VAL A 1 138 ? -10.508 4.198   5.806   1.00 29.62  ? 138 VAL A N   1 
ATOM   1062 C  CA  . VAL A 1 138 ? -9.718  4.767   4.718   1.00 27.58  ? 138 VAL A CA  1 
ATOM   1063 C  C   . VAL A 1 138 ? -10.412 4.550   3.377   1.00 28.39  ? 138 VAL A C   1 
ATOM   1064 O  O   . VAL A 1 138 ? -10.307 5.392   2.474   1.00 29.72  ? 138 VAL A O   1 
ATOM   1065 C  CB  . VAL A 1 138 ? -8.278  4.206   4.724   1.00 26.79  ? 138 VAL A CB  1 
ATOM   1066 C  CG1 . VAL A 1 138 ? -8.267  2.690   4.568   1.00 23.09  ? 138 VAL A CG1 1 
ATOM   1067 C  CG2 . VAL A 1 138 ? -7.430  4.878   3.629   1.00 26.09  ? 138 VAL A CG2 1 
ATOM   1068 N  N   . ASP A 1 139 ? -11.161 3.449   3.228   1.00 25.15  ? 139 ASP A N   1 
ATOM   1069 C  CA  . ASP A 1 139 ? -11.864 3.214   1.969   1.00 28.01  ? 139 ASP A CA  1 
ATOM   1070 C  C   . ASP A 1 139 ? -12.880 4.314   1.694   1.00 30.05  ? 139 ASP A C   1 
ATOM   1071 O  O   . ASP A 1 139 ? -13.003 4.794   0.561   1.00 28.59  ? 139 ASP A O   1 
ATOM   1072 C  CB  . ASP A 1 139 ? -12.571 1.864   1.989   1.00 31.31  ? 139 ASP A CB  1 
ATOM   1073 C  CG  . ASP A 1 139 ? -13.191 1.534   0.656   1.00 36.12  ? 139 ASP A CG  1 
ATOM   1074 O  OD1 . ASP A 1 139 ? -12.431 1.213   -0.269  1.00 39.67  ? 139 ASP A OD1 1 
ATOM   1075 O  OD2 . ASP A 1 139 ? -14.421 1.647   0.516   1.00 39.99  ? 139 ASP A OD2 1 
ATOM   1076 N  N   . LYS A 1 140 ? -13.622 4.722   2.722   1.00 33.11  ? 140 LYS A N   1 
ATOM   1077 C  CA  . LYS A 1 140 ? -14.551 5.836   2.571   1.00 35.07  ? 140 LYS A CA  1 
ATOM   1078 C  C   . LYS A 1 140 ? -13.829 7.116   2.161   1.00 31.76  ? 140 LYS A C   1 
ATOM   1079 O  O   . LYS A 1 140 ? -14.314 7.863   1.301   1.00 31.22  ? 140 LYS A O   1 
ATOM   1080 C  CB  . LYS A 1 140 ? -15.321 6.037   3.875   1.00 35.21  ? 140 LYS A CB  1 
ATOM   1081 C  CG  . LYS A 1 140 ? -16.481 7.005   3.790   1.00 47.08  ? 140 LYS A CG  1 
ATOM   1082 C  CD  . LYS A 1 140 ? -16.758 7.623   5.156   1.00 59.35  ? 140 LYS A CD  1 
ATOM   1083 C  CE  . LYS A 1 140 ? -16.778 9.146   5.098   1.00 74.29  ? 140 LYS A CE  1 
ATOM   1084 N  NZ  . LYS A 1 140 ? -15.413 9.724   5.271   1.00 65.97  ? 140 LYS A NZ  1 
ATOM   1085 N  N   . LEU A 1 141 ? -12.662 7.382   2.757   1.00 30.68  ? 141 LEU A N   1 
ATOM   1086 C  CA  . LEU A 1 141 ? -11.928 8.608   2.445   1.00 32.42  ? 141 LEU A CA  1 
ATOM   1087 C  C   . LEU A 1 141 ? -11.440 8.629   1.000   1.00 31.05  ? 141 LEU A C   1 
ATOM   1088 O  O   . LEU A 1 141 ? -11.544 9.656   0.322   1.00 26.25  ? 141 LEU A O   1 
ATOM   1089 C  CB  . LEU A 1 141 ? -10.745 8.778   3.399   1.00 31.33  ? 141 LEU A CB  1 
ATOM   1090 C  CG  . LEU A 1 141 ? -11.077 9.210   4.829   1.00 37.08  ? 141 LEU A CG  1 
ATOM   1091 C  CD1 . LEU A 1 141 ? -9.888  8.935   5.737   1.00 34.46  ? 141 LEU A CD1 1 
ATOM   1092 C  CD2 . LEU A 1 141 ? -11.461 10.681  4.871   1.00 38.01  ? 141 LEU A CD2 1 
ATOM   1093 N  N   . VAL A 1 142 ? -10.887 7.518   0.509   1.00 29.23  ? 142 VAL A N   1 
ATOM   1094 C  CA  . VAL A 1 142 ? -10.378 7.533   -0.856  1.00 25.64  ? 142 VAL A CA  1 
ATOM   1095 C  C   . VAL A 1 142 ? -11.494 7.390   -1.877  1.00 29.94  ? 142 VAL A C   1 
ATOM   1096 O  O   . VAL A 1 142 ? -11.289 7.729   -3.049  1.00 25.97  ? 142 VAL A O   1 
ATOM   1097 C  CB  . VAL A 1 142 ? -9.324  6.437   -1.092  1.00 25.03  ? 142 VAL A CB  1 
ATOM   1098 C  CG1 . VAL A 1 142 ? -8.119  6.676   -0.199  1.00 24.89  ? 142 VAL A CG1 1 
ATOM   1099 C  CG2 . VAL A 1 142 ? -9.928  5.060   -0.863  1.00 25.89  ? 142 VAL A CG2 1 
ATOM   1100 N  N   . SER A 1 143 ? -12.669 6.905   -1.471  1.00 28.48  ? 143 SER A N   1 
ATOM   1101 C  CA  . SER A 1 143 ? -13.772 6.742   -2.408  1.00 30.78  ? 143 SER A CA  1 
ATOM   1102 C  C   . SER A 1 143 ? -14.566 8.024   -2.614  1.00 32.27  ? 143 SER A C   1 
ATOM   1103 O  O   . SER A 1 143 ? -15.254 8.155   -3.634  1.00 33.20  ? 143 SER A O   1 
ATOM   1104 C  CB  . SER A 1 143 ? -14.712 5.630   -1.930  1.00 36.03  ? 143 SER A CB  1 
ATOM   1105 O  OG  . SER A 1 143 ? -14.101 4.360   -2.090  1.00 38.05  ? 143 SER A OG  1 
ATOM   1106 N  N   . ALA A 1 144 ? -14.485 8.959   -1.673  1.00 27.28  ? 144 ALA A N   1 
ATOM   1107 C  CA  . ALA A 1 144 ? -15.273 10.185  -1.734  1.00 30.99  ? 144 ALA A CA  1 
ATOM   1108 C  C   . ALA A 1 144 ? -14.999 10.935  -3.029  1.00 29.76  ? 144 ALA A C   1 
ATOM   1109 O  O   . ALA A 1 144 ? -13.863 11.336  -3.294  1.00 29.43  ? 144 ALA A O   1 
ATOM   1110 C  CB  . ALA A 1 144 ? -14.950 11.067  -0.530  1.00 29.74  ? 144 ALA A CB  1 
ATOM   1111 N  N   . GLY A 1 145 ? -16.043 11.117  -3.834  1.00 29.93  ? 145 GLY A N   1 
ATOM   1112 C  CA  . GLY A 1 145 ? -15.923 11.809  -5.099  1.00 30.05  ? 145 GLY A CA  1 
ATOM   1113 C  C   . GLY A 1 145 ? -15.268 11.011  -6.199  1.00 32.56  ? 145 GLY A C   1 
ATOM   1114 O  O   . GLY A 1 145 ? -15.061 11.550  -7.296  1.00 29.42  ? 145 GLY A O   1 
ATOM   1115 N  N   . ILE A 1 146 ? -14.926 9.750   -5.941  1.00 30.07  ? 146 ILE A N   1 
ATOM   1116 C  CA  . ILE A 1 146 ? -14.298 8.889   -6.928  1.00 31.38  ? 146 ILE A CA  1 
ATOM   1117 C  C   . ILE A 1 146 ? -15.220 7.751   -7.358  1.00 39.82  ? 146 ILE A C   1 
ATOM   1118 O  O   . ILE A 1 146 ? -15.251 7.415   -8.542  1.00 38.41  ? 146 ILE A O   1 
ATOM   1119 C  CB  . ILE A 1 146 ? -12.943 8.352   -6.416  1.00 31.60  ? 146 ILE A CB  1 
ATOM   1120 C  CG1 . ILE A 1 146 ? -12.024 9.514   -6.038  1.00 29.69  ? 146 ILE A CG1 1 
ATOM   1121 C  CG2 . ILE A 1 146 ? -12.249 7.516   -7.488  1.00 28.56  ? 146 ILE A CG2 1 
ATOM   1122 C  CD1 . ILE A 1 146 ? -11.679 10.415  -7.206  1.00 26.32  ? 146 ILE A CD1 1 
ATOM   1123 N  N   . ARG A 1 147 ? -15.980 7.146   -6.427  1.00 42.77  ? 147 ARG A N   1 
ATOM   1124 C  CA  . ARG A 1 147 ? -17.106 6.278   -6.792  1.00 54.50  ? 147 ARG A CA  1 
ATOM   1125 C  C   . ARG A 1 147 ? -18.113 6.148   -5.662  1.00 48.13  ? 147 ARG A C   1 
ATOM   1126 O  O   . ARG A 1 147 ? -17.838 6.459   -4.500  1.00 43.58  ? 147 ARG A O   1 
ATOM   1127 C  CB  . ARG A 1 147 ? -16.714 4.850   -7.167  1.00 60.82  ? 147 ARG A CB  1 
ATOM   1128 C  CG  . ARG A 1 147 ? -17.455 4.368   -8.349  1.00 70.71  ? 147 ARG A CG  1 
ATOM   1129 C  CD  . ARG A 1 147 ? -16.794 5.130   -9.399  1.00 86.59  ? 147 ARG A CD  1 
ATOM   1130 N  NE  . ARG A 1 147 ? -17.606 5.501   -10.533 1.00 86.53  ? 147 ARG A NE  1 
ATOM   1131 C  CZ  . ARG A 1 147 ? -17.314 6.556   -11.269 1.00 73.96  ? 147 ARG A CZ  1 
ATOM   1132 N  NH1 . ARG A 1 147 ? -16.362 7.392   -10.906 1.00 69.29  ? 147 ARG A NH1 1 
ATOM   1133 N  NH2 . ARG A 1 147 ? -17.983 6.776   -12.393 1.00 83.00  ? 147 ARG A NH2 1 
ATOM   1134 N  N   . LYS A 1 148 ? -19.279 5.613   -6.038  1.00 46.28  ? 148 LYS A N   1 
ATOM   1135 C  CA  . LYS A 1 148 ? -20.323 5.238   -5.096  1.00 50.03  ? 148 LYS A CA  1 
ATOM   1136 C  C   . LYS A 1 148 ? -19.863 4.094   -4.207  1.00 55.29  ? 148 LYS A C   1 
ATOM   1137 O  O   . LYS A 1 148 ? -19.268 3.119   -4.678  1.00 51.21  ? 148 LYS A O   1 
ATOM   1138 C  CB  . LYS A 1 148 ? -21.585 4.804   -5.845  1.00 47.99  ? 148 LYS A CB  1 
ATOM   1139 C  CG  . LYS A 1 148 ? -22.685 5.838   -5.940  1.00 48.50  ? 148 LYS A CG  1 
ATOM   1140 C  CD  . LYS A 1 148 ? -24.019 5.162   -6.255  1.00 47.05  ? 148 LYS A CD  1 
ATOM   1141 C  CE  . LYS A 1 148 ? -24.448 5.399   -7.695  1.00 50.81  ? 148 LYS A CE  1 
ATOM   1142 N  NZ  . LYS A 1 148 ? -25.003 6.767   -7.914  1.00 52.30  ? 148 LYS A NZ  1 
ATOM   1143 N  N   . VAL A 1 149 ? -20.179 4.200   -2.921  1.00 60.75  ? 149 VAL A N   1 
ATOM   1144 C  CA  . VAL A 1 149 ? -19.823 3.183   -1.940  1.00 61.67  ? 149 VAL A CA  1 
ATOM   1145 C  C   . VAL A 1 149 ? -20.932 2.138   -1.793  1.00 58.29  ? 149 VAL A C   1 
ATOM   1146 O  O   . VAL A 1 149 ? -20.655 0.939   -1.741  1.00 54.86  ? 149 VAL A O   1 
ATOM   1147 C  CB  . VAL A 1 149 ? -19.506 3.835   -0.586  1.00 61.43  ? 149 VAL A CB  1 
ATOM   1148 C  CG1 . VAL A 1 149 ? -18.045 4.246   -0.527  1.00 60.84  ? 149 VAL A CG1 1 
ATOM   1149 C  CG2 . VAL A 1 149 ? -20.409 5.045   -0.368  1.00 60.74  ? 149 VAL A CG2 1 
HETATM 1150 MN MN  . MN  B 2 .   ? -8.475  -1.006  -1.927  1.00 22.26  ? 201 MN  A MN  1 
HETATM 1151 MN MN  . MN  C 2 .   ? -11.004 -0.467  -0.045  1.00 32.85  ? 202 MN  A MN  1 
HETATM 1152 C  CAB . E58 D 3 .   ? -10.566 -3.723  -4.004  1.00 74.84  ? 203 E58 A CAB 1 
HETATM 1153 C  CAC . E58 D 3 .   ? -11.856 -3.664  -4.329  1.00 74.97  ? 203 E58 A CAC 1 
HETATM 1154 C  CAD . E58 D 3 .   ? -12.347 -2.607  -3.691  1.00 72.62  ? 203 E58 A CAD 1 
HETATM 1155 C  CAE . E58 D 3 .   ? -11.319 -2.082  -3.027  1.00 69.85  ? 203 E58 A CAE 1 
HETATM 1156 C  CAI . E58 D 3 .   ? -11.348 -1.028  -2.227  1.00 58.00  ? 203 E58 A CAI 1 
HETATM 1157 C  CAL . E58 D 3 .   ? -12.693 0.496   -3.231  1.00 76.88  ? 203 E58 A CAL 1 
HETATM 1158 C  CAM . E58 D 3 .   ? -13.856 1.262   -3.280  1.00 84.16  ? 203 E58 A CAM 1 
HETATM 1159 C  CAN . E58 D 3 .   ? -14.047 2.127   -4.350  1.00 74.13  ? 203 E58 A CAN 1 
HETATM 1160 C  CAO . E58 D 3 .   ? -13.051 2.267   -5.325  1.00 69.37  ? 203 E58 A CAO 1 
HETATM 1161 C  CAP . E58 D 3 .   ? -11.930 1.461   -5.293  1.00 65.24  ? 203 E58 A CAP 1 
HETATM 1162 C  CAQ . E58 D 3 .   ? -11.723 0.626   -4.219  1.00 69.15  ? 203 E58 A CAQ 1 
HETATM 1163 C  CAS . E58 D 3 .   ? -15.926 1.939   -2.422  1.00 68.39  ? 203 E58 A CAS 1 
HETATM 1164 C  CAT . E58 D 3 .   ? -13.171 3.069   -6.452  1.00 84.14  ? 203 E58 A CAT 1 
HETATM 1165 C  CAW . E58 D 3 .   ? -13.907 5.032   -5.477  1.00 61.06  ? 203 E58 A CAW 1 
HETATM 1166 N  NAF . E58 D 3 .   ? -9.715  -4.643  -4.433  1.00 75.06  ? 203 E58 A NAF 1 
HETATM 1167 O  OAA . E58 D 3 .   ? -10.263 -2.763  -3.190  1.00 75.15  ? 203 E58 A OAA 1 
HETATM 1168 O  OAG . E58 D 3 .   ? -10.171 -5.635  -5.290  1.00 95.86  ? 203 E58 A OAG 1 
HETATM 1169 O  OAH . E58 D 3 .   ? -8.355  -4.525  -4.028  1.00 52.71  ? 203 E58 A OAH 1 
HETATM 1170 O  OAJ . E58 D 3 .   ? -10.294 -0.662  -1.712  1.00 40.11  ? 203 E58 A OAJ 1 
HETATM 1171 O  OAK . E58 D 3 .   ? -12.522 -0.331  -2.159  1.00 66.21  ? 203 E58 A OAK 1 
HETATM 1172 O  OAR . E58 D 3 .   ? -14.764 1.106   -2.268  1.00 93.50  ? 203 E58 A OAR 1 
HETATM 1173 O  OAU . E58 D 3 .   ? -12.451 2.865   -7.432  1.00 66.23  ? 203 E58 A OAU 1 
HETATM 1174 O  OAV . E58 D 3 .   ? -14.164 3.985   -6.438  1.00 71.10  ? 203 E58 A OAV 1 
HETATM 1175 ZN ZN  . ZN  E 4 .   ? -3.858  14.760  -16.599 1.00 27.65  ? 204 ZN  A ZN  1 
HETATM 1176 ZN ZN  . ZN  F 4 .   ? 13.240  -1.189  16.015  1.00 30.06  ? 205 ZN  A ZN  1 
HETATM 1177 O  O   . HOH G 5 .   ? -17.968 7.476   -2.365  1.00 33.97  ? 301 HOH A O   1 
HETATM 1178 O  O   . HOH G 5 .   ? -2.013  0.565   -13.266 1.00 38.95  ? 302 HOH A O   1 
HETATM 1179 O  O   . HOH G 5 .   ? -5.459  -3.648  -6.527  1.00 30.51  ? 303 HOH A O   1 
HETATM 1180 O  O   . HOH G 5 .   ? -1.246  -11.167 -3.331  1.00 32.21  ? 304 HOH A O   1 
HETATM 1181 O  O   . HOH G 5 .   ? 10.776  -7.187  8.472   1.00 31.85  ? 305 HOH A O   1 
HETATM 1182 O  O   . HOH G 5 .   ? -11.692 12.259  0.710   1.00 29.66  ? 306 HOH A O   1 
HETATM 1183 O  O   . HOH G 5 .   ? -7.867  4.651   -14.269 1.00 29.89  ? 307 HOH A O   1 
HETATM 1184 O  O   . HOH G 5 .   ? 7.079   -11.360 15.729  1.00 38.97  ? 308 HOH A O   1 
HETATM 1185 O  O   . HOH G 5 .   ? 4.811   2.251   12.568  1.00 32.99  ? 309 HOH A O   1 
HETATM 1186 O  O   . HOH G 5 .   ? -6.081  -1.278  0.537   1.00 22.67  ? 310 HOH A O   1 
HETATM 1187 O  O   . HOH G 5 .   ? -10.490 -6.610  -1.178  1.00 39.16  ? 311 HOH A O   1 
HETATM 1188 O  O   . HOH G 5 .   ? -3.102  13.013  10.529  1.00 39.32  ? 312 HOH A O   1 
HETATM 1189 O  O   . HOH G 5 .   ? 6.214   -10.816 -10.124 1.00 35.42  ? 313 HOH A O   1 
HETATM 1190 O  O   . HOH G 5 .   ? 0.427   13.373  -15.285 1.00 41.16  ? 314 HOH A O   1 
HETATM 1191 O  O   . HOH G 5 .   ? 5.466   4.885   12.655  1.00 32.22  ? 315 HOH A O   1 
HETATM 1192 O  O   . HOH G 5 .   ? -6.651  -0.884  4.583   1.00 26.95  ? 316 HOH A O   1 
HETATM 1193 O  O   . HOH G 5 .   ? -4.833  14.456  4.085   1.00 37.45  ? 317 HOH A O   1 
HETATM 1194 O  O   . HOH G 5 .   ? -18.288 -6.734  4.524   1.00 43.55  ? 318 HOH A O   1 
HETATM 1195 O  O   . HOH G 5 .   ? -3.130  -0.355  -0.815  1.00 25.76  ? 319 HOH A O   1 
HETATM 1196 O  O   . HOH G 5 .   ? -9.562  -1.977  12.343  1.00 30.47  ? 320 HOH A O   1 
HETATM 1197 O  O   . HOH G 5 .   ? -0.625  7.582   -9.756  1.00 32.91  ? 321 HOH A O   1 
HETATM 1198 O  O   . HOH G 5 .   ? -7.573  -10.370 -7.381  1.00 50.41  ? 322 HOH A O   1 
HETATM 1199 O  O   . HOH G 5 .   ? -6.800  12.346  -14.977 1.00 27.61  ? 323 HOH A O   1 
HETATM 1200 O  O   . HOH G 5 .   ? 4.557   -9.225  6.055   1.00 29.92  ? 324 HOH A O   1 
HETATM 1201 O  O   . HOH G 5 .   ? -18.459 9.597   -3.586  1.00 34.61  ? 325 HOH A O   1 
HETATM 1202 O  O   . HOH G 5 .   ? -8.566  2.242   -12.581 1.00 34.37  ? 326 HOH A O   1 
HETATM 1203 O  O   . HOH G 5 .   ? 6.830   -9.358  13.987  1.00 31.32  ? 327 HOH A O   1 
HETATM 1204 O  O   . HOH G 5 .   ? 2.541   -13.802 -4.218  1.00 33.85  ? 328 HOH A O   1 
HETATM 1205 O  O   . HOH G 5 .   ? -3.733  16.179  -2.912  1.00 36.59  ? 329 HOH A O   1 
HETATM 1206 O  O   . HOH G 5 .   ? -5.885  -6.734  -6.359  1.00 36.53  ? 330 HOH A O   1 
HETATM 1207 O  O   . HOH G 5 .   ? 4.910   3.611   -12.299 1.00 42.23  ? 331 HOH A O   1 
HETATM 1208 O  O   . HOH G 5 .   ? -1.519  -11.483 3.675   1.00 30.67  ? 332 HOH A O   1 
HETATM 1209 O  O   . HOH G 5 .   ? -2.902  -7.123  -17.078 1.00 53.85  ? 333 HOH A O   1 
HETATM 1210 O  O   . HOH G 5 .   ? -13.777 -8.042  -0.867  1.00 41.95  ? 334 HOH A O   1 
HETATM 1211 O  O   . HOH G 5 .   ? -9.747  -3.673  9.103   1.00 14.89  ? 335 HOH A O   1 
HETATM 1212 O  O   . HOH G 5 .   ? 12.374  -2.889  17.061  1.00 27.35  ? 336 HOH A O   1 
HETATM 1213 O  O   . HOH G 5 .   ? -11.357 -5.263  -16.432 1.00 39.52  ? 337 HOH A O   1 
HETATM 1214 O  O   . HOH G 5 .   ? 5.731   2.952   -14.793 1.00 46.05  ? 338 HOH A O   1 
HETATM 1215 O  O   . HOH G 5 .   ? 17.724  -0.592  8.874   1.00 44.38  ? 339 HOH A O   1 
HETATM 1216 O  O   . HOH G 5 .   ? -7.945  -11.991 5.898   1.00 36.42  ? 340 HOH A O   1 
HETATM 1217 O  O   . HOH G 5 .   ? -8.355  3.061   13.373  1.00 42.53  ? 341 HOH A O   1 
HETATM 1218 O  O   . HOH G 5 .   ? -24.581 2.255   -1.220  1.00 44.53  ? 342 HOH A O   1 
# 
loop_
_pdbx_poly_seq_scheme.asym_id 
_pdbx_poly_seq_scheme.entity_id 
_pdbx_poly_seq_scheme.seq_id 
_pdbx_poly_seq_scheme.mon_id 
_pdbx_poly_seq_scheme.ndb_seq_num 
_pdbx_poly_seq_scheme.pdb_seq_num 
_pdbx_poly_seq_scheme.auth_seq_num 
_pdbx_poly_seq_scheme.pdb_mon_id 
_pdbx_poly_seq_scheme.auth_mon_id 
_pdbx_poly_seq_scheme.pdb_strand_id 
_pdbx_poly_seq_scheme.pdb_ins_code 
_pdbx_poly_seq_scheme.hetero 
A 1 1   GLY 1   1   ?   ?   ?   A . n 
A 1 2   PRO 2   2   ?   ?   ?   A . n 
A 1 3   GLY 3   3   ?   ?   ?   A . n 
A 1 4   GLY 4   4   ?   ?   ?   A . n 
A 1 5   SER 5   5   5   SER SER A . n 
A 1 6   MET 6   6   6   MET MET A . n 
A 1 7   TYR 7   7   7   TYR TYR A . n 
A 1 8   GLN 8   8   8   GLN GLN A . n 
A 1 9   LEU 9   9   9   LEU LEU A . n 
A 1 10  GLU 10  10  10  GLU GLU A . n 
A 1 11  LYS 11  11  11  LYS LYS A . n 
A 1 12  GLU 12  12  12  GLU GLU A . n 
A 1 13  PRO 13  13  13  PRO PRO A . n 
A 1 14  ILE 14  14  14  ILE ILE A . n 
A 1 15  VAL 15  15  15  VAL VAL A . n 
A 1 16  GLY 16  16  16  GLY GLY A . n 
A 1 17  ALA 17  17  17  ALA ALA A . n 
A 1 18  GLU 18  18  18  GLU GLU A . n 
A 1 19  THR 19  19  19  THR THR A . n 
A 1 20  PHE 20  20  20  PHE PHE A . n 
A 1 21  TYR 21  21  21  TYR TYR A . n 
A 1 22  VAL 22  22  22  VAL VAL A . n 
A 1 23  ASP 23  23  23  ASP ASP A . n 
A 1 24  GLY 24  24  24  GLY GLY A . n 
A 1 25  ALA 25  25  25  ALA ALA A . n 
A 1 26  ALA 26  26  26  ALA ALA A . n 
A 1 27  ASN 27  27  27  ASN ASN A . n 
A 1 28  ARG 28  28  28  ARG ARG A . n 
A 1 29  GLU 29  29  29  GLU GLU A . n 
A 1 30  THR 30  30  30  THR THR A . n 
A 1 31  LYS 31  31  31  LYS LYS A . n 
A 1 32  LEU 32  32  32  LEU LEU A . n 
A 1 33  GLY 33  33  33  GLY GLY A . n 
A 1 34  LYS 34  34  34  LYS LYS A . n 
A 1 35  ALA 35  35  35  ALA ALA A . n 
A 1 36  GLY 36  36  36  GLY GLY A . n 
A 1 37  TYR 37  37  37  TYR TYR A . n 
A 1 38  VAL 38  38  38  VAL VAL A . n 
A 1 39  THR 39  39  39  THR THR A . n 
A 1 40  ASN 40  40  40  ASN ASN A . n 
A 1 41  ARG 41  41  41  ARG ARG A . n 
A 1 42  GLY 42  42  42  GLY GLY A . n 
A 1 43  ARG 43  43  43  ARG ARG A . n 
A 1 44  GLN 44  44  44  GLN GLN A . n 
A 1 45  LYS 45  45  45  LYS LYS A . n 
A 1 46  VAL 46  46  46  VAL VAL A . n 
A 1 47  VAL 47  47  47  VAL VAL A . n 
A 1 48  THR 48  48  48  THR THR A . n 
A 1 49  LEU 49  49  49  LEU LEU A . n 
A 1 50  THR 50  50  50  THR THR A . n 
A 1 51  ASP 51  51  51  ASP ASP A . n 
A 1 52  THR 52  52  52  THR THR A . n 
A 1 53  THR 53  53  53  THR THR A . n 
A 1 54  ASN 54  54  54  ASN ASN A . n 
A 1 55  GLN 55  55  55  GLN GLN A . n 
A 1 56  LYS 56  56  56  LYS LYS A . n 
A 1 57  THR 57  57  57  THR THR A . n 
A 1 58  GLU 58  58  58  GLU GLU A . n 
A 1 59  LEU 59  59  59  LEU LEU A . n 
A 1 60  GLN 60  60  60  GLN GLN A . n 
A 1 61  ALA 61  61  61  ALA ALA A . n 
A 1 62  ILE 62  62  62  ILE ILE A . n 
A 1 63  TYR 63  63  63  TYR TYR A . n 
A 1 64  LEU 64  64  64  LEU LEU A . n 
A 1 65  ALA 65  65  65  ALA ALA A . n 
A 1 66  LEU 66  66  66  LEU LEU A . n 
A 1 67  GLN 67  67  67  GLN GLN A . n 
A 1 68  ASP 68  68  68  ASP ASP A . n 
A 1 69  SER 69  69  69  SER SER A . n 
A 1 70  GLY 70  70  70  GLY GLY A . n 
A 1 71  LEU 71  71  71  LEU LEU A . n 
A 1 72  GLU 72  72  72  GLU GLU A . n 
A 1 73  VAL 73  73  73  VAL VAL A . n 
A 1 74  ASN 74  74  74  ASN ASN A . n 
A 1 75  ILE 75  75  75  ILE ILE A . n 
A 1 76  VAL 76  76  76  VAL VAL A . n 
A 1 77  THR 77  77  77  THR THR A . n 
A 1 78  ASP 78  78  78  ASP ASP A . n 
A 1 79  SER 79  79  79  SER SER A . n 
A 1 80  GLN 80  80  80  GLN GLN A . n 
A 1 81  TYR 81  81  81  TYR TYR A . n 
A 1 82  ALA 82  82  82  ALA ALA A . n 
A 1 83  LEU 83  83  83  LEU LEU A . n 
A 1 84  GLY 84  84  84  GLY GLY A . n 
A 1 85  ILE 85  85  85  ILE ILE A . n 
A 1 86  ILE 86  86  86  ILE ILE A . n 
A 1 87  THR 87  87  87  THR THR A . n 
A 1 88  GLN 88  88  88  GLN GLN A . n 
A 1 89  TRP 89  89  89  TRP TRP A . n 
A 1 90  ILE 90  90  90  ILE ILE A . n 
A 1 91  HIS 91  91  91  HIS HIS A . n 
A 1 92  ASN 92  92  92  ASN ASN A . n 
A 1 93  TRP 93  93  93  TRP TRP A . n 
A 1 94  LYS 94  94  94  LYS LYS A . n 
A 1 95  LYS 95  95  95  LYS LYS A . n 
A 1 96  ARG 96  96  96  ARG ARG A . n 
A 1 97  GLY 97  97  97  GLY GLY A . n 
A 1 98  TRP 98  98  98  TRP TRP A . n 
A 1 99  LYS 99  99  99  LYS LYS A . n 
A 1 100 THR 100 100 100 THR THR A . n 
A 1 101 PRO 101 101 101 PRO PRO A . n 
A 1 102 VAL 102 102 102 VAL VAL A . n 
A 1 103 LYS 103 103 103 LYS LYS A . n 
A 1 104 ASN 104 104 104 ASN ASN A . n 
A 1 105 VAL 105 105 105 VAL VAL A . n 
A 1 106 ASP 106 106 106 ASP ASP A . n 
A 1 107 LEU 107 107 107 LEU LEU A . n 
A 1 108 VAL 108 108 108 VAL VAL A . n 
A 1 109 ASN 109 109 109 ASN ASN A . n 
A 1 110 GLN 110 110 110 GLN GLN A . n 
A 1 111 ILE 111 111 111 ILE ILE A . n 
A 1 112 ILE 112 112 112 ILE ILE A . n 
A 1 113 GLU 113 113 113 GLU GLU A . n 
A 1 114 GLN 114 114 114 GLN GLN A . n 
A 1 115 LEU 115 115 115 LEU LEU A . n 
A 1 116 ILE 116 116 116 ILE ILE A . n 
A 1 117 LYS 117 117 117 LYS LYS A . n 
A 1 118 LYS 118 118 118 LYS LYS A . n 
A 1 119 GLU 119 119 119 GLU GLU A . n 
A 1 120 LYS 120 120 120 LYS LYS A . n 
A 1 121 VAL 121 121 121 VAL VAL A . n 
A 1 122 TYR 122 122 122 TYR TYR A . n 
A 1 123 LEU 123 123 123 LEU LEU A . n 
A 1 124 ALA 124 124 124 ALA ALA A . n 
A 1 125 TRP 125 125 125 TRP TRP A . n 
A 1 126 VAL 126 126 126 VAL VAL A . n 
A 1 127 PRO 127 127 127 PRO PRO A . n 
A 1 128 ALA 128 128 128 ALA ALA A . n 
A 1 129 HIS 129 129 129 HIS HIS A . n 
A 1 130 LYS 130 130 130 LYS LYS A . n 
A 1 131 GLY 131 131 131 GLY GLY A . n 
A 1 132 ILE 132 132 132 ILE ILE A . n 
A 1 133 GLY 133 133 133 GLY GLY A . n 
A 1 134 GLY 134 134 134 GLY GLY A . n 
A 1 135 ASN 135 135 135 ASN ASN A . n 
A 1 136 GLU 136 136 136 GLU GLU A . n 
A 1 137 GLN 137 137 137 GLN GLN A . n 
A 1 138 VAL 138 138 138 VAL VAL A . n 
A 1 139 ASP 139 139 139 ASP ASP A . n 
A 1 140 LYS 140 140 140 LYS LYS A . n 
A 1 141 LEU 141 141 141 LEU LEU A . n 
A 1 142 VAL 142 142 142 VAL VAL A . n 
A 1 143 SER 143 143 143 SER SER A . n 
A 1 144 ALA 144 144 144 ALA ALA A . n 
A 1 145 GLY 145 145 145 GLY GLY A . n 
A 1 146 ILE 146 146 146 ILE ILE A . n 
A 1 147 ARG 147 147 147 ARG ARG A . n 
A 1 148 LYS 148 148 148 LYS LYS A . n 
A 1 149 VAL 149 149 149 VAL VAL A . n 
A 1 150 LEU 150 150 ?   ?   ?   A . n 
A 1 151 PHE 151 151 ?   ?   ?   A . n 
# 
_pdbx_contact_author.id                 2 
_pdbx_contact_author.email              hoshino@chiba-u.jp 
_pdbx_contact_author.name_first         Tyuji 
_pdbx_contact_author.name_last          Hoshino 
_pdbx_contact_author.name_mi            ? 
_pdbx_contact_author.role               'principal investigator/group leader' 
_pdbx_contact_author.identifier_ORCID   0000-0003-4705-4412 
# 
loop_
_pdbx_nonpoly_scheme.asym_id 
_pdbx_nonpoly_scheme.entity_id 
_pdbx_nonpoly_scheme.mon_id 
_pdbx_nonpoly_scheme.ndb_seq_num 
_pdbx_nonpoly_scheme.pdb_seq_num 
_pdbx_nonpoly_scheme.auth_seq_num 
_pdbx_nonpoly_scheme.pdb_mon_id 
_pdbx_nonpoly_scheme.auth_mon_id 
_pdbx_nonpoly_scheme.pdb_strand_id 
_pdbx_nonpoly_scheme.pdb_ins_code 
B 2 MN  1  201 150 MN  MN  A . 
C 2 MN  1  202 151 MN  MN  A . 
D 3 E58 1  203 1   E58 DRG A . 
E 4 ZN  1  204 1   ZN  ZN  A . 
F 4 ZN  1  205 2   ZN  ZN  A . 
G 5 HOH 1  301 18  HOH HOH A . 
G 5 HOH 2  302 34  HOH HOH A . 
G 5 HOH 3  303 38  HOH HOH A . 
G 5 HOH 4  304 22  HOH HOH A . 
G 5 HOH 5  305 1   HOH HOH A . 
G 5 HOH 6  306 17  HOH HOH A . 
G 5 HOH 7  307 9   HOH HOH A . 
G 5 HOH 8  308 3   HOH HOH A . 
G 5 HOH 9  309 40  HOH HOH A . 
G 5 HOH 10 310 7   HOH HOH A . 
G 5 HOH 11 311 41  HOH HOH A . 
G 5 HOH 12 312 29  HOH HOH A . 
G 5 HOH 13 313 5   HOH HOH A . 
G 5 HOH 14 314 37  HOH HOH A . 
G 5 HOH 15 315 28  HOH HOH A . 
G 5 HOH 16 316 6   HOH HOH A . 
G 5 HOH 17 317 27  HOH HOH A . 
G 5 HOH 18 318 36  HOH HOH A . 
G 5 HOH 19 319 8   HOH HOH A . 
G 5 HOH 20 320 25  HOH HOH A . 
G 5 HOH 21 321 23  HOH HOH A . 
G 5 HOH 22 322 31  HOH HOH A . 
G 5 HOH 23 323 24  HOH HOH A . 
G 5 HOH 24 324 4   HOH HOH A . 
G 5 HOH 25 325 19  HOH HOH A . 
G 5 HOH 26 326 30  HOH HOH A . 
G 5 HOH 27 327 2   HOH HOH A . 
G 5 HOH 28 328 26  HOH HOH A . 
G 5 HOH 29 329 32  HOH HOH A . 
G 5 HOH 30 330 33  HOH HOH A . 
G 5 HOH 31 331 42  HOH HOH A . 
G 5 HOH 32 332 15  HOH HOH A . 
G 5 HOH 33 333 39  HOH HOH A . 
G 5 HOH 34 334 44  HOH HOH A . 
G 5 HOH 35 335 11  HOH HOH A . 
G 5 HOH 36 336 13  HOH HOH A . 
G 5 HOH 37 337 10  HOH HOH A . 
G 5 HOH 38 338 43  HOH HOH A . 
G 5 HOH 39 339 14  HOH HOH A . 
G 5 HOH 40 340 16  HOH HOH A . 
G 5 HOH 41 341 12  HOH HOH A . 
G 5 HOH 42 342 20  HOH HOH A . 
# 
_pdbx_struct_assembly.id                   1 
_pdbx_struct_assembly.details              author_defined_assembly 
_pdbx_struct_assembly.method_details       ? 
_pdbx_struct_assembly.oligomeric_details   monomeric 
_pdbx_struct_assembly.oligomeric_count     1 
# 
_pdbx_struct_assembly_gen.assembly_id       1 
_pdbx_struct_assembly_gen.oper_expression   1 
_pdbx_struct_assembly_gen.asym_id_list      A,B,C,D,E,F,G 
# 
_pdbx_struct_oper_list.id                   1 
_pdbx_struct_oper_list.type                 'identity operation' 
_pdbx_struct_oper_list.name                 1_555 
_pdbx_struct_oper_list.symmetry_operation   x,y,z 
_pdbx_struct_oper_list.matrix[1][1]         1.0000000000 
_pdbx_struct_oper_list.matrix[1][2]         0.0000000000 
_pdbx_struct_oper_list.matrix[1][3]         0.0000000000 
_pdbx_struct_oper_list.vector[1]            0.0000000000 
_pdbx_struct_oper_list.matrix[2][1]         0.0000000000 
_pdbx_struct_oper_list.matrix[2][2]         1.0000000000 
_pdbx_struct_oper_list.matrix[2][3]         0.0000000000 
_pdbx_struct_oper_list.vector[2]            0.0000000000 
_pdbx_struct_oper_list.matrix[3][1]         0.0000000000 
_pdbx_struct_oper_list.matrix[3][2]         0.0000000000 
_pdbx_struct_oper_list.matrix[3][3]         1.0000000000 
_pdbx_struct_oper_list.vector[3]            0.0000000000 
# 
loop_
_pdbx_struct_conn_angle.id 
_pdbx_struct_conn_angle.ptnr1_label_atom_id 
_pdbx_struct_conn_angle.ptnr1_label_alt_id 
_pdbx_struct_conn_angle.ptnr1_label_asym_id 
_pdbx_struct_conn_angle.ptnr1_label_comp_id 
_pdbx_struct_conn_angle.ptnr1_label_seq_id 
_pdbx_struct_conn_angle.ptnr1_auth_atom_id 
_pdbx_struct_conn_angle.ptnr1_auth_asym_id 
_pdbx_struct_conn_angle.ptnr1_auth_comp_id 
_pdbx_struct_conn_angle.ptnr1_auth_seq_id 
_pdbx_struct_conn_angle.ptnr1_PDB_ins_code 
_pdbx_struct_conn_angle.ptnr1_symmetry 
_pdbx_struct_conn_angle.ptnr2_label_atom_id 
_pdbx_struct_conn_angle.ptnr2_label_alt_id 
_pdbx_struct_conn_angle.ptnr2_label_asym_id 
_pdbx_struct_conn_angle.ptnr2_label_comp_id 
_pdbx_struct_conn_angle.ptnr2_label_seq_id 
_pdbx_struct_conn_angle.ptnr2_auth_atom_id 
_pdbx_struct_conn_angle.ptnr2_auth_asym_id 
_pdbx_struct_conn_angle.ptnr2_auth_comp_id 
_pdbx_struct_conn_angle.ptnr2_auth_seq_id 
_pdbx_struct_conn_angle.ptnr2_PDB_ins_code 
_pdbx_struct_conn_angle.ptnr2_symmetry 
_pdbx_struct_conn_angle.ptnr3_label_atom_id 
_pdbx_struct_conn_angle.ptnr3_label_alt_id 
_pdbx_struct_conn_angle.ptnr3_label_asym_id 
_pdbx_struct_conn_angle.ptnr3_label_comp_id 
_pdbx_struct_conn_angle.ptnr3_label_seq_id 
_pdbx_struct_conn_angle.ptnr3_auth_atom_id 
_pdbx_struct_conn_angle.ptnr3_auth_asym_id 
_pdbx_struct_conn_angle.ptnr3_auth_comp_id 
_pdbx_struct_conn_angle.ptnr3_auth_seq_id 
_pdbx_struct_conn_angle.ptnr3_PDB_ins_code 
_pdbx_struct_conn_angle.ptnr3_symmetry 
_pdbx_struct_conn_angle.value 
_pdbx_struct_conn_angle.value_esd 
1  OD1 ? A ASP 23  ? A ASP 23  ? 1_555 MN ? B MN . ? A MN 201 ? 1_555 OE2 ? A GLU 58  ? A GLU 58  ? 1_555 104.1 ? 
2  OD1 ? A ASP 23  ? A ASP 23  ? 1_555 MN ? B MN . ? A MN 201 ? 1_555 OD1 ? A ASP 78  ? A ASP 78  ? 1_555 114.5 ? 
3  OE2 ? A GLU 58  ? A GLU 58  ? 1_555 MN ? B MN . ? A MN 201 ? 1_555 OD1 ? A ASP 78  ? A ASP 78  ? 1_555 107.7 ? 
4  OD1 ? A ASP 23  ? A ASP 23  ? 1_555 MN ? B MN . ? A MN 201 ? 1_555 OAJ ? D E58 .   ? A E58 203 ? 1_555 91.2  ? 
5  OE2 ? A GLU 58  ? A GLU 58  ? 1_555 MN ? B MN . ? A MN 201 ? 1_555 OAJ ? D E58 .   ? A E58 203 ? 1_555 132.0 ? 
6  OD1 ? A ASP 78  ? A ASP 78  ? 1_555 MN ? B MN . ? A MN 201 ? 1_555 OAJ ? D E58 .   ? A E58 203 ? 1_555 106.4 ? 
7  OD2 ? A ASP 23  ? A ASP 23  ? 1_555 MN ? C MN . ? A MN 202 ? 1_555 OD2 ? A ASP 78  ? A ASP 78  ? 1_555 91.2  ? 
8  OD2 ? A ASP 23  ? A ASP 23  ? 1_555 MN ? C MN . ? A MN 202 ? 1_555 OD1 ? A ASP 139 ? A ASP 139 ? 1_555 84.5  ? 
9  OD2 ? A ASP 78  ? A ASP 78  ? 1_555 MN ? C MN . ? A MN 202 ? 1_555 OD1 ? A ASP 139 ? A ASP 139 ? 1_555 170.9 ? 
10 OD2 ? A ASP 23  ? A ASP 23  ? 1_555 MN ? C MN . ? A MN 202 ? 1_555 OAJ ? D E58 .   ? A E58 203 ? 1_555 94.2  ? 
11 OD2 ? A ASP 78  ? A ASP 78  ? 1_555 MN ? C MN . ? A MN 202 ? 1_555 OAJ ? D E58 .   ? A E58 203 ? 1_555 84.5  ? 
12 OD1 ? A ASP 139 ? A ASP 139 ? 1_555 MN ? C MN . ? A MN 202 ? 1_555 OAJ ? D E58 .   ? A E58 203 ? 1_555 103.9 ? 
13 OD2 ? A ASP 23  ? A ASP 23  ? 1_555 MN ? C MN . ? A MN 202 ? 1_555 OAK ? D E58 .   ? A E58 203 ? 1_555 124.2 ? 
14 OD2 ? A ASP 78  ? A ASP 78  ? 1_555 MN ? C MN . ? A MN 202 ? 1_555 OAK ? D E58 .   ? A E58 203 ? 1_555 128.4 ? 
15 OD1 ? A ASP 139 ? A ASP 139 ? 1_555 MN ? C MN . ? A MN 202 ? 1_555 OAK ? D E58 .   ? A E58 203 ? 1_555 60.2  ? 
16 OAJ ? D E58 .   ? A E58 203 ? 1_555 MN ? C MN . ? A MN 202 ? 1_555 OAK ? D E58 .   ? A E58 203 ? 1_555 59.4  ? 
17 OD1 ? A ASP 51  ? A ASP 51  ? 1_555 ZN ? E ZN . ? A ZN 204 ? 1_555 OD2 ? A ASP 51  ? A ASP 51  ? 1_555 54.2  ? 
18 OD1 ? A ASP 51  ? A ASP 51  ? 1_555 ZN ? E ZN . ? A ZN 204 ? 1_555 NE2 ? A HIS 129 ? A HIS 129 ? 1_555 54.9  ? 
19 OD2 ? A ASP 51  ? A ASP 51  ? 1_555 ZN ? E ZN . ? A ZN 204 ? 1_555 NE2 ? A HIS 129 ? A HIS 129 ? 1_555 53.1  ? 
20 OD1 ? A ASP 51  ? A ASP 51  ? 1_555 ZN ? E ZN . ? A ZN 204 ? 1_555 OE1 ? A GLU 136 ? A GLU 136 ? 1_555 60.7  ? 
21 OD2 ? A ASP 51  ? A ASP 51  ? 1_555 ZN ? E ZN . ? A ZN 204 ? 1_555 OE1 ? A GLU 136 ? A GLU 136 ? 1_555 54.9  ? 
22 NE2 ? A HIS 129 ? A HIS 129 ? 1_555 ZN ? E ZN . ? A ZN 204 ? 1_555 OE1 ? A GLU 136 ? A GLU 136 ? 1_555 5.9   ? 
23 OD1 ? A ASP 51  ? A ASP 51  ? 1_555 ZN ? E ZN . ? A ZN 204 ? 1_555 O   ? G HOH .   ? A HOH 335 ? 6_444 98.2  ? 
24 OD2 ? A ASP 51  ? A ASP 51  ? 1_555 ZN ? E ZN . ? A ZN 204 ? 1_555 O   ? G HOH .   ? A HOH 335 ? 6_444 129.2 ? 
25 NE2 ? A HIS 129 ? A HIS 129 ? 1_555 ZN ? E ZN . ? A ZN 204 ? 1_555 O   ? G HOH .   ? A HOH 335 ? 6_444 76.1  ? 
26 OE1 ? A GLU 136 ? A GLU 136 ? 1_555 ZN ? E ZN . ? A ZN 204 ? 1_555 O   ? G HOH .   ? A HOH 335 ? 6_444 74.8  ? 
27 OE2 ? A GLU 72  ? A GLU 72  ? 1_555 ZN ? F ZN . ? A ZN 205 ? 1_555 ND1 ? A HIS 91  ? A HIS 91  ? 1_555 100.0 ? 
28 OE2 ? A GLU 72  ? A GLU 72  ? 1_555 ZN ? F ZN . ? A ZN 205 ? 1_555 OE1 ? A GLU 119 ? A GLU 119 ? 1_555 106.6 ? 
29 ND1 ? A HIS 91  ? A HIS 91  ? 1_555 ZN ? F ZN . ? A ZN 205 ? 1_555 OE1 ? A GLU 119 ? A GLU 119 ? 1_555 39.4  ? 
30 OE2 ? A GLU 72  ? A GLU 72  ? 1_555 ZN ? F ZN . ? A ZN 205 ? 1_555 O   ? G HOH .   ? A HOH 336 ? 1_555 109.8 ? 
31 ND1 ? A HIS 91  ? A HIS 91  ? 1_555 ZN ? F ZN . ? A ZN 205 ? 1_555 O   ? G HOH .   ? A HOH 336 ? 1_555 80.4  ? 
32 OE1 ? A GLU 119 ? A GLU 119 ? 1_555 ZN ? F ZN . ? A ZN 205 ? 1_555 O   ? G HOH .   ? A HOH 336 ? 1_555 113.5 ? 
# 
loop_
_pdbx_audit_revision_history.ordinal 
_pdbx_audit_revision_history.data_content_type 
_pdbx_audit_revision_history.major_revision 
_pdbx_audit_revision_history.minor_revision 
_pdbx_audit_revision_history.revision_date 
1 'Structure model' 1 0 2022-04-27 
2 'Structure model' 1 1 2022-10-19 
3 'Structure model' 1 2 2023-01-11 
4 'Structure model' 1 3 2023-11-29 
# 
_pdbx_audit_revision_details.ordinal             1 
_pdbx_audit_revision_details.revision_ordinal    1 
_pdbx_audit_revision_details.data_content_type   'Structure model' 
_pdbx_audit_revision_details.provider            repository 
_pdbx_audit_revision_details.type                'Initial release' 
_pdbx_audit_revision_details.description         ? 
_pdbx_audit_revision_details.details             ? 
# 
loop_
_pdbx_audit_revision_group.ordinal 
_pdbx_audit_revision_group.revision_ordinal 
_pdbx_audit_revision_group.data_content_type 
_pdbx_audit_revision_group.group 
1 2 'Structure model' 'Database references'    
2 3 'Structure model' 'Database references'    
3 4 'Structure model' 'Data collection'        
4 4 'Structure model' 'Refinement description' 
# 
loop_
_pdbx_audit_revision_category.ordinal 
_pdbx_audit_revision_category.revision_ordinal 
_pdbx_audit_revision_category.data_content_type 
_pdbx_audit_revision_category.category 
1 2 'Structure model' citation                      
2 2 'Structure model' citation_author               
3 3 'Structure model' citation                      
4 3 'Structure model' citation_author               
5 4 'Structure model' chem_comp_atom                
6 4 'Structure model' chem_comp_bond                
7 4 'Structure model' pdbx_initial_refinement_model 
# 
loop_
_pdbx_audit_revision_item.ordinal 
_pdbx_audit_revision_item.revision_ordinal 
_pdbx_audit_revision_item.data_content_type 
_pdbx_audit_revision_item.item 
1  2 'Structure model' '_citation.country'                 
2  2 'Structure model' '_citation.journal_abbrev'          
3  2 'Structure model' '_citation.journal_id_CSD'          
4  2 'Structure model' '_citation.journal_id_ISSN'         
5  2 'Structure model' '_citation.pdbx_database_id_DOI'    
6  2 'Structure model' '_citation.pdbx_database_id_PubMed' 
7  2 'Structure model' '_citation.title'                   
8  2 'Structure model' '_citation.year'                    
9  2 'Structure model' '_citation_author.identifier_ORCID' 
10 3 'Structure model' '_citation.journal_volume'          
11 3 'Structure model' '_citation.page_first'              
12 3 'Structure model' '_citation.page_last'               
13 3 'Structure model' '_citation_author.identifier_ORCID' 
# 
loop_
_software.citation_id 
_software.classification 
_software.compiler_name 
_software.compiler_version 
_software.contact_author 
_software.contact_author_email 
_software.date 
_software.description 
_software.dependencies 
_software.hardware 
_software.language 
_software.location 
_software.mods 
_software.name 
_software.os 
_software.os_version 
_software.type 
_software.version 
_software.pdbx_ordinal 
? 'data reduction'  ? ? ? ? ? ? ? ? ? ? ? XDS         ? ? ? .      1 
? 'data scaling'    ? ? ? ? ? ? ? ? ? ? ? Aimless     ? ? ? 0.1.27 2 
? refinement        ? ? ? ? ? ? ? ? ? ? ? PHENIX      ? ? ? 1.18   3 
? 'data extraction' ? ? ? ? ? ? ? ? ? ? ? PDB_EXTRACT ? ? ? 3.27   4 
? phasing           ? ? ? ? ? ? ? ? ? ? ? MOLREP      ? ? ? .      5 
# 
_pdbx_entry_details.entry_id                 7XIS 
_pdbx_entry_details.has_ligand_of_interest   Y 
_pdbx_entry_details.compound_details         ? 
_pdbx_entry_details.source_details           ? 
_pdbx_entry_details.nonpolymer_details       ? 
_pdbx_entry_details.sequence_details         ? 
# 
loop_
_pdbx_unobs_or_zero_occ_residues.id 
_pdbx_unobs_or_zero_occ_residues.PDB_model_num 
_pdbx_unobs_or_zero_occ_residues.polymer_flag 
_pdbx_unobs_or_zero_occ_residues.occupancy_flag 
_pdbx_unobs_or_zero_occ_residues.auth_asym_id 
_pdbx_unobs_or_zero_occ_residues.auth_comp_id 
_pdbx_unobs_or_zero_occ_residues.auth_seq_id 
_pdbx_unobs_or_zero_occ_residues.PDB_ins_code 
_pdbx_unobs_or_zero_occ_residues.label_asym_id 
_pdbx_unobs_or_zero_occ_residues.label_comp_id 
_pdbx_unobs_or_zero_occ_residues.label_seq_id 
1 1 Y 1 A GLY 1   ? A GLY 1   
2 1 Y 1 A PRO 2   ? A PRO 2   
3 1 Y 1 A GLY 3   ? A GLY 3   
4 1 Y 1 A GLY 4   ? A GLY 4   
5 1 Y 1 A LEU 150 ? A LEU 150 
6 1 Y 1 A PHE 151 ? A PHE 151 
# 
loop_
_chem_comp_atom.comp_id 
_chem_comp_atom.atom_id 
_chem_comp_atom.type_symbol 
_chem_comp_atom.pdbx_aromatic_flag 
_chem_comp_atom.pdbx_stereo_config 
_chem_comp_atom.pdbx_ordinal 
ALA N    N  N N 1   
ALA CA   C  N S 2   
ALA C    C  N N 3   
ALA O    O  N N 4   
ALA CB   C  N N 5   
ALA OXT  O  N N 6   
ALA H    H  N N 7   
ALA H2   H  N N 8   
ALA HA   H  N N 9   
ALA HB1  H  N N 10  
ALA HB2  H  N N 11  
ALA HB3  H  N N 12  
ALA HXT  H  N N 13  
ARG N    N  N N 14  
ARG CA   C  N S 15  
ARG C    C  N N 16  
ARG O    O  N N 17  
ARG CB   C  N N 18  
ARG CG   C  N N 19  
ARG CD   C  N N 20  
ARG NE   N  N N 21  
ARG CZ   C  N N 22  
ARG NH1  N  N N 23  
ARG NH2  N  N N 24  
ARG OXT  O  N N 25  
ARG H    H  N N 26  
ARG H2   H  N N 27  
ARG HA   H  N N 28  
ARG HB2  H  N N 29  
ARG HB3  H  N N 30  
ARG HG2  H  N N 31  
ARG HG3  H  N N 32  
ARG HD2  H  N N 33  
ARG HD3  H  N N 34  
ARG HE   H  N N 35  
ARG HH11 H  N N 36  
ARG HH12 H  N N 37  
ARG HH21 H  N N 38  
ARG HH22 H  N N 39  
ARG HXT  H  N N 40  
ASN N    N  N N 41  
ASN CA   C  N S 42  
ASN C    C  N N 43  
ASN O    O  N N 44  
ASN CB   C  N N 45  
ASN CG   C  N N 46  
ASN OD1  O  N N 47  
ASN ND2  N  N N 48  
ASN OXT  O  N N 49  
ASN H    H  N N 50  
ASN H2   H  N N 51  
ASN HA   H  N N 52  
ASN HB2  H  N N 53  
ASN HB3  H  N N 54  
ASN HD21 H  N N 55  
ASN HD22 H  N N 56  
ASN HXT  H  N N 57  
ASP N    N  N N 58  
ASP CA   C  N S 59  
ASP C    C  N N 60  
ASP O    O  N N 61  
ASP CB   C  N N 62  
ASP CG   C  N N 63  
ASP OD1  O  N N 64  
ASP OD2  O  N N 65  
ASP OXT  O  N N 66  
ASP H    H  N N 67  
ASP H2   H  N N 68  
ASP HA   H  N N 69  
ASP HB2  H  N N 70  
ASP HB3  H  N N 71  
ASP HD2  H  N N 72  
ASP HXT  H  N N 73  
E58 CAB  C  Y N 74  
E58 CAC  C  Y N 75  
E58 CAD  C  Y N 76  
E58 CAE  C  Y N 77  
E58 CAI  C  N N 78  
E58 CAL  C  Y N 79  
E58 CAM  C  Y N 80  
E58 CAN  C  Y N 81  
E58 CAO  C  Y N 82  
E58 CAP  C  Y N 83  
E58 CAQ  C  Y N 84  
E58 CAS  C  N N 85  
E58 CAT  C  N N 86  
E58 CAW  C  N N 87  
E58 NAF  N  N N 88  
E58 OAA  O  Y N 89  
E58 OAG  O  N N 90  
E58 OAH  O  N N 91  
E58 OAJ  O  N N 92  
E58 OAK  O  N N 93  
E58 OAR  O  N N 94  
E58 OAU  O  N N 95  
E58 OAV  O  N N 96  
E58 H1   H  N N 97  
E58 H2   H  N N 98  
E58 H3   H  N N 99  
E58 H4   H  N N 100 
E58 H5   H  N N 101 
E58 H6   H  N N 102 
E58 H7   H  N N 103 
E58 H8   H  N N 104 
E58 H9   H  N N 105 
E58 H10  H  N N 106 
E58 H11  H  N N 107 
GLN N    N  N N 108 
GLN CA   C  N S 109 
GLN C    C  N N 110 
GLN O    O  N N 111 
GLN CB   C  N N 112 
GLN CG   C  N N 113 
GLN CD   C  N N 114 
GLN OE1  O  N N 115 
GLN NE2  N  N N 116 
GLN OXT  O  N N 117 
GLN H    H  N N 118 
GLN H2   H  N N 119 
GLN HA   H  N N 120 
GLN HB2  H  N N 121 
GLN HB3  H  N N 122 
GLN HG2  H  N N 123 
GLN HG3  H  N N 124 
GLN HE21 H  N N 125 
GLN HE22 H  N N 126 
GLN HXT  H  N N 127 
GLU N    N  N N 128 
GLU CA   C  N S 129 
GLU C    C  N N 130 
GLU O    O  N N 131 
GLU CB   C  N N 132 
GLU CG   C  N N 133 
GLU CD   C  N N 134 
GLU OE1  O  N N 135 
GLU OE2  O  N N 136 
GLU OXT  O  N N 137 
GLU H    H  N N 138 
GLU H2   H  N N 139 
GLU HA   H  N N 140 
GLU HB2  H  N N 141 
GLU HB3  H  N N 142 
GLU HG2  H  N N 143 
GLU HG3  H  N N 144 
GLU HE2  H  N N 145 
GLU HXT  H  N N 146 
GLY N    N  N N 147 
GLY CA   C  N N 148 
GLY C    C  N N 149 
GLY O    O  N N 150 
GLY OXT  O  N N 151 
GLY H    H  N N 152 
GLY H2   H  N N 153 
GLY HA2  H  N N 154 
GLY HA3  H  N N 155 
GLY HXT  H  N N 156 
HIS N    N  N N 157 
HIS CA   C  N S 158 
HIS C    C  N N 159 
HIS O    O  N N 160 
HIS CB   C  N N 161 
HIS CG   C  Y N 162 
HIS ND1  N  Y N 163 
HIS CD2  C  Y N 164 
HIS CE1  C  Y N 165 
HIS NE2  N  Y N 166 
HIS OXT  O  N N 167 
HIS H    H  N N 168 
HIS H2   H  N N 169 
HIS HA   H  N N 170 
HIS HB2  H  N N 171 
HIS HB3  H  N N 172 
HIS HD1  H  N N 173 
HIS HD2  H  N N 174 
HIS HE1  H  N N 175 
HIS HE2  H  N N 176 
HIS HXT  H  N N 177 
HOH O    O  N N 178 
HOH H1   H  N N 179 
HOH H2   H  N N 180 
ILE N    N  N N 181 
ILE CA   C  N S 182 
ILE C    C  N N 183 
ILE O    O  N N 184 
ILE CB   C  N S 185 
ILE CG1  C  N N 186 
ILE CG2  C  N N 187 
ILE CD1  C  N N 188 
ILE OXT  O  N N 189 
ILE H    H  N N 190 
ILE H2   H  N N 191 
ILE HA   H  N N 192 
ILE HB   H  N N 193 
ILE HG12 H  N N 194 
ILE HG13 H  N N 195 
ILE HG21 H  N N 196 
ILE HG22 H  N N 197 
ILE HG23 H  N N 198 
ILE HD11 H  N N 199 
ILE HD12 H  N N 200 
ILE HD13 H  N N 201 
ILE HXT  H  N N 202 
LEU N    N  N N 203 
LEU CA   C  N S 204 
LEU C    C  N N 205 
LEU O    O  N N 206 
LEU CB   C  N N 207 
LEU CG   C  N N 208 
LEU CD1  C  N N 209 
LEU CD2  C  N N 210 
LEU OXT  O  N N 211 
LEU H    H  N N 212 
LEU H2   H  N N 213 
LEU HA   H  N N 214 
LEU HB2  H  N N 215 
LEU HB3  H  N N 216 
LEU HG   H  N N 217 
LEU HD11 H  N N 218 
LEU HD12 H  N N 219 
LEU HD13 H  N N 220 
LEU HD21 H  N N 221 
LEU HD22 H  N N 222 
LEU HD23 H  N N 223 
LEU HXT  H  N N 224 
LYS N    N  N N 225 
LYS CA   C  N S 226 
LYS C    C  N N 227 
LYS O    O  N N 228 
LYS CB   C  N N 229 
LYS CG   C  N N 230 
LYS CD   C  N N 231 
LYS CE   C  N N 232 
LYS NZ   N  N N 233 
LYS OXT  O  N N 234 
LYS H    H  N N 235 
LYS H2   H  N N 236 
LYS HA   H  N N 237 
LYS HB2  H  N N 238 
LYS HB3  H  N N 239 
LYS HG2  H  N N 240 
LYS HG3  H  N N 241 
LYS HD2  H  N N 242 
LYS HD3  H  N N 243 
LYS HE2  H  N N 244 
LYS HE3  H  N N 245 
LYS HZ1  H  N N 246 
LYS HZ2  H  N N 247 
LYS HZ3  H  N N 248 
LYS HXT  H  N N 249 
MET N    N  N N 250 
MET CA   C  N S 251 
MET C    C  N N 252 
MET O    O  N N 253 
MET CB   C  N N 254 
MET CG   C  N N 255 
MET SD   S  N N 256 
MET CE   C  N N 257 
MET OXT  O  N N 258 
MET H    H  N N 259 
MET H2   H  N N 260 
MET HA   H  N N 261 
MET HB2  H  N N 262 
MET HB3  H  N N 263 
MET HG2  H  N N 264 
MET HG3  H  N N 265 
MET HE1  H  N N 266 
MET HE2  H  N N 267 
MET HE3  H  N N 268 
MET HXT  H  N N 269 
MN  MN   MN N N 270 
PHE N    N  N N 271 
PHE CA   C  N S 272 
PHE C    C  N N 273 
PHE O    O  N N 274 
PHE CB   C  N N 275 
PHE CG   C  Y N 276 
PHE CD1  C  Y N 277 
PHE CD2  C  Y N 278 
PHE CE1  C  Y N 279 
PHE CE2  C  Y N 280 
PHE CZ   C  Y N 281 
PHE OXT  O  N N 282 
PHE H    H  N N 283 
PHE H2   H  N N 284 
PHE HA   H  N N 285 
PHE HB2  H  N N 286 
PHE HB3  H  N N 287 
PHE HD1  H  N N 288 
PHE HD2  H  N N 289 
PHE HE1  H  N N 290 
PHE HE2  H  N N 291 
PHE HZ   H  N N 292 
PHE HXT  H  N N 293 
PRO N    N  N N 294 
PRO CA   C  N S 295 
PRO C    C  N N 296 
PRO O    O  N N 297 
PRO CB   C  N N 298 
PRO CG   C  N N 299 
PRO CD   C  N N 300 
PRO OXT  O  N N 301 
PRO H    H  N N 302 
PRO HA   H  N N 303 
PRO HB2  H  N N 304 
PRO HB3  H  N N 305 
PRO HG2  H  N N 306 
PRO HG3  H  N N 307 
PRO HD2  H  N N 308 
PRO HD3  H  N N 309 
PRO HXT  H  N N 310 
SER N    N  N N 311 
SER CA   C  N S 312 
SER C    C  N N 313 
SER O    O  N N 314 
SER CB   C  N N 315 
SER OG   O  N N 316 
SER OXT  O  N N 317 
SER H    H  N N 318 
SER H2   H  N N 319 
SER HA   H  N N 320 
SER HB2  H  N N 321 
SER HB3  H  N N 322 
SER HG   H  N N 323 
SER HXT  H  N N 324 
THR N    N  N N 325 
THR CA   C  N S 326 
THR C    C  N N 327 
THR O    O  N N 328 
THR CB   C  N R 329 
THR OG1  O  N N 330 
THR CG2  C  N N 331 
THR OXT  O  N N 332 
THR H    H  N N 333 
THR H2   H  N N 334 
THR HA   H  N N 335 
THR HB   H  N N 336 
THR HG1  H  N N 337 
THR HG21 H  N N 338 
THR HG22 H  N N 339 
THR HG23 H  N N 340 
THR HXT  H  N N 341 
TRP N    N  N N 342 
TRP CA   C  N S 343 
TRP C    C  N N 344 
TRP O    O  N N 345 
TRP CB   C  N N 346 
TRP CG   C  Y N 347 
TRP CD1  C  Y N 348 
TRP CD2  C  Y N 349 
TRP NE1  N  Y N 350 
TRP CE2  C  Y N 351 
TRP CE3  C  Y N 352 
TRP CZ2  C  Y N 353 
TRP CZ3  C  Y N 354 
TRP CH2  C  Y N 355 
TRP OXT  O  N N 356 
TRP H    H  N N 357 
TRP H2   H  N N 358 
TRP HA   H  N N 359 
TRP HB2  H  N N 360 
TRP HB3  H  N N 361 
TRP HD1  H  N N 362 
TRP HE1  H  N N 363 
TRP HE3  H  N N 364 
TRP HZ2  H  N N 365 
TRP HZ3  H  N N 366 
TRP HH2  H  N N 367 
TRP HXT  H  N N 368 
TYR N    N  N N 369 
TYR CA   C  N S 370 
TYR C    C  N N 371 
TYR O    O  N N 372 
TYR CB   C  N N 373 
TYR CG   C  Y N 374 
TYR CD1  C  Y N 375 
TYR CD2  C  Y N 376 
TYR CE1  C  Y N 377 
TYR CE2  C  Y N 378 
TYR CZ   C  Y N 379 
TYR OH   O  N N 380 
TYR OXT  O  N N 381 
TYR H    H  N N 382 
TYR H2   H  N N 383 
TYR HA   H  N N 384 
TYR HB2  H  N N 385 
TYR HB3  H  N N 386 
TYR HD1  H  N N 387 
TYR HD2  H  N N 388 
TYR HE1  H  N N 389 
TYR HE2  H  N N 390 
TYR HH   H  N N 391 
TYR HXT  H  N N 392 
VAL N    N  N N 393 
VAL CA   C  N S 394 
VAL C    C  N N 395 
VAL O    O  N N 396 
VAL CB   C  N N 397 
VAL CG1  C  N N 398 
VAL CG2  C  N N 399 
VAL OXT  O  N N 400 
VAL H    H  N N 401 
VAL H2   H  N N 402 
VAL HA   H  N N 403 
VAL HB   H  N N 404 
VAL HG11 H  N N 405 
VAL HG12 H  N N 406 
VAL HG13 H  N N 407 
VAL HG21 H  N N 408 
VAL HG22 H  N N 409 
VAL HG23 H  N N 410 
VAL HXT  H  N N 411 
ZN  ZN   ZN N N 412 
# 
loop_
_chem_comp_bond.comp_id 
_chem_comp_bond.atom_id_1 
_chem_comp_bond.atom_id_2 
_chem_comp_bond.value_order 
_chem_comp_bond.pdbx_aromatic_flag 
_chem_comp_bond.pdbx_stereo_config 
_chem_comp_bond.pdbx_ordinal 
ALA N   CA   sing N N 1   
ALA N   H    sing N N 2   
ALA N   H2   sing N N 3   
ALA CA  C    sing N N 4   
ALA CA  CB   sing N N 5   
ALA CA  HA   sing N N 6   
ALA C   O    doub N N 7   
ALA C   OXT  sing N N 8   
ALA CB  HB1  sing N N 9   
ALA CB  HB2  sing N N 10  
ALA CB  HB3  sing N N 11  
ALA OXT HXT  sing N N 12  
ARG N   CA   sing N N 13  
ARG N   H    sing N N 14  
ARG N   H2   sing N N 15  
ARG CA  C    sing N N 16  
ARG CA  CB   sing N N 17  
ARG CA  HA   sing N N 18  
ARG C   O    doub N N 19  
ARG C   OXT  sing N N 20  
ARG CB  CG   sing N N 21  
ARG CB  HB2  sing N N 22  
ARG CB  HB3  sing N N 23  
ARG CG  CD   sing N N 24  
ARG CG  HG2  sing N N 25  
ARG CG  HG3  sing N N 26  
ARG CD  NE   sing N N 27  
ARG CD  HD2  sing N N 28  
ARG CD  HD3  sing N N 29  
ARG NE  CZ   sing N N 30  
ARG NE  HE   sing N N 31  
ARG CZ  NH1  sing N N 32  
ARG CZ  NH2  doub N N 33  
ARG NH1 HH11 sing N N 34  
ARG NH1 HH12 sing N N 35  
ARG NH2 HH21 sing N N 36  
ARG NH2 HH22 sing N N 37  
ARG OXT HXT  sing N N 38  
ASN N   CA   sing N N 39  
ASN N   H    sing N N 40  
ASN N   H2   sing N N 41  
ASN CA  C    sing N N 42  
ASN CA  CB   sing N N 43  
ASN CA  HA   sing N N 44  
ASN C   O    doub N N 45  
ASN C   OXT  sing N N 46  
ASN CB  CG   sing N N 47  
ASN CB  HB2  sing N N 48  
ASN CB  HB3  sing N N 49  
ASN CG  OD1  doub N N 50  
ASN CG  ND2  sing N N 51  
ASN ND2 HD21 sing N N 52  
ASN ND2 HD22 sing N N 53  
ASN OXT HXT  sing N N 54  
ASP N   CA   sing N N 55  
ASP N   H    sing N N 56  
ASP N   H2   sing N N 57  
ASP CA  C    sing N N 58  
ASP CA  CB   sing N N 59  
ASP CA  HA   sing N N 60  
ASP C   O    doub N N 61  
ASP C   OXT  sing N N 62  
ASP CB  CG   sing N N 63  
ASP CB  HB2  sing N N 64  
ASP CB  HB3  sing N N 65  
ASP CG  OD1  doub N N 66  
ASP CG  OD2  sing N N 67  
ASP OD2 HD2  sing N N 68  
ASP OXT HXT  sing N N 69  
E58 OAG NAF  doub N N 70  
E58 CAC CAD  sing Y N 71  
E58 CAC CAB  doub Y N 72  
E58 CAD CAE  doub Y N 73  
E58 CAS OAR  sing N N 74  
E58 NAF CAB  sing N N 75  
E58 NAF OAH  sing N N 76  
E58 OAV CAT  sing N N 77  
E58 OAV CAW  sing N N 78  
E58 CAB OAA  sing Y N 79  
E58 OAU CAT  doub N N 80  
E58 CAN CAM  doub Y N 81  
E58 CAN CAO  sing Y N 82  
E58 CAT CAO  sing N N 83  
E58 OAR CAM  sing N N 84  
E58 CAM CAL  sing Y N 85  
E58 CAO CAP  doub Y N 86  
E58 CAE OAA  sing Y N 87  
E58 CAE CAI  sing N N 88  
E58 CAP CAQ  sing Y N 89  
E58 CAL CAQ  doub Y N 90  
E58 CAL OAK  sing N N 91  
E58 OAK CAI  sing N N 92  
E58 CAI OAJ  doub N N 93  
E58 CAC H1   sing N N 94  
E58 CAD H2   sing N N 95  
E58 CAN H3   sing N N 96  
E58 CAP H4   sing N N 97  
E58 CAQ H5   sing N N 98  
E58 CAS H6   sing N N 99  
E58 CAS H7   sing N N 100 
E58 CAS H8   sing N N 101 
E58 CAW H9   sing N N 102 
E58 CAW H10  sing N N 103 
E58 CAW H11  sing N N 104 
GLN N   CA   sing N N 105 
GLN N   H    sing N N 106 
GLN N   H2   sing N N 107 
GLN CA  C    sing N N 108 
GLN CA  CB   sing N N 109 
GLN CA  HA   sing N N 110 
GLN C   O    doub N N 111 
GLN C   OXT  sing N N 112 
GLN CB  CG   sing N N 113 
GLN CB  HB2  sing N N 114 
GLN CB  HB3  sing N N 115 
GLN CG  CD   sing N N 116 
GLN CG  HG2  sing N N 117 
GLN CG  HG3  sing N N 118 
GLN CD  OE1  doub N N 119 
GLN CD  NE2  sing N N 120 
GLN NE2 HE21 sing N N 121 
GLN NE2 HE22 sing N N 122 
GLN OXT HXT  sing N N 123 
GLU N   CA   sing N N 124 
GLU N   H    sing N N 125 
GLU N   H2   sing N N 126 
GLU CA  C    sing N N 127 
GLU CA  CB   sing N N 128 
GLU CA  HA   sing N N 129 
GLU C   O    doub N N 130 
GLU C   OXT  sing N N 131 
GLU CB  CG   sing N N 132 
GLU CB  HB2  sing N N 133 
GLU CB  HB3  sing N N 134 
GLU CG  CD   sing N N 135 
GLU CG  HG2  sing N N 136 
GLU CG  HG3  sing N N 137 
GLU CD  OE1  doub N N 138 
GLU CD  OE2  sing N N 139 
GLU OE2 HE2  sing N N 140 
GLU OXT HXT  sing N N 141 
GLY N   CA   sing N N 142 
GLY N   H    sing N N 143 
GLY N   H2   sing N N 144 
GLY CA  C    sing N N 145 
GLY CA  HA2  sing N N 146 
GLY CA  HA3  sing N N 147 
GLY C   O    doub N N 148 
GLY C   OXT  sing N N 149 
GLY OXT HXT  sing N N 150 
HIS N   CA   sing N N 151 
HIS N   H    sing N N 152 
HIS N   H2   sing N N 153 
HIS CA  C    sing N N 154 
HIS CA  CB   sing N N 155 
HIS CA  HA   sing N N 156 
HIS C   O    doub N N 157 
HIS C   OXT  sing N N 158 
HIS CB  CG   sing N N 159 
HIS CB  HB2  sing N N 160 
HIS CB  HB3  sing N N 161 
HIS CG  ND1  sing Y N 162 
HIS CG  CD2  doub Y N 163 
HIS ND1 CE1  doub Y N 164 
HIS ND1 HD1  sing N N 165 
HIS CD2 NE2  sing Y N 166 
HIS CD2 HD2  sing N N 167 
HIS CE1 NE2  sing Y N 168 
HIS CE1 HE1  sing N N 169 
HIS NE2 HE2  sing N N 170 
HIS OXT HXT  sing N N 171 
HOH O   H1   sing N N 172 
HOH O   H2   sing N N 173 
ILE N   CA   sing N N 174 
ILE N   H    sing N N 175 
ILE N   H2   sing N N 176 
ILE CA  C    sing N N 177 
ILE CA  CB   sing N N 178 
ILE CA  HA   sing N N 179 
ILE C   O    doub N N 180 
ILE C   OXT  sing N N 181 
ILE CB  CG1  sing N N 182 
ILE CB  CG2  sing N N 183 
ILE CB  HB   sing N N 184 
ILE CG1 CD1  sing N N 185 
ILE CG1 HG12 sing N N 186 
ILE CG1 HG13 sing N N 187 
ILE CG2 HG21 sing N N 188 
ILE CG2 HG22 sing N N 189 
ILE CG2 HG23 sing N N 190 
ILE CD1 HD11 sing N N 191 
ILE CD1 HD12 sing N N 192 
ILE CD1 HD13 sing N N 193 
ILE OXT HXT  sing N N 194 
LEU N   CA   sing N N 195 
LEU N   H    sing N N 196 
LEU N   H2   sing N N 197 
LEU CA  C    sing N N 198 
LEU CA  CB   sing N N 199 
LEU CA  HA   sing N N 200 
LEU C   O    doub N N 201 
LEU C   OXT  sing N N 202 
LEU CB  CG   sing N N 203 
LEU CB  HB2  sing N N 204 
LEU CB  HB3  sing N N 205 
LEU CG  CD1  sing N N 206 
LEU CG  CD2  sing N N 207 
LEU CG  HG   sing N N 208 
LEU CD1 HD11 sing N N 209 
LEU CD1 HD12 sing N N 210 
LEU CD1 HD13 sing N N 211 
LEU CD2 HD21 sing N N 212 
LEU CD2 HD22 sing N N 213 
LEU CD2 HD23 sing N N 214 
LEU OXT HXT  sing N N 215 
LYS N   CA   sing N N 216 
LYS N   H    sing N N 217 
LYS N   H2   sing N N 218 
LYS CA  C    sing N N 219 
LYS CA  CB   sing N N 220 
LYS CA  HA   sing N N 221 
LYS C   O    doub N N 222 
LYS C   OXT  sing N N 223 
LYS CB  CG   sing N N 224 
LYS CB  HB2  sing N N 225 
LYS CB  HB3  sing N N 226 
LYS CG  CD   sing N N 227 
LYS CG  HG2  sing N N 228 
LYS CG  HG3  sing N N 229 
LYS CD  CE   sing N N 230 
LYS CD  HD2  sing N N 231 
LYS CD  HD3  sing N N 232 
LYS CE  NZ   sing N N 233 
LYS CE  HE2  sing N N 234 
LYS CE  HE3  sing N N 235 
LYS NZ  HZ1  sing N N 236 
LYS NZ  HZ2  sing N N 237 
LYS NZ  HZ3  sing N N 238 
LYS OXT HXT  sing N N 239 
MET N   CA   sing N N 240 
MET N   H    sing N N 241 
MET N   H2   sing N N 242 
MET CA  C    sing N N 243 
MET CA  CB   sing N N 244 
MET CA  HA   sing N N 245 
MET C   O    doub N N 246 
MET C   OXT  sing N N 247 
MET CB  CG   sing N N 248 
MET CB  HB2  sing N N 249 
MET CB  HB3  sing N N 250 
MET CG  SD   sing N N 251 
MET CG  HG2  sing N N 252 
MET CG  HG3  sing N N 253 
MET SD  CE   sing N N 254 
MET CE  HE1  sing N N 255 
MET CE  HE2  sing N N 256 
MET CE  HE3  sing N N 257 
MET OXT HXT  sing N N 258 
PHE N   CA   sing N N 259 
PHE N   H    sing N N 260 
PHE N   H2   sing N N 261 
PHE CA  C    sing N N 262 
PHE CA  CB   sing N N 263 
PHE CA  HA   sing N N 264 
PHE C   O    doub N N 265 
PHE C   OXT  sing N N 266 
PHE CB  CG   sing N N 267 
PHE CB  HB2  sing N N 268 
PHE CB  HB3  sing N N 269 
PHE CG  CD1  doub Y N 270 
PHE CG  CD2  sing Y N 271 
PHE CD1 CE1  sing Y N 272 
PHE CD1 HD1  sing N N 273 
PHE CD2 CE2  doub Y N 274 
PHE CD2 HD2  sing N N 275 
PHE CE1 CZ   doub Y N 276 
PHE CE1 HE1  sing N N 277 
PHE CE2 CZ   sing Y N 278 
PHE CE2 HE2  sing N N 279 
PHE CZ  HZ   sing N N 280 
PHE OXT HXT  sing N N 281 
PRO N   CA   sing N N 282 
PRO N   CD   sing N N 283 
PRO N   H    sing N N 284 
PRO CA  C    sing N N 285 
PRO CA  CB   sing N N 286 
PRO CA  HA   sing N N 287 
PRO C   O    doub N N 288 
PRO C   OXT  sing N N 289 
PRO CB  CG   sing N N 290 
PRO CB  HB2  sing N N 291 
PRO CB  HB3  sing N N 292 
PRO CG  CD   sing N N 293 
PRO CG  HG2  sing N N 294 
PRO CG  HG3  sing N N 295 
PRO CD  HD2  sing N N 296 
PRO CD  HD3  sing N N 297 
PRO OXT HXT  sing N N 298 
SER N   CA   sing N N 299 
SER N   H    sing N N 300 
SER N   H2   sing N N 301 
SER CA  C    sing N N 302 
SER CA  CB   sing N N 303 
SER CA  HA   sing N N 304 
SER C   O    doub N N 305 
SER C   OXT  sing N N 306 
SER CB  OG   sing N N 307 
SER CB  HB2  sing N N 308 
SER CB  HB3  sing N N 309 
SER OG  HG   sing N N 310 
SER OXT HXT  sing N N 311 
THR N   CA   sing N N 312 
THR N   H    sing N N 313 
THR N   H2   sing N N 314 
THR CA  C    sing N N 315 
THR CA  CB   sing N N 316 
THR CA  HA   sing N N 317 
THR C   O    doub N N 318 
THR C   OXT  sing N N 319 
THR CB  OG1  sing N N 320 
THR CB  CG2  sing N N 321 
THR CB  HB   sing N N 322 
THR OG1 HG1  sing N N 323 
THR CG2 HG21 sing N N 324 
THR CG2 HG22 sing N N 325 
THR CG2 HG23 sing N N 326 
THR OXT HXT  sing N N 327 
TRP N   CA   sing N N 328 
TRP N   H    sing N N 329 
TRP N   H2   sing N N 330 
TRP CA  C    sing N N 331 
TRP CA  CB   sing N N 332 
TRP CA  HA   sing N N 333 
TRP C   O    doub N N 334 
TRP C   OXT  sing N N 335 
TRP CB  CG   sing N N 336 
TRP CB  HB2  sing N N 337 
TRP CB  HB3  sing N N 338 
TRP CG  CD1  doub Y N 339 
TRP CG  CD2  sing Y N 340 
TRP CD1 NE1  sing Y N 341 
TRP CD1 HD1  sing N N 342 
TRP CD2 CE2  doub Y N 343 
TRP CD2 CE3  sing Y N 344 
TRP NE1 CE2  sing Y N 345 
TRP NE1 HE1  sing N N 346 
TRP CE2 CZ2  sing Y N 347 
TRP CE3 CZ3  doub Y N 348 
TRP CE3 HE3  sing N N 349 
TRP CZ2 CH2  doub Y N 350 
TRP CZ2 HZ2  sing N N 351 
TRP CZ3 CH2  sing Y N 352 
TRP CZ3 HZ3  sing N N 353 
TRP CH2 HH2  sing N N 354 
TRP OXT HXT  sing N N 355 
TYR N   CA   sing N N 356 
TYR N   H    sing N N 357 
TYR N   H2   sing N N 358 
TYR CA  C    sing N N 359 
TYR CA  CB   sing N N 360 
TYR CA  HA   sing N N 361 
TYR C   O    doub N N 362 
TYR C   OXT  sing N N 363 
TYR CB  CG   sing N N 364 
TYR CB  HB2  sing N N 365 
TYR CB  HB3  sing N N 366 
TYR CG  CD1  doub Y N 367 
TYR CG  CD2  sing Y N 368 
TYR CD1 CE1  sing Y N 369 
TYR CD1 HD1  sing N N 370 
TYR CD2 CE2  doub Y N 371 
TYR CD2 HD2  sing N N 372 
TYR CE1 CZ   doub Y N 373 
TYR CE1 HE1  sing N N 374 
TYR CE2 CZ   sing Y N 375 
TYR CE2 HE2  sing N N 376 
TYR CZ  OH   sing N N 377 
TYR OH  HH   sing N N 378 
TYR OXT HXT  sing N N 379 
VAL N   CA   sing N N 380 
VAL N   H    sing N N 381 
VAL N   H2   sing N N 382 
VAL CA  C    sing N N 383 
VAL CA  CB   sing N N 384 
VAL CA  HA   sing N N 385 
VAL C   O    doub N N 386 
VAL C   OXT  sing N N 387 
VAL CB  CG1  sing N N 388 
VAL CB  CG2  sing N N 389 
VAL CB  HB   sing N N 390 
VAL CG1 HG11 sing N N 391 
VAL CG1 HG12 sing N N 392 
VAL CG1 HG13 sing N N 393 
VAL CG2 HG21 sing N N 394 
VAL CG2 HG22 sing N N 395 
VAL CG2 HG23 sing N N 396 
VAL OXT HXT  sing N N 397 
# 
_pdbx_audit_support.funding_organization   'Japan Society for the Promotion of Science (JSPS)' 
_pdbx_audit_support.country                Japan 
_pdbx_audit_support.grant_number           21K07050 
_pdbx_audit_support.ordinal                1 
# 
_pdbx_entity_instance_feature.ordinal        1 
_pdbx_entity_instance_feature.comp_id        ZN 
_pdbx_entity_instance_feature.asym_id        ? 
_pdbx_entity_instance_feature.seq_num        ? 
_pdbx_entity_instance_feature.auth_comp_id   ZN 
_pdbx_entity_instance_feature.auth_asym_id   ? 
_pdbx_entity_instance_feature.auth_seq_num   ? 
_pdbx_entity_instance_feature.feature_type   'SUBJECT OF INVESTIGATION' 
_pdbx_entity_instance_feature.details        ? 
# 
loop_
_pdbx_entity_nonpoly.entity_id 
_pdbx_entity_nonpoly.name 
_pdbx_entity_nonpoly.comp_id 
2 'MANGANESE (II) ION'                                              MN  
3 '(2-methoxy-4-methoxycarbonyl-phenyl) 5-nitrofuran-2-carboxylate' E58 
4 'ZINC ION'                                                        ZN  
5 water                                                             HOH 
# 
_pdbx_initial_refinement_model.id               1 
_pdbx_initial_refinement_model.entity_id_list   ? 
_pdbx_initial_refinement_model.type             'experimental model' 
_pdbx_initial_refinement_model.source_name      PDB 
_pdbx_initial_refinement_model.accession_code   3QIN 
_pdbx_initial_refinement_model.details          ? 
# 
_pdbx_struct_assembly_auth_evidence.id                     1 
_pdbx_struct_assembly_auth_evidence.assembly_id            1 
_pdbx_struct_assembly_auth_evidence.experimental_support   'gel filtration' 
_pdbx_struct_assembly_auth_evidence.details                ? 
# 
